data_6JV8
# 
_entry.id   6JV8 
# 
_audit_conform.dict_name       mmcif_pdbx.dic 
_audit_conform.dict_version    5.397 
_audit_conform.dict_location   http://mmcif.pdb.org/dictionaries/ascii/mmcif_pdbx.dic 
# 
loop_
_database_2.database_id 
_database_2.database_code 
_database_2.pdbx_database_accession 
_database_2.pdbx_DOI 
PDB   6JV8         pdb_00006jv8 10.2210/pdb6jv8/pdb 
WWPDB D_1300011827 ?            ?                   
# 
loop_
_pdbx_audit_revision_history.ordinal 
_pdbx_audit_revision_history.data_content_type 
_pdbx_audit_revision_history.major_revision 
_pdbx_audit_revision_history.minor_revision 
_pdbx_audit_revision_history.revision_date 
1 'Structure model' 1 0 2020-04-22 
2 'Structure model' 1 1 2024-10-16 
# 
_pdbx_audit_revision_details.ordinal             1 
_pdbx_audit_revision_details.revision_ordinal    1 
_pdbx_audit_revision_details.data_content_type   'Structure model' 
_pdbx_audit_revision_details.provider            repository 
_pdbx_audit_revision_details.type                'Initial release' 
_pdbx_audit_revision_details.description         ? 
_pdbx_audit_revision_details.details             ? 
# 
loop_
_pdbx_audit_revision_group.ordinal 
_pdbx_audit_revision_group.revision_ordinal 
_pdbx_audit_revision_group.data_content_type 
_pdbx_audit_revision_group.group 
1 2 'Structure model' 'Data collection'     
2 2 'Structure model' 'Database references' 
3 2 'Structure model' 'Structure summary'   
# 
loop_
_pdbx_audit_revision_category.ordinal 
_pdbx_audit_revision_category.revision_ordinal 
_pdbx_audit_revision_category.data_content_type 
_pdbx_audit_revision_category.category 
1 2 'Structure model' chem_comp_atom            
2 2 'Structure model' chem_comp_bond            
3 2 'Structure model' database_2                
4 2 'Structure model' pdbx_entry_details        
5 2 'Structure model' pdbx_modification_feature 
# 
loop_
_pdbx_audit_revision_item.ordinal 
_pdbx_audit_revision_item.revision_ordinal 
_pdbx_audit_revision_item.data_content_type 
_pdbx_audit_revision_item.item 
1 2 'Structure model' '_database_2.pdbx_DOI'                
2 2 'Structure model' '_database_2.pdbx_database_accession' 
# 
_pdbx_database_status.status_code                     REL 
_pdbx_database_status.status_code_sf                  REL 
_pdbx_database_status.status_code_mr                  ? 
_pdbx_database_status.entry_id                        6JV8 
_pdbx_database_status.recvd_initial_deposition_date   2019-04-16 
_pdbx_database_status.SG_entry                        N 
_pdbx_database_status.deposit_site                    PDBJ 
_pdbx_database_status.process_site                    PDBJ 
_pdbx_database_status.status_code_cs                  ? 
_pdbx_database_status.methods_development_category    ? 
_pdbx_database_status.pdb_format_compatible           Y 
_pdbx_database_status.status_code_nmr_data            ? 
# 
_audit_author.name               'Zuo, C.' 
_audit_author.pdbx_ordinal       1 
_audit_author.identifier_ORCID   0000-0001-7665-3356 
# 
_citation.abstract                  ? 
_citation.abstract_id_CAS           ? 
_citation.book_id_ISBN              ? 
_citation.book_publisher            ? 
_citation.book_publisher_city       ? 
_citation.book_title                ? 
_citation.coordinate_linkage        ? 
_citation.country                   ? 
_citation.database_id_Medline       ? 
_citation.details                   ? 
_citation.id                        primary 
_citation.journal_abbrev            'To Be Published' 
_citation.journal_id_ASTM           ? 
_citation.journal_id_CSD            0353 
_citation.journal_id_ISSN           ? 
_citation.journal_full              ? 
_citation.journal_issue             ? 
_citation.journal_volume            ? 
_citation.language                  ? 
_citation.page_first                ? 
_citation.page_last                 ? 
_citation.title                     
'Chimeric protein probes for C5a receptors through fusion of anaphylatoxin C5a core region with a small-molecule antagonist' 
_citation.year                      ? 
_citation.database_id_CSD           ? 
_citation.pdbx_database_id_DOI      ? 
_citation.pdbx_database_id_PubMed   ? 
_citation.unpublished_flag          ? 
# 
_citation_author.citation_id        primary 
_citation_author.name               'Zuo, C.' 
_citation_author.ordinal            1 
_citation_author.identifier_ORCID   0000-0001-7665-3356 
# 
loop_
_entity.id 
_entity.type 
_entity.src_method 
_entity.pdbx_description 
_entity.formula_weight 
_entity.pdbx_number_of_molecules 
_entity.pdbx_ec 
_entity.pdbx_mutation 
_entity.pdbx_fragment 
_entity.details 
1 polymer syn 'Complement C5' 8887.402 1   ? ? ? ? 
2 water   nat water           18.015   145 ? ? ? ? 
# 
_entity_name_com.entity_id   1 
_entity_name_com.name        'anaphylatoxin C5a' 
# 
_entity_poly.entity_id                      1 
_entity_poly.type                           'polypeptide(L)' 
_entity_poly.nstd_linkage                   no 
_entity_poly.nstd_monomer                   no 
_entity_poly.pdbx_seq_one_letter_code       LQLLHQKVEEQAAKYKHRVPKKCCYDGARENKYETCEQRVARVTIGPHCIRAFNECCTIADKIRKESHHKGMLLGR 
_entity_poly.pdbx_seq_one_letter_code_can   LQLLHQKVEEQAAKYKHRVPKKCCYDGARENKYETCEQRVARVTIGPHCIRAFNECCTIADKIRKESHHKGMLLGR 
_entity_poly.pdbx_strand_id                 A 
_entity_poly.pdbx_target_identifier         ? 
# 
_pdbx_entity_nonpoly.entity_id   2 
_pdbx_entity_nonpoly.name        water 
_pdbx_entity_nonpoly.comp_id     HOH 
# 
loop_
_entity_poly_seq.entity_id 
_entity_poly_seq.num 
_entity_poly_seq.mon_id 
_entity_poly_seq.hetero 
1 1  LEU n 
1 2  GLN n 
1 3  LEU n 
1 4  LEU n 
1 5  HIS n 
1 6  GLN n 
1 7  LYS n 
1 8  VAL n 
1 9  GLU n 
1 10 GLU n 
1 11 GLN n 
1 12 ALA n 
1 13 ALA n 
1 14 LYS n 
1 15 TYR n 
1 16 LYS n 
1 17 HIS n 
1 18 ARG n 
1 19 VAL n 
1 20 PRO n 
1 21 LYS n 
1 22 LYS n 
1 23 CYS n 
1 24 CYS n 
1 25 TYR n 
1 26 ASP n 
1 27 GLY n 
1 28 ALA n 
1 29 ARG n 
1 30 GLU n 
1 31 ASN n 
1 32 LYS n 
1 33 TYR n 
1 34 GLU n 
1 35 THR n 
1 36 CYS n 
1 37 GLU n 
1 38 GLN n 
1 39 ARG n 
1 40 VAL n 
1 41 ALA n 
1 42 ARG n 
1 43 VAL n 
1 44 THR n 
1 45 ILE n 
1 46 GLY n 
1 47 PRO n 
1 48 HIS n 
1 49 CYS n 
1 50 ILE n 
1 51 ARG n 
1 52 ALA n 
1 53 PHE n 
1 54 ASN n 
1 55 GLU n 
1 56 CYS n 
1 57 CYS n 
1 58 THR n 
1 59 ILE n 
1 60 ALA n 
1 61 ASP n 
1 62 LYS n 
1 63 ILE n 
1 64 ARG n 
1 65 LYS n 
1 66 GLU n 
1 67 SER n 
1 68 HIS n 
1 69 HIS n 
1 70 LYS n 
1 71 GLY n 
1 72 MET n 
1 73 LEU n 
1 74 LEU n 
1 75 GLY n 
1 76 ARG n 
# 
_pdbx_entity_src_syn.entity_id              1 
_pdbx_entity_src_syn.pdbx_src_id            1 
_pdbx_entity_src_syn.pdbx_alt_source_flag   sample 
_pdbx_entity_src_syn.pdbx_beg_seq_num       1 
_pdbx_entity_src_syn.pdbx_end_seq_num       76 
_pdbx_entity_src_syn.organism_scientific    'Rattus norvegicus' 
_pdbx_entity_src_syn.organism_common_name   Rat 
_pdbx_entity_src_syn.ncbi_taxonomy_id       10116 
_pdbx_entity_src_syn.details                ? 
# 
loop_
_chem_comp.id 
_chem_comp.type 
_chem_comp.mon_nstd_flag 
_chem_comp.name 
_chem_comp.pdbx_synonyms 
_chem_comp.formula 
_chem_comp.formula_weight 
ALA 'L-peptide linking' y ALANINE         ? 'C3 H7 N O2'     89.093  
ARG 'L-peptide linking' y ARGININE        ? 'C6 H15 N4 O2 1' 175.209 
ASN 'L-peptide linking' y ASPARAGINE      ? 'C4 H8 N2 O3'    132.118 
ASP 'L-peptide linking' y 'ASPARTIC ACID' ? 'C4 H7 N O4'     133.103 
CYS 'L-peptide linking' y CYSTEINE        ? 'C3 H7 N O2 S'   121.158 
GLN 'L-peptide linking' y GLUTAMINE       ? 'C5 H10 N2 O3'   146.144 
GLU 'L-peptide linking' y 'GLUTAMIC ACID' ? 'C5 H9 N O4'     147.129 
GLY 'peptide linking'   y GLYCINE         ? 'C2 H5 N O2'     75.067  
HIS 'L-peptide linking' y HISTIDINE       ? 'C6 H10 N3 O2 1' 156.162 
HOH non-polymer         . WATER           ? 'H2 O'           18.015  
ILE 'L-peptide linking' y ISOLEUCINE      ? 'C6 H13 N O2'    131.173 
LEU 'L-peptide linking' y LEUCINE         ? 'C6 H13 N O2'    131.173 
LYS 'L-peptide linking' y LYSINE          ? 'C6 H15 N2 O2 1' 147.195 
MET 'L-peptide linking' y METHIONINE      ? 'C5 H11 N O2 S'  149.211 
PHE 'L-peptide linking' y PHENYLALANINE   ? 'C9 H11 N O2'    165.189 
PRO 'L-peptide linking' y PROLINE         ? 'C5 H9 N O2'     115.130 
SER 'L-peptide linking' y SERINE          ? 'C3 H7 N O3'     105.093 
THR 'L-peptide linking' y THREONINE       ? 'C4 H9 N O3'     119.119 
TYR 'L-peptide linking' y TYROSINE        ? 'C9 H11 N O3'    181.189 
VAL 'L-peptide linking' y VALINE          ? 'C5 H11 N O2'    117.146 
# 
loop_
_pdbx_poly_seq_scheme.asym_id 
_pdbx_poly_seq_scheme.entity_id 
_pdbx_poly_seq_scheme.seq_id 
_pdbx_poly_seq_scheme.mon_id 
_pdbx_poly_seq_scheme.ndb_seq_num 
_pdbx_poly_seq_scheme.pdb_seq_num 
_pdbx_poly_seq_scheme.auth_seq_num 
_pdbx_poly_seq_scheme.pdb_mon_id 
_pdbx_poly_seq_scheme.auth_mon_id 
_pdbx_poly_seq_scheme.pdb_strand_id 
_pdbx_poly_seq_scheme.pdb_ins_code 
_pdbx_poly_seq_scheme.hetero 
A 1 1  LEU 1  2  2  LEU LEU A . n 
A 1 2  GLN 2  3  3  GLN GLN A . n 
A 1 3  LEU 3  4  4  LEU LEU A . n 
A 1 4  LEU 4  5  5  LEU LEU A . n 
A 1 5  HIS 5  6  6  HIS HIS A . n 
A 1 6  GLN 6  7  7  GLN GLN A . n 
A 1 7  LYS 7  8  8  LYS LYS A . n 
A 1 8  VAL 8  9  9  VAL VAL A . n 
A 1 9  GLU 9  10 10 GLU GLU A . n 
A 1 10 GLU 10 11 11 GLU GLU A . n 
A 1 11 GLN 11 12 12 GLN GLN A . n 
A 1 12 ALA 12 13 13 ALA ALA A . n 
A 1 13 ALA 13 14 14 ALA ALA A . n 
A 1 14 LYS 14 15 15 LYS LYS A . n 
A 1 15 TYR 15 16 16 TYR TYR A . n 
A 1 16 LYS 16 17 17 LYS LYS A . n 
A 1 17 HIS 17 18 18 HIS HIS A . n 
A 1 18 ARG 18 19 19 ARG ARG A . n 
A 1 19 VAL 19 20 20 VAL VAL A . n 
A 1 20 PRO 20 21 21 PRO PRO A . n 
A 1 21 LYS 21 22 22 LYS LYS A . n 
A 1 22 LYS 22 23 23 LYS LYS A . n 
A 1 23 CYS 23 24 24 CYS CYS A . n 
A 1 24 CYS 24 25 25 CYS CYS A . n 
A 1 25 TYR 25 26 26 TYR TYR A . n 
A 1 26 ASP 26 27 27 ASP ASP A . n 
A 1 27 GLY 27 28 28 GLY GLY A . n 
A 1 28 ALA 28 29 29 ALA ALA A . n 
A 1 29 ARG 29 30 30 ARG ARG A . n 
A 1 30 GLU 30 31 31 GLU GLU A . n 
A 1 31 ASN 31 32 32 ASN ASN A . n 
A 1 32 LYS 32 33 33 LYS LYS A . n 
A 1 33 TYR 33 34 34 TYR TYR A . n 
A 1 34 GLU 34 35 35 GLU GLU A . n 
A 1 35 THR 35 36 36 THR THR A . n 
A 1 36 CYS 36 37 37 CYS CYS A . n 
A 1 37 GLU 37 38 38 GLU GLU A . n 
A 1 38 GLN 38 39 39 GLN GLN A . n 
A 1 39 ARG 39 40 40 ARG ARG A . n 
A 1 40 VAL 40 41 41 VAL VAL A . n 
A 1 41 ALA 41 42 42 ALA ALA A . n 
A 1 42 ARG 42 43 43 ARG ARG A . n 
A 1 43 VAL 43 44 44 VAL VAL A . n 
A 1 44 THR 44 45 45 THR THR A . n 
A 1 45 ILE 45 46 46 ILE ILE A . n 
A 1 46 GLY 46 47 47 GLY GLY A . n 
A 1 47 PRO 47 48 48 PRO PRO A . n 
A 1 48 HIS 48 49 49 HIS HIS A . n 
A 1 49 CYS 49 50 50 CYS CYS A . n 
A 1 50 ILE 50 51 51 ILE ILE A . n 
A 1 51 ARG 51 52 52 ARG ARG A . n 
A 1 52 ALA 52 53 53 ALA ALA A . n 
A 1 53 PHE 53 54 54 PHE PHE A . n 
A 1 54 ASN 54 55 55 ASN ASN A . n 
A 1 55 GLU 55 56 56 GLU GLU A . n 
A 1 56 CYS 56 57 57 CYS CYS A . n 
A 1 57 CYS 57 58 58 CYS CYS A . n 
A 1 58 THR 58 59 59 THR THR A . n 
A 1 59 ILE 59 60 60 ILE ILE A . n 
A 1 60 ALA 60 61 61 ALA ALA A . n 
A 1 61 ASP 61 62 62 ASP ASP A . n 
A 1 62 LYS 62 63 63 LYS LYS A . n 
A 1 63 ILE 63 64 64 ILE ILE A . n 
A 1 64 ARG 64 65 65 ARG ARG A . n 
A 1 65 LYS 65 66 66 LYS LYS A . n 
A 1 66 GLU 66 67 67 GLU GLU A . n 
A 1 67 SER 67 68 68 SER SER A . n 
A 1 68 HIS 68 69 69 HIS HIS A . n 
A 1 69 HIS 69 70 70 HIS HIS A . n 
A 1 70 LYS 70 71 71 LYS ALA A . n 
A 1 71 GLY 71 72 72 GLY GLY A . n 
A 1 72 MET 72 73 73 MET MET A . n 
A 1 73 LEU 73 74 74 LEU LEU A . n 
A 1 74 LEU 74 75 75 LEU LEU A . n 
A 1 75 GLY 75 76 76 GLY GLY A . n 
A 1 76 ARG 76 77 77 ARG ARG A . n 
# 
loop_
_pdbx_nonpoly_scheme.asym_id 
_pdbx_nonpoly_scheme.entity_id 
_pdbx_nonpoly_scheme.mon_id 
_pdbx_nonpoly_scheme.ndb_seq_num 
_pdbx_nonpoly_scheme.pdb_seq_num 
_pdbx_nonpoly_scheme.auth_seq_num 
_pdbx_nonpoly_scheme.pdb_mon_id 
_pdbx_nonpoly_scheme.auth_mon_id 
_pdbx_nonpoly_scheme.pdb_strand_id 
_pdbx_nonpoly_scheme.pdb_ins_code 
B 2 HOH 1   101 92  HOH HOH A . 
B 2 HOH 2   102 54  HOH HOH A . 
B 2 HOH 3   103 123 HOH HOH A . 
B 2 HOH 4   104 49  HOH HOH A . 
B 2 HOH 5   105 87  HOH HOH A . 
B 2 HOH 6   106 85  HOH HOH A . 
B 2 HOH 7   107 83  HOH HOH A . 
B 2 HOH 8   108 136 HOH HOH A . 
B 2 HOH 9   109 113 HOH HOH A . 
B 2 HOH 10  110 79  HOH HOH A . 
B 2 HOH 11  111 38  HOH HOH A . 
B 2 HOH 12  112 4   HOH HOH A . 
B 2 HOH 13  113 97  HOH HOH A . 
B 2 HOH 14  114 21  HOH HOH A . 
B 2 HOH 15  115 67  HOH HOH A . 
B 2 HOH 16  116 62  HOH HOH A . 
B 2 HOH 17  117 44  HOH HOH A . 
B 2 HOH 18  118 41  HOH HOH A . 
B 2 HOH 19  119 32  HOH HOH A . 
B 2 HOH 20  120 57  HOH HOH A . 
B 2 HOH 21  121 31  HOH HOH A . 
B 2 HOH 22  122 63  HOH HOH A . 
B 2 HOH 23  123 47  HOH HOH A . 
B 2 HOH 24  124 43  HOH HOH A . 
B 2 HOH 25  125 11  HOH HOH A . 
B 2 HOH 26  126 23  HOH HOH A . 
B 2 HOH 27  127 17  HOH HOH A . 
B 2 HOH 28  128 13  HOH HOH A . 
B 2 HOH 29  129 14  HOH HOH A . 
B 2 HOH 30  130 100 HOH HOH A . 
B 2 HOH 31  131 51  HOH HOH A . 
B 2 HOH 32  132 3   HOH HOH A . 
B 2 HOH 33  133 1   HOH HOH A . 
B 2 HOH 34  134 22  HOH HOH A . 
B 2 HOH 35  135 19  HOH HOH A . 
B 2 HOH 36  136 134 HOH HOH A . 
B 2 HOH 37  137 2   HOH HOH A . 
B 2 HOH 38  138 74  HOH HOH A . 
B 2 HOH 39  139 125 HOH HOH A . 
B 2 HOH 40  140 86  HOH HOH A . 
B 2 HOH 41  141 27  HOH HOH A . 
B 2 HOH 42  142 116 HOH HOH A . 
B 2 HOH 43  143 15  HOH HOH A . 
B 2 HOH 44  144 5   HOH HOH A . 
B 2 HOH 45  145 35  HOH HOH A . 
B 2 HOH 46  146 118 HOH HOH A . 
B 2 HOH 47  147 73  HOH HOH A . 
B 2 HOH 48  148 34  HOH HOH A . 
B 2 HOH 49  149 28  HOH HOH A . 
B 2 HOH 50  150 7   HOH HOH A . 
B 2 HOH 51  151 112 HOH HOH A . 
B 2 HOH 52  152 104 HOH HOH A . 
B 2 HOH 53  153 94  HOH HOH A . 
B 2 HOH 54  154 36  HOH HOH A . 
B 2 HOH 55  155 18  HOH HOH A . 
B 2 HOH 56  156 12  HOH HOH A . 
B 2 HOH 57  157 65  HOH HOH A . 
B 2 HOH 58  158 68  HOH HOH A . 
B 2 HOH 59  159 122 HOH HOH A . 
B 2 HOH 60  160 8   HOH HOH A . 
B 2 HOH 61  161 33  HOH HOH A . 
B 2 HOH 62  162 26  HOH HOH A . 
B 2 HOH 63  163 72  HOH HOH A . 
B 2 HOH 64  164 64  HOH HOH A . 
B 2 HOH 65  165 105 HOH HOH A . 
B 2 HOH 66  166 131 HOH HOH A . 
B 2 HOH 67  167 82  HOH HOH A . 
B 2 HOH 68  168 110 HOH HOH A . 
B 2 HOH 69  169 46  HOH HOH A . 
B 2 HOH 70  170 132 HOH HOH A . 
B 2 HOH 71  171 24  HOH HOH A . 
B 2 HOH 72  172 10  HOH HOH A . 
B 2 HOH 73  173 40  HOH HOH A . 
B 2 HOH 74  174 6   HOH HOH A . 
B 2 HOH 75  175 20  HOH HOH A . 
B 2 HOH 76  176 102 HOH HOH A . 
B 2 HOH 77  177 9   HOH HOH A . 
B 2 HOH 78  178 71  HOH HOH A . 
B 2 HOH 79  179 25  HOH HOH A . 
B 2 HOH 80  180 70  HOH HOH A . 
B 2 HOH 81  181 52  HOH HOH A . 
B 2 HOH 82  182 96  HOH HOH A . 
B 2 HOH 83  183 56  HOH HOH A . 
B 2 HOH 84  184 80  HOH HOH A . 
B 2 HOH 85  185 53  HOH HOH A . 
B 2 HOH 86  186 45  HOH HOH A . 
B 2 HOH 87  187 128 HOH HOH A . 
B 2 HOH 88  188 130 HOH HOH A . 
B 2 HOH 89  189 30  HOH HOH A . 
B 2 HOH 90  190 88  HOH HOH A . 
B 2 HOH 91  191 139 HOH HOH A . 
B 2 HOH 92  192 140 HOH HOH A . 
B 2 HOH 93  193 120 HOH HOH A . 
B 2 HOH 94  194 145 HOH HOH A . 
B 2 HOH 95  195 103 HOH HOH A . 
B 2 HOH 96  196 91  HOH HOH A . 
B 2 HOH 97  197 93  HOH HOH A . 
B 2 HOH 98  198 58  HOH HOH A . 
B 2 HOH 99  199 48  HOH HOH A . 
B 2 HOH 100 200 89  HOH HOH A . 
B 2 HOH 101 201 117 HOH HOH A . 
B 2 HOH 102 202 16  HOH HOH A . 
B 2 HOH 103 203 90  HOH HOH A . 
B 2 HOH 104 204 29  HOH HOH A . 
B 2 HOH 105 205 133 HOH HOH A . 
B 2 HOH 106 206 60  HOH HOH A . 
B 2 HOH 107 207 81  HOH HOH A . 
B 2 HOH 108 208 114 HOH HOH A . 
B 2 HOH 109 209 135 HOH HOH A . 
B 2 HOH 110 210 141 HOH HOH A . 
B 2 HOH 111 211 37  HOH HOH A . 
B 2 HOH 112 212 143 HOH HOH A . 
B 2 HOH 113 213 106 HOH HOH A . 
B 2 HOH 114 214 137 HOH HOH A . 
B 2 HOH 115 215 42  HOH HOH A . 
B 2 HOH 116 216 75  HOH HOH A . 
B 2 HOH 117 217 69  HOH HOH A . 
B 2 HOH 118 218 61  HOH HOH A . 
B 2 HOH 119 219 124 HOH HOH A . 
B 2 HOH 120 220 77  HOH HOH A . 
B 2 HOH 121 221 59  HOH HOH A . 
B 2 HOH 122 222 111 HOH HOH A . 
B 2 HOH 123 223 98  HOH HOH A . 
B 2 HOH 124 224 129 HOH HOH A . 
B 2 HOH 125 225 126 HOH HOH A . 
B 2 HOH 126 226 107 HOH HOH A . 
B 2 HOH 127 227 78  HOH HOH A . 
B 2 HOH 128 228 50  HOH HOH A . 
B 2 HOH 129 229 115 HOH HOH A . 
B 2 HOH 130 230 95  HOH HOH A . 
B 2 HOH 131 231 108 HOH HOH A . 
B 2 HOH 132 232 76  HOH HOH A . 
B 2 HOH 133 233 84  HOH HOH A . 
B 2 HOH 134 234 144 HOH HOH A . 
B 2 HOH 135 235 66  HOH HOH A . 
B 2 HOH 136 236 55  HOH HOH A . 
B 2 HOH 137 237 138 HOH HOH A . 
B 2 HOH 138 238 109 HOH HOH A . 
B 2 HOH 139 239 127 HOH HOH A . 
B 2 HOH 140 240 99  HOH HOH A . 
B 2 HOH 141 241 119 HOH HOH A . 
B 2 HOH 142 242 39  HOH HOH A . 
B 2 HOH 143 243 121 HOH HOH A . 
B 2 HOH 144 244 142 HOH HOH A . 
B 2 HOH 145 245 101 HOH HOH A . 
# 
loop_
_pdbx_unobs_or_zero_occ_atoms.id 
_pdbx_unobs_or_zero_occ_atoms.PDB_model_num 
_pdbx_unobs_or_zero_occ_atoms.polymer_flag 
_pdbx_unobs_or_zero_occ_atoms.occupancy_flag 
_pdbx_unobs_or_zero_occ_atoms.auth_asym_id 
_pdbx_unobs_or_zero_occ_atoms.auth_comp_id 
_pdbx_unobs_or_zero_occ_atoms.auth_seq_id 
_pdbx_unobs_or_zero_occ_atoms.PDB_ins_code 
_pdbx_unobs_or_zero_occ_atoms.auth_atom_id 
_pdbx_unobs_or_zero_occ_atoms.label_alt_id 
_pdbx_unobs_or_zero_occ_atoms.label_asym_id 
_pdbx_unobs_or_zero_occ_atoms.label_comp_id 
_pdbx_unobs_or_zero_occ_atoms.label_seq_id 
_pdbx_unobs_or_zero_occ_atoms.label_atom_id 
1 1 Y 1 A LYS 71 ? CG ? A LYS 70 CG 
2 1 Y 1 A LYS 71 ? CD ? A LYS 70 CD 
3 1 Y 1 A LYS 71 ? CE ? A LYS 70 CE 
4 1 Y 1 A LYS 71 ? NZ ? A LYS 70 NZ 
# 
loop_
_software.citation_id 
_software.classification 
_software.compiler_name 
_software.compiler_version 
_software.contact_author 
_software.contact_author_email 
_software.date 
_software.description 
_software.dependencies 
_software.hardware 
_software.language 
_software.location 
_software.mods 
_software.name 
_software.os 
_software.os_version 
_software.type 
_software.version 
_software.pdbx_ordinal 
? refinement       ? ? ? ? ? ? ? ? ? ? ? PHENIX   ? ? ? '(1.10.1_2155: ???)' 1 
? 'data reduction' ? ? ? ? ? ? ? ? ? ? ? HKL-3000 ? ? ? .                    2 
? 'data scaling'   ? ? ? ? ? ? ? ? ? ? ? HKL-3000 ? ? ? .                    3 
? phasing          ? ? ? ? ? ? ? ? ? ? ? PHENIX   ? ? ? .                    4 
# 
_cell.angle_alpha                  90.39 
_cell.angle_alpha_esd              ? 
_cell.angle_beta                   105.09 
_cell.angle_beta_esd               ? 
_cell.angle_gamma                  95.77 
_cell.angle_gamma_esd              ? 
_cell.entry_id                     6JV8 
_cell.details                      ? 
_cell.formula_units_Z              ? 
_cell.length_a                     26.250 
_cell.length_a_esd                 ? 
_cell.length_b                     36.870 
_cell.length_b_esd                 ? 
_cell.length_c                     41.490 
_cell.length_c_esd                 ? 
_cell.volume                       ? 
_cell.volume_esd                   ? 
_cell.Z_PDB                        2 
_cell.reciprocal_angle_alpha       ? 
_cell.reciprocal_angle_beta        ? 
_cell.reciprocal_angle_gamma       ? 
_cell.reciprocal_angle_alpha_esd   ? 
_cell.reciprocal_angle_beta_esd    ? 
_cell.reciprocal_angle_gamma_esd   ? 
_cell.reciprocal_length_a          ? 
_cell.reciprocal_length_b          ? 
_cell.reciprocal_length_c          ? 
_cell.reciprocal_length_a_esd      ? 
_cell.reciprocal_length_b_esd      ? 
_cell.reciprocal_length_c_esd      ? 
_cell.pdbx_unique_axis             ? 
# 
_symmetry.entry_id                         6JV8 
_symmetry.cell_setting                     ? 
_symmetry.Int_Tables_number                2 
_symmetry.space_group_name_Hall            ? 
_symmetry.space_group_name_H-M             'P -1' 
_symmetry.pdbx_full_space_group_name_H-M   ? 
# 
_exptl.absorpt_coefficient_mu     ? 
_exptl.absorpt_correction_T_max   ? 
_exptl.absorpt_correction_T_min   ? 
_exptl.absorpt_correction_type    ? 
_exptl.absorpt_process_details    ? 
_exptl.entry_id                   6JV8 
_exptl.crystals_number            1 
_exptl.details                    ? 
_exptl.method                     'X-RAY DIFFRACTION' 
_exptl.method_details             ? 
# 
_exptl_crystal.colour                      ? 
_exptl_crystal.density_diffrn              ? 
_exptl_crystal.density_Matthews            2.17 
_exptl_crystal.density_method              ? 
_exptl_crystal.density_percent_sol         43.29 
_exptl_crystal.description                 ? 
_exptl_crystal.F_000                       ? 
_exptl_crystal.id                          1 
_exptl_crystal.preparation                 ? 
_exptl_crystal.size_max                    ? 
_exptl_crystal.size_mid                    ? 
_exptl_crystal.size_min                    ? 
_exptl_crystal.size_rad                    ? 
_exptl_crystal.colour_lustre               ? 
_exptl_crystal.colour_modifier             ? 
_exptl_crystal.colour_primary              ? 
_exptl_crystal.density_meas                ? 
_exptl_crystal.density_meas_esd            ? 
_exptl_crystal.density_meas_gt             ? 
_exptl_crystal.density_meas_lt             ? 
_exptl_crystal.density_meas_temp           ? 
_exptl_crystal.density_meas_temp_esd       ? 
_exptl_crystal.density_meas_temp_gt        ? 
_exptl_crystal.density_meas_temp_lt        ? 
_exptl_crystal.pdbx_crystal_image_url      ? 
_exptl_crystal.pdbx_crystal_image_format   ? 
_exptl_crystal.pdbx_mosaicity              ? 
_exptl_crystal.pdbx_mosaicity_esd          ? 
# 
_exptl_crystal_grow.apparatus       ? 
_exptl_crystal_grow.atmosphere      ? 
_exptl_crystal_grow.crystal_id      1 
_exptl_crystal_grow.details         ? 
_exptl_crystal_grow.method          'VAPOR DIFFUSION, SITTING DROP' 
_exptl_crystal_grow.method_ref      ? 
_exptl_crystal_grow.pH              ? 
_exptl_crystal_grow.pressure        ? 
_exptl_crystal_grow.pressure_esd    ? 
_exptl_crystal_grow.seeding         ? 
_exptl_crystal_grow.seeding_ref     ? 
_exptl_crystal_grow.temp            291.15 
_exptl_crystal_grow.temp_details    ? 
_exptl_crystal_grow.temp_esd        ? 
_exptl_crystal_grow.time            ? 
_exptl_crystal_grow.pdbx_details    '0.02M CaCl2, 0.02M CdCl2, 0.02M CoCl2, 20% w/v polyethylene glycol 3350' 
_exptl_crystal_grow.pdbx_pH_range   ? 
# 
_diffrn.ambient_environment              ? 
_diffrn.ambient_temp                     100 
_diffrn.ambient_temp_details             ? 
_diffrn.ambient_temp_esd                 ? 
_diffrn.crystal_id                       1 
_diffrn.crystal_support                  ? 
_diffrn.crystal_treatment                ? 
_diffrn.details                          ? 
_diffrn.id                               1 
_diffrn.ambient_pressure                 ? 
_diffrn.ambient_pressure_esd             ? 
_diffrn.ambient_pressure_gt              ? 
_diffrn.ambient_pressure_lt              ? 
_diffrn.ambient_temp_gt                  ? 
_diffrn.ambient_temp_lt                  ? 
_diffrn.pdbx_serial_crystal_experiment   N 
# 
_diffrn_detector.details                      ? 
_diffrn_detector.detector                     PIXEL 
_diffrn_detector.diffrn_id                    1 
_diffrn_detector.type                         'DECTRIS PILATUS 200K' 
_diffrn_detector.area_resol_mean              ? 
_diffrn_detector.dtime                        ? 
_diffrn_detector.pdbx_frames_total            ? 
_diffrn_detector.pdbx_collection_time_total   ? 
_diffrn_detector.pdbx_collection_date         2016-07-25 
_diffrn_detector.pdbx_frequency               ? 
# 
_diffrn_radiation.collimation                      ? 
_diffrn_radiation.diffrn_id                        1 
_diffrn_radiation.filter_edge                      ? 
_diffrn_radiation.inhomogeneity                    ? 
_diffrn_radiation.monochromator                    ? 
_diffrn_radiation.polarisn_norm                    ? 
_diffrn_radiation.polarisn_ratio                   ? 
_diffrn_radiation.probe                            ? 
_diffrn_radiation.type                             ? 
_diffrn_radiation.xray_symbol                      ? 
_diffrn_radiation.wavelength_id                    1 
_diffrn_radiation.pdbx_monochromatic_or_laue_m_l   M 
_diffrn_radiation.pdbx_wavelength_list             ? 
_diffrn_radiation.pdbx_wavelength                  ? 
_diffrn_radiation.pdbx_diffrn_protocol             'SINGLE WAVELENGTH' 
_diffrn_radiation.pdbx_analyzer                    ? 
_diffrn_radiation.pdbx_scattering_type             x-ray 
# 
_diffrn_radiation_wavelength.id           1 
_diffrn_radiation_wavelength.wavelength   1.54 
_diffrn_radiation_wavelength.wt           1.0 
# 
_diffrn_source.current                     ? 
_diffrn_source.details                     ? 
_diffrn_source.diffrn_id                   1 
_diffrn_source.power                       ? 
_diffrn_source.size                        ? 
_diffrn_source.source                      'ROTATING ANODE' 
_diffrn_source.target                      ? 
_diffrn_source.type                        'RIGAKU MICROMAX-007 HF' 
_diffrn_source.voltage                     ? 
_diffrn_source.take-off_angle              ? 
_diffrn_source.pdbx_wavelength_list        1.54 
_diffrn_source.pdbx_wavelength             ? 
_diffrn_source.pdbx_synchrotron_beamline   ? 
_diffrn_source.pdbx_synchrotron_site       ? 
# 
_reflns.B_iso_Wilson_estimate            ? 
_reflns.entry_id                         6JV8 
_reflns.data_reduction_details           ? 
_reflns.data_reduction_method            ? 
_reflns.d_resolution_high                1.582 
_reflns.d_resolution_low                 50 
_reflns.details                          ? 
_reflns.limit_h_max                      ? 
_reflns.limit_h_min                      ? 
_reflns.limit_k_max                      ? 
_reflns.limit_k_min                      ? 
_reflns.limit_l_max                      ? 
_reflns.limit_l_min                      ? 
_reflns.number_all                       ? 
_reflns.number_obs                       13647 
_reflns.observed_criterion               ? 
_reflns.observed_criterion_F_max         ? 
_reflns.observed_criterion_F_min         ? 
_reflns.observed_criterion_I_max         ? 
_reflns.observed_criterion_I_min         ? 
_reflns.observed_criterion_sigma_F       ? 
_reflns.observed_criterion_sigma_I       ? 
_reflns.percent_possible_obs             89 
_reflns.R_free_details                   ? 
_reflns.Rmerge_F_all                     ? 
_reflns.Rmerge_F_obs                     ? 
_reflns.Friedel_coverage                 ? 
_reflns.number_gt                        ? 
_reflns.threshold_expression             ? 
_reflns.pdbx_redundancy                  1.1 
_reflns.pdbx_Rmerge_I_obs                ? 
_reflns.pdbx_Rmerge_I_all                ? 
_reflns.pdbx_Rsym_value                  ? 
_reflns.pdbx_netI_over_av_sigmaI         ? 
_reflns.pdbx_netI_over_sigmaI            11 
_reflns.pdbx_res_netI_over_av_sigmaI_2   ? 
_reflns.pdbx_res_netI_over_sigmaI_2      ? 
_reflns.pdbx_chi_squared                 ? 
_reflns.pdbx_scaling_rejects             ? 
_reflns.pdbx_d_res_high_opt              ? 
_reflns.pdbx_d_res_low_opt               ? 
_reflns.pdbx_d_res_opt_method            ? 
_reflns.phase_calculation_details        ? 
_reflns.pdbx_Rrim_I_all                  ? 
_reflns.pdbx_Rpim_I_all                  ? 
_reflns.pdbx_d_opt                       ? 
_reflns.pdbx_number_measured_all         ? 
_reflns.pdbx_diffrn_id                   1 
_reflns.pdbx_ordinal                     1 
_reflns.pdbx_CC_half                     ? 
_reflns.pdbx_R_split                     ? 
# 
_reflns_shell.d_res_high                  1.582 
_reflns_shell.d_res_low                   1.85 
_reflns_shell.meanI_over_sigI_all         ? 
_reflns_shell.meanI_over_sigI_obs         ? 
_reflns_shell.number_measured_all         ? 
_reflns_shell.number_measured_obs         ? 
_reflns_shell.number_possible             ? 
_reflns_shell.number_unique_all           ? 
_reflns_shell.number_unique_obs           ? 
_reflns_shell.percent_possible_all        ? 
_reflns_shell.percent_possible_obs        ? 
_reflns_shell.Rmerge_F_all                ? 
_reflns_shell.Rmerge_F_obs                ? 
_reflns_shell.Rmerge_I_all                ? 
_reflns_shell.Rmerge_I_obs                ? 
_reflns_shell.meanI_over_sigI_gt          ? 
_reflns_shell.meanI_over_uI_all           ? 
_reflns_shell.meanI_over_uI_gt            ? 
_reflns_shell.number_measured_gt          ? 
_reflns_shell.number_unique_gt            ? 
_reflns_shell.percent_possible_gt         ? 
_reflns_shell.Rmerge_F_gt                 ? 
_reflns_shell.Rmerge_I_gt                 ? 
_reflns_shell.pdbx_redundancy             ? 
_reflns_shell.pdbx_Rsym_value             ? 
_reflns_shell.pdbx_chi_squared            ? 
_reflns_shell.pdbx_netI_over_sigmaI_all   ? 
_reflns_shell.pdbx_netI_over_sigmaI_obs   ? 
_reflns_shell.pdbx_Rrim_I_all             ? 
_reflns_shell.pdbx_Rpim_I_all             ? 
_reflns_shell.pdbx_rejects                ? 
_reflns_shell.pdbx_ordinal                1 
_reflns_shell.pdbx_diffrn_id              1 
_reflns_shell.pdbx_CC_half                ? 
_reflns_shell.pdbx_R_split                ? 
# 
_refine.aniso_B[1][1]                            ? 
_refine.aniso_B[1][2]                            ? 
_refine.aniso_B[1][3]                            ? 
_refine.aniso_B[2][2]                            ? 
_refine.aniso_B[2][3]                            ? 
_refine.aniso_B[3][3]                            ? 
_refine.B_iso_max                                ? 
_refine.B_iso_mean                               ? 
_refine.B_iso_min                                ? 
_refine.correlation_coeff_Fo_to_Fc               ? 
_refine.correlation_coeff_Fo_to_Fc_free          ? 
_refine.details                                  ? 
_refine.diff_density_max                         ? 
_refine.diff_density_max_esd                     ? 
_refine.diff_density_min                         ? 
_refine.diff_density_min_esd                     ? 
_refine.diff_density_rms                         ? 
_refine.diff_density_rms_esd                     ? 
_refine.entry_id                                 6JV8 
_refine.pdbx_refine_id                           'X-RAY DIFFRACTION' 
_refine.ls_abs_structure_details                 ? 
_refine.ls_abs_structure_Flack                   ? 
_refine.ls_abs_structure_Flack_esd               ? 
_refine.ls_abs_structure_Rogers                  ? 
_refine.ls_abs_structure_Rogers_esd              ? 
_refine.ls_d_res_high                            1.582 
_refine.ls_d_res_low                             25.202 
_refine.ls_extinction_coef                       ? 
_refine.ls_extinction_coef_esd                   ? 
_refine.ls_extinction_expression                 ? 
_refine.ls_extinction_method                     ? 
_refine.ls_goodness_of_fit_all                   ? 
_refine.ls_goodness_of_fit_all_esd               ? 
_refine.ls_goodness_of_fit_obs                   ? 
_refine.ls_goodness_of_fit_obs_esd               ? 
_refine.ls_hydrogen_treatment                    ? 
_refine.ls_matrix_type                           ? 
_refine.ls_number_constraints                    ? 
_refine.ls_number_parameters                     ? 
_refine.ls_number_reflns_all                     ? 
_refine.ls_number_reflns_obs                     13647 
_refine.ls_number_reflns_R_free                  740 
_refine.ls_number_reflns_R_work                  ? 
_refine.ls_number_restraints                     ? 
_refine.ls_percent_reflns_obs                    66.88 
_refine.ls_percent_reflns_R_free                 5.42 
_refine.ls_R_factor_all                          ? 
_refine.ls_R_factor_obs                          0.2314 
_refine.ls_R_factor_R_free                       0.2736 
_refine.ls_R_factor_R_free_error                 ? 
_refine.ls_R_factor_R_free_error_details         ? 
_refine.ls_R_factor_R_work                       0.2290 
_refine.ls_R_Fsqd_factor_obs                     ? 
_refine.ls_R_I_factor_obs                        ? 
_refine.ls_redundancy_reflns_all                 ? 
_refine.ls_redundancy_reflns_obs                 ? 
_refine.ls_restrained_S_all                      ? 
_refine.ls_restrained_S_obs                      ? 
_refine.ls_shift_over_esd_max                    ? 
_refine.ls_shift_over_esd_mean                   ? 
_refine.ls_structure_factor_coef                 ? 
_refine.ls_weighting_details                     ? 
_refine.ls_weighting_scheme                      ? 
_refine.ls_wR_factor_all                         ? 
_refine.ls_wR_factor_obs                         ? 
_refine.ls_wR_factor_R_free                      ? 
_refine.ls_wR_factor_R_work                      ? 
_refine.occupancy_max                            ? 
_refine.occupancy_min                            ? 
_refine.solvent_model_details                    ? 
_refine.solvent_model_param_bsol                 ? 
_refine.solvent_model_param_ksol                 ? 
_refine.ls_R_factor_gt                           ? 
_refine.ls_goodness_of_fit_gt                    ? 
_refine.ls_goodness_of_fit_ref                   ? 
_refine.ls_shift_over_su_max                     ? 
_refine.ls_shift_over_su_max_lt                  ? 
_refine.ls_shift_over_su_mean                    ? 
_refine.ls_shift_over_su_mean_lt                 ? 
_refine.pdbx_ls_sigma_I                          ? 
_refine.pdbx_ls_sigma_F                          1.34 
_refine.pdbx_ls_sigma_Fsqd                       ? 
_refine.pdbx_data_cutoff_high_absF               ? 
_refine.pdbx_data_cutoff_high_rms_absF           ? 
_refine.pdbx_data_cutoff_low_absF                ? 
_refine.pdbx_isotropic_thermal_model             ? 
_refine.pdbx_ls_cross_valid_method               NONE 
_refine.pdbx_method_to_determine_struct          ? 
_refine.pdbx_starting_model                      ? 
_refine.pdbx_stereochemistry_target_values       ? 
_refine.pdbx_R_Free_selection_details            ? 
_refine.pdbx_stereochem_target_val_spec_case     ? 
_refine.pdbx_overall_ESU_R                       ? 
_refine.pdbx_overall_ESU_R_Free                  ? 
_refine.pdbx_solvent_vdw_probe_radii             1.11 
_refine.pdbx_solvent_ion_probe_radii             ? 
_refine.pdbx_solvent_shrinkage_radii             0.90 
_refine.pdbx_real_space_R                        ? 
_refine.pdbx_density_correlation                 ? 
_refine.pdbx_pd_number_of_powder_patterns        ? 
_refine.pdbx_pd_number_of_points                 ? 
_refine.pdbx_pd_meas_number_of_points            ? 
_refine.pdbx_pd_proc_ls_prof_R_factor            ? 
_refine.pdbx_pd_proc_ls_prof_wR_factor           ? 
_refine.pdbx_pd_Marquardt_correlation_coeff      ? 
_refine.pdbx_pd_Fsqrd_R_factor                   ? 
_refine.pdbx_pd_ls_matrix_band_width             ? 
_refine.pdbx_overall_phase_error                 20.78 
_refine.pdbx_overall_SU_R_free_Cruickshank_DPI   ? 
_refine.pdbx_overall_SU_R_free_Blow_DPI          ? 
_refine.pdbx_overall_SU_R_Blow_DPI               ? 
_refine.pdbx_TLS_residual_ADP_flag               ? 
_refine.pdbx_diffrn_id                           1 
_refine.overall_SU_B                             ? 
_refine.overall_SU_ML                            0.09 
_refine.overall_SU_R_Cruickshank_DPI             ? 
_refine.overall_SU_R_free                        ? 
_refine.overall_FOM_free_R_set                   ? 
_refine.overall_FOM_work_R_set                   ? 
_refine.pdbx_average_fsc_overall                 ? 
_refine.pdbx_average_fsc_work                    ? 
_refine.pdbx_average_fsc_free                    ? 
# 
_refine_hist.pdbx_refine_id                   'X-RAY DIFFRACTION' 
_refine_hist.cycle_id                         LAST 
_refine_hist.pdbx_number_atoms_protein        613 
_refine_hist.pdbx_number_atoms_nucleic_acid   0 
_refine_hist.pdbx_number_atoms_ligand         0 
_refine_hist.number_atoms_solvent             145 
_refine_hist.number_atoms_total               758 
_refine_hist.d_res_high                       1.582 
_refine_hist.d_res_low                        25.202 
# 
loop_
_refine_ls_restr.pdbx_refine_id 
_refine_ls_restr.criterion 
_refine_ls_restr.dev_ideal 
_refine_ls_restr.dev_ideal_target 
_refine_ls_restr.number 
_refine_ls_restr.rejects 
_refine_ls_restr.type 
_refine_ls_restr.weight 
_refine_ls_restr.pdbx_restraint_function 
'X-RAY DIFFRACTION' ? 0.006  ? 626 ? f_bond_d           ? ? 
'X-RAY DIFFRACTION' ? 0.730  ? 838 ? f_angle_d          ? ? 
'X-RAY DIFFRACTION' ? 17.204 ? 398 ? f_dihedral_angle_d ? ? 
'X-RAY DIFFRACTION' ? 0.037  ? 88  ? f_chiral_restr     ? ? 
'X-RAY DIFFRACTION' ? 0.004  ? 108 ? f_plane_restr      ? ? 
# 
loop_
_refine_ls_shell.pdbx_refine_id 
_refine_ls_shell.d_res_high 
_refine_ls_shell.d_res_low 
_refine_ls_shell.number_reflns_all 
_refine_ls_shell.number_reflns_obs 
_refine_ls_shell.number_reflns_R_free 
_refine_ls_shell.number_reflns_R_work 
_refine_ls_shell.percent_reflns_obs 
_refine_ls_shell.percent_reflns_R_free 
_refine_ls_shell.R_factor_all 
_refine_ls_shell.R_factor_obs 
_refine_ls_shell.R_factor_R_free 
_refine_ls_shell.R_factor_R_free_error 
_refine_ls_shell.R_factor_R_work 
_refine_ls_shell.redundancy_reflns_all 
_refine_ls_shell.redundancy_reflns_obs 
_refine_ls_shell.wR_factor_all 
_refine_ls_shell.wR_factor_obs 
_refine_ls_shell.wR_factor_R_free 
_refine_ls_shell.wR_factor_R_work 
_refine_ls_shell.pdbx_total_number_of_bins_used 
_refine_ls_shell.pdbx_phase_error 
_refine_ls_shell.pdbx_fsc_work 
_refine_ls_shell.pdbx_fsc_free 
'X-RAY DIFFRACTION' 1.5816 1.7037  . . 18  427  11.00 . . . 0.5583 . 0.3498 . . . . . . . . . . 
'X-RAY DIFFRACTION' 1.7037 1.8751  . . 118 1998 51.00 . . . 0.3358 . 0.2769 . . . . . . . . . . 
'X-RAY DIFFRACTION' 1.8751 2.1463  . . 197 3298 86.00 . . . 0.3217 . 0.2404 . . . . . . . . . . 
'X-RAY DIFFRACTION' 2.1463 2.7036  . . 210 3538 92.00 . . . 0.2741 . 0.2278 . . . . . . . . . . 
'X-RAY DIFFRACTION' 2.7036 25.2053 . . 197 3646 94.00 . . . 0.2392 . 0.2154 . . . . . . . . . . 
# 
_struct.entry_id                     6JV8 
_struct.title                        'Crystal structure of Rat C5a' 
_struct.pdbx_model_details           ? 
_struct.pdbx_formula_weight          ? 
_struct.pdbx_formula_weight_method   ? 
_struct.pdbx_model_type_details      ? 
_struct.pdbx_CASP_flag               N 
# 
_struct_keywords.entry_id        6JV8 
_struct_keywords.text            'Agonist, C5aR, Immune, IMMUNE SYSTEM' 
_struct_keywords.pdbx_keywords   'IMMUNE SYSTEM' 
# 
loop_
_struct_asym.id 
_struct_asym.pdbx_blank_PDB_chainid_flag 
_struct_asym.pdbx_modified 
_struct_asym.entity_id 
_struct_asym.details 
A N N 1 ? 
B N N 2 ? 
# 
_struct_ref.id                         1 
_struct_ref.db_name                    UNP 
_struct_ref.db_code                    CO5_RAT 
_struct_ref.pdbx_db_accession          P08650 
_struct_ref.pdbx_db_isoform            ? 
_struct_ref.entity_id                  1 
_struct_ref.pdbx_seq_one_letter_code   LQLLHQKVEEQAAKYKHRVPKKCCYDGARENKYETCEQRVARVTIGPHCIRAFNECCTIADKIRKESHHKGMLLGR 
_struct_ref.pdbx_align_begin           2 
# 
_struct_ref_seq.align_id                      1 
_struct_ref_seq.ref_id                        1 
_struct_ref_seq.pdbx_PDB_id_code              6JV8 
_struct_ref_seq.pdbx_strand_id                A 
_struct_ref_seq.seq_align_beg                 1 
_struct_ref_seq.pdbx_seq_align_beg_ins_code   ? 
_struct_ref_seq.seq_align_end                 76 
_struct_ref_seq.pdbx_seq_align_end_ins_code   ? 
_struct_ref_seq.pdbx_db_accession             P08650 
_struct_ref_seq.db_align_beg                  2 
_struct_ref_seq.pdbx_db_align_beg_ins_code    ? 
_struct_ref_seq.db_align_end                  77 
_struct_ref_seq.pdbx_db_align_end_ins_code    ? 
_struct_ref_seq.pdbx_auth_seq_align_beg       2 
_struct_ref_seq.pdbx_auth_seq_align_end       77 
# 
_pdbx_struct_assembly.id                   1 
_pdbx_struct_assembly.details              author_defined_assembly 
_pdbx_struct_assembly.method_details       ? 
_pdbx_struct_assembly.oligomeric_details   monomeric 
_pdbx_struct_assembly.oligomeric_count     1 
# 
loop_
_pdbx_struct_assembly_prop.biol_id 
_pdbx_struct_assembly_prop.type 
_pdbx_struct_assembly_prop.value 
_pdbx_struct_assembly_prop.details 
1 'ABSA (A^2)' 0    ? 
1 MORE         0    ? 
1 'SSA (A^2)'  5840 ? 
# 
_pdbx_struct_assembly_gen.assembly_id       1 
_pdbx_struct_assembly_gen.oper_expression   1 
_pdbx_struct_assembly_gen.asym_id_list      A,B 
# 
_pdbx_struct_assembly_auth_evidence.id                     1 
_pdbx_struct_assembly_auth_evidence.assembly_id            1 
_pdbx_struct_assembly_auth_evidence.experimental_support   'mass spectrometry' 
_pdbx_struct_assembly_auth_evidence.details                ? 
# 
_pdbx_struct_oper_list.id                   1 
_pdbx_struct_oper_list.type                 'identity operation' 
_pdbx_struct_oper_list.name                 1_555 
_pdbx_struct_oper_list.symmetry_operation   x,y,z 
_pdbx_struct_oper_list.matrix[1][1]         1.0000000000 
_pdbx_struct_oper_list.matrix[1][2]         0.0000000000 
_pdbx_struct_oper_list.matrix[1][3]         0.0000000000 
_pdbx_struct_oper_list.vector[1]            0.0000000000 
_pdbx_struct_oper_list.matrix[2][1]         0.0000000000 
_pdbx_struct_oper_list.matrix[2][2]         1.0000000000 
_pdbx_struct_oper_list.matrix[2][3]         0.0000000000 
_pdbx_struct_oper_list.vector[2]            0.0000000000 
_pdbx_struct_oper_list.matrix[3][1]         0.0000000000 
_pdbx_struct_oper_list.matrix[3][2]         0.0000000000 
_pdbx_struct_oper_list.matrix[3][3]         1.0000000000 
_pdbx_struct_oper_list.vector[3]            0.0000000000 
# 
loop_
_struct_conf.conf_type_id 
_struct_conf.id 
_struct_conf.pdbx_PDB_helix_id 
_struct_conf.beg_label_comp_id 
_struct_conf.beg_label_asym_id 
_struct_conf.beg_label_seq_id 
_struct_conf.pdbx_beg_PDB_ins_code 
_struct_conf.end_label_comp_id 
_struct_conf.end_label_asym_id 
_struct_conf.end_label_seq_id 
_struct_conf.pdbx_end_PDB_ins_code 
_struct_conf.beg_auth_comp_id 
_struct_conf.beg_auth_asym_id 
_struct_conf.beg_auth_seq_id 
_struct_conf.end_auth_comp_id 
_struct_conf.end_auth_asym_id 
_struct_conf.end_auth_seq_id 
_struct_conf.pdbx_PDB_helix_class 
_struct_conf.details 
_struct_conf.pdbx_PDB_helix_length 
HELX_P HELX_P1 AA1 LEU A 1  ? ALA A 13 ? LEU A 2  ALA A 14 1 ? 13 
HELX_P HELX_P2 AA2 HIS A 17 ? ARG A 29 ? HIS A 18 ARG A 30 1 ? 13 
HELX_P HELX_P3 AA3 THR A 35 ? ALA A 41 ? THR A 36 ALA A 42 1 ? 7  
HELX_P HELX_P4 AA4 GLY A 46 ? LYS A 70 ? GLY A 47 LYS A 71 1 ? 25 
# 
_struct_conf_type.id          HELX_P 
_struct_conf_type.criteria    ? 
_struct_conf_type.reference   ? 
# 
loop_
_struct_conn.id 
_struct_conn.conn_type_id 
_struct_conn.pdbx_leaving_atom_flag 
_struct_conn.pdbx_PDB_id 
_struct_conn.ptnr1_label_asym_id 
_struct_conn.ptnr1_label_comp_id 
_struct_conn.ptnr1_label_seq_id 
_struct_conn.ptnr1_label_atom_id 
_struct_conn.pdbx_ptnr1_label_alt_id 
_struct_conn.pdbx_ptnr1_PDB_ins_code 
_struct_conn.pdbx_ptnr1_standard_comp_id 
_struct_conn.ptnr1_symmetry 
_struct_conn.ptnr2_label_asym_id 
_struct_conn.ptnr2_label_comp_id 
_struct_conn.ptnr2_label_seq_id 
_struct_conn.ptnr2_label_atom_id 
_struct_conn.pdbx_ptnr2_label_alt_id 
_struct_conn.pdbx_ptnr2_PDB_ins_code 
_struct_conn.ptnr1_auth_asym_id 
_struct_conn.ptnr1_auth_comp_id 
_struct_conn.ptnr1_auth_seq_id 
_struct_conn.ptnr2_auth_asym_id 
_struct_conn.ptnr2_auth_comp_id 
_struct_conn.ptnr2_auth_seq_id 
_struct_conn.ptnr2_symmetry 
_struct_conn.pdbx_ptnr3_label_atom_id 
_struct_conn.pdbx_ptnr3_label_seq_id 
_struct_conn.pdbx_ptnr3_label_comp_id 
_struct_conn.pdbx_ptnr3_label_asym_id 
_struct_conn.pdbx_ptnr3_label_alt_id 
_struct_conn.pdbx_ptnr3_PDB_ins_code 
_struct_conn.details 
_struct_conn.pdbx_dist_value 
_struct_conn.pdbx_value_order 
_struct_conn.pdbx_role 
disulf1 disulf ? ? A CYS 23 SG ? ? ? 1_555 A CYS 49 SG ? ? A CYS 24 A CYS 50 1_555 ? ? ? ? ? ? ? 2.026 ? ? 
disulf2 disulf ? ? A CYS 24 SG ? ? ? 1_555 A CYS 56 SG ? ? A CYS 25 A CYS 57 1_555 ? ? ? ? ? ? ? 2.022 ? ? 
disulf3 disulf ? ? A CYS 36 SG ? ? ? 1_555 A CYS 57 SG ? ? A CYS 37 A CYS 58 1_555 ? ? ? ? ? ? ? 2.034 ? ? 
# 
_struct_conn_type.id          disulf 
_struct_conn_type.criteria    ? 
_struct_conn_type.reference   ? 
# 
loop_
_pdbx_modification_feature.ordinal 
_pdbx_modification_feature.label_comp_id 
_pdbx_modification_feature.label_asym_id 
_pdbx_modification_feature.label_seq_id 
_pdbx_modification_feature.label_alt_id 
_pdbx_modification_feature.modified_residue_label_comp_id 
_pdbx_modification_feature.modified_residue_label_asym_id 
_pdbx_modification_feature.modified_residue_label_seq_id 
_pdbx_modification_feature.modified_residue_label_alt_id 
_pdbx_modification_feature.auth_comp_id 
_pdbx_modification_feature.auth_asym_id 
_pdbx_modification_feature.auth_seq_id 
_pdbx_modification_feature.PDB_ins_code 
_pdbx_modification_feature.symmetry 
_pdbx_modification_feature.modified_residue_auth_comp_id 
_pdbx_modification_feature.modified_residue_auth_asym_id 
_pdbx_modification_feature.modified_residue_auth_seq_id 
_pdbx_modification_feature.modified_residue_PDB_ins_code 
_pdbx_modification_feature.modified_residue_symmetry 
_pdbx_modification_feature.comp_id_linking_atom 
_pdbx_modification_feature.modified_residue_id_linking_atom 
_pdbx_modification_feature.modified_residue_id 
_pdbx_modification_feature.ref_pcm_id 
_pdbx_modification_feature.ref_comp_id 
_pdbx_modification_feature.type 
_pdbx_modification_feature.category 
1 CYS A 23 ? CYS A 49 ? CYS A 24 ? 1_555 CYS A 50 ? 1_555 SG SG . . . None 'Disulfide bridge' 
2 CYS A 24 ? CYS A 56 ? CYS A 25 ? 1_555 CYS A 57 ? 1_555 SG SG . . . None 'Disulfide bridge' 
3 CYS A 36 ? CYS A 57 ? CYS A 37 ? 1_555 CYS A 58 ? 1_555 SG SG . . . None 'Disulfide bridge' 
# 
_pdbx_entry_details.entry_id                   6JV8 
_pdbx_entry_details.compound_details           ? 
_pdbx_entry_details.source_details             ? 
_pdbx_entry_details.nonpolymer_details         ? 
_pdbx_entry_details.sequence_details           ? 
_pdbx_entry_details.has_ligand_of_interest     ? 
_pdbx_entry_details.has_protein_modification   Y 
# 
loop_
_pdbx_validate_close_contact.id 
_pdbx_validate_close_contact.PDB_model_num 
_pdbx_validate_close_contact.auth_atom_id_1 
_pdbx_validate_close_contact.auth_asym_id_1 
_pdbx_validate_close_contact.auth_comp_id_1 
_pdbx_validate_close_contact.auth_seq_id_1 
_pdbx_validate_close_contact.PDB_ins_code_1 
_pdbx_validate_close_contact.label_alt_id_1 
_pdbx_validate_close_contact.auth_atom_id_2 
_pdbx_validate_close_contact.auth_asym_id_2 
_pdbx_validate_close_contact.auth_comp_id_2 
_pdbx_validate_close_contact.auth_seq_id_2 
_pdbx_validate_close_contact.PDB_ins_code_2 
_pdbx_validate_close_contact.label_alt_id_2 
_pdbx_validate_close_contact.dist 
1 1 O   A HOH 139 ? ? O A HOH 159 ? ? 1.94 
2 1 O   A HOH 200 ? ? O A HOH 230 ? ? 2.15 
3 1 OE2 A GLU 67  ? ? O A HOH 101 ? ? 2.15 
4 1 O   A HOH 205 ? ? O A HOH 243 ? ? 2.18 
# 
_pdbx_validate_torsion.id              1 
_pdbx_validate_torsion.PDB_model_num   1 
_pdbx_validate_torsion.auth_comp_id    ILE 
_pdbx_validate_torsion.auth_asym_id    A 
_pdbx_validate_torsion.auth_seq_id     46 
_pdbx_validate_torsion.PDB_ins_code    ? 
_pdbx_validate_torsion.label_alt_id    ? 
_pdbx_validate_torsion.phi             -99.51 
_pdbx_validate_torsion.psi             36.39 
# 
loop_
_chem_comp_atom.comp_id 
_chem_comp_atom.atom_id 
_chem_comp_atom.type_symbol 
_chem_comp_atom.pdbx_aromatic_flag 
_chem_comp_atom.pdbx_stereo_config 
_chem_comp_atom.pdbx_ordinal 
ALA N    N N N 1   
ALA CA   C N S 2   
ALA C    C N N 3   
ALA O    O N N 4   
ALA CB   C N N 5   
ALA OXT  O N N 6   
ALA H    H N N 7   
ALA H2   H N N 8   
ALA HA   H N N 9   
ALA HB1  H N N 10  
ALA HB2  H N N 11  
ALA HB3  H N N 12  
ALA HXT  H N N 13  
ARG N    N N N 14  
ARG CA   C N S 15  
ARG C    C N N 16  
ARG O    O N N 17  
ARG CB   C N N 18  
ARG CG   C N N 19  
ARG CD   C N N 20  
ARG NE   N N N 21  
ARG CZ   C N N 22  
ARG NH1  N N N 23  
ARG NH2  N N N 24  
ARG OXT  O N N 25  
ARG H    H N N 26  
ARG H2   H N N 27  
ARG HA   H N N 28  
ARG HB2  H N N 29  
ARG HB3  H N N 30  
ARG HG2  H N N 31  
ARG HG3  H N N 32  
ARG HD2  H N N 33  
ARG HD3  H N N 34  
ARG HE   H N N 35  
ARG HH11 H N N 36  
ARG HH12 H N N 37  
ARG HH21 H N N 38  
ARG HH22 H N N 39  
ARG HXT  H N N 40  
ASN N    N N N 41  
ASN CA   C N S 42  
ASN C    C N N 43  
ASN O    O N N 44  
ASN CB   C N N 45  
ASN CG   C N N 46  
ASN OD1  O N N 47  
ASN ND2  N N N 48  
ASN OXT  O N N 49  
ASN H    H N N 50  
ASN H2   H N N 51  
ASN HA   H N N 52  
ASN HB2  H N N 53  
ASN HB3  H N N 54  
ASN HD21 H N N 55  
ASN HD22 H N N 56  
ASN HXT  H N N 57  
ASP N    N N N 58  
ASP CA   C N S 59  
ASP C    C N N 60  
ASP O    O N N 61  
ASP CB   C N N 62  
ASP CG   C N N 63  
ASP OD1  O N N 64  
ASP OD2  O N N 65  
ASP OXT  O N N 66  
ASP H    H N N 67  
ASP H2   H N N 68  
ASP HA   H N N 69  
ASP HB2  H N N 70  
ASP HB3  H N N 71  
ASP HD2  H N N 72  
ASP HXT  H N N 73  
CYS N    N N N 74  
CYS CA   C N R 75  
CYS C    C N N 76  
CYS O    O N N 77  
CYS CB   C N N 78  
CYS SG   S N N 79  
CYS OXT  O N N 80  
CYS H    H N N 81  
CYS H2   H N N 82  
CYS HA   H N N 83  
CYS HB2  H N N 84  
CYS HB3  H N N 85  
CYS HG   H N N 86  
CYS HXT  H N N 87  
GLN N    N N N 88  
GLN CA   C N S 89  
GLN C    C N N 90  
GLN O    O N N 91  
GLN CB   C N N 92  
GLN CG   C N N 93  
GLN CD   C N N 94  
GLN OE1  O N N 95  
GLN NE2  N N N 96  
GLN OXT  O N N 97  
GLN H    H N N 98  
GLN H2   H N N 99  
GLN HA   H N N 100 
GLN HB2  H N N 101 
GLN HB3  H N N 102 
GLN HG2  H N N 103 
GLN HG3  H N N 104 
GLN HE21 H N N 105 
GLN HE22 H N N 106 
GLN HXT  H N N 107 
GLU N    N N N 108 
GLU CA   C N S 109 
GLU C    C N N 110 
GLU O    O N N 111 
GLU CB   C N N 112 
GLU CG   C N N 113 
GLU CD   C N N 114 
GLU OE1  O N N 115 
GLU OE2  O N N 116 
GLU OXT  O N N 117 
GLU H    H N N 118 
GLU H2   H N N 119 
GLU HA   H N N 120 
GLU HB2  H N N 121 
GLU HB3  H N N 122 
GLU HG2  H N N 123 
GLU HG3  H N N 124 
GLU HE2  H N N 125 
GLU HXT  H N N 126 
GLY N    N N N 127 
GLY CA   C N N 128 
GLY C    C N N 129 
GLY O    O N N 130 
GLY OXT  O N N 131 
GLY H    H N N 132 
GLY H2   H N N 133 
GLY HA2  H N N 134 
GLY HA3  H N N 135 
GLY HXT  H N N 136 
HIS N    N N N 137 
HIS CA   C N S 138 
HIS C    C N N 139 
HIS O    O N N 140 
HIS CB   C N N 141 
HIS CG   C Y N 142 
HIS ND1  N Y N 143 
HIS CD2  C Y N 144 
HIS CE1  C Y N 145 
HIS NE2  N Y N 146 
HIS OXT  O N N 147 
HIS H    H N N 148 
HIS H2   H N N 149 
HIS HA   H N N 150 
HIS HB2  H N N 151 
HIS HB3  H N N 152 
HIS HD1  H N N 153 
HIS HD2  H N N 154 
HIS HE1  H N N 155 
HIS HE2  H N N 156 
HIS HXT  H N N 157 
HOH O    O N N 158 
HOH H1   H N N 159 
HOH H2   H N N 160 
ILE N    N N N 161 
ILE CA   C N S 162 
ILE C    C N N 163 
ILE O    O N N 164 
ILE CB   C N S 165 
ILE CG1  C N N 166 
ILE CG2  C N N 167 
ILE CD1  C N N 168 
ILE OXT  O N N 169 
ILE H    H N N 170 
ILE H2   H N N 171 
ILE HA   H N N 172 
ILE HB   H N N 173 
ILE HG12 H N N 174 
ILE HG13 H N N 175 
ILE HG21 H N N 176 
ILE HG22 H N N 177 
ILE HG23 H N N 178 
ILE HD11 H N N 179 
ILE HD12 H N N 180 
ILE HD13 H N N 181 
ILE HXT  H N N 182 
LEU N    N N N 183 
LEU CA   C N S 184 
LEU C    C N N 185 
LEU O    O N N 186 
LEU CB   C N N 187 
LEU CG   C N N 188 
LEU CD1  C N N 189 
LEU CD2  C N N 190 
LEU OXT  O N N 191 
LEU H    H N N 192 
LEU H2   H N N 193 
LEU HA   H N N 194 
LEU HB2  H N N 195 
LEU HB3  H N N 196 
LEU HG   H N N 197 
LEU HD11 H N N 198 
LEU HD12 H N N 199 
LEU HD13 H N N 200 
LEU HD21 H N N 201 
LEU HD22 H N N 202 
LEU HD23 H N N 203 
LEU HXT  H N N 204 
LYS N    N N N 205 
LYS CA   C N S 206 
LYS C    C N N 207 
LYS O    O N N 208 
LYS CB   C N N 209 
LYS CG   C N N 210 
LYS CD   C N N 211 
LYS CE   C N N 212 
LYS NZ   N N N 213 
LYS OXT  O N N 214 
LYS H    H N N 215 
LYS H2   H N N 216 
LYS HA   H N N 217 
LYS HB2  H N N 218 
LYS HB3  H N N 219 
LYS HG2  H N N 220 
LYS HG3  H N N 221 
LYS HD2  H N N 222 
LYS HD3  H N N 223 
LYS HE2  H N N 224 
LYS HE3  H N N 225 
LYS HZ1  H N N 226 
LYS HZ2  H N N 227 
LYS HZ3  H N N 228 
LYS HXT  H N N 229 
MET N    N N N 230 
MET CA   C N S 231 
MET C    C N N 232 
MET O    O N N 233 
MET CB   C N N 234 
MET CG   C N N 235 
MET SD   S N N 236 
MET CE   C N N 237 
MET OXT  O N N 238 
MET H    H N N 239 
MET H2   H N N 240 
MET HA   H N N 241 
MET HB2  H N N 242 
MET HB3  H N N 243 
MET HG2  H N N 244 
MET HG3  H N N 245 
MET HE1  H N N 246 
MET HE2  H N N 247 
MET HE3  H N N 248 
MET HXT  H N N 249 
PHE N    N N N 250 
PHE CA   C N S 251 
PHE C    C N N 252 
PHE O    O N N 253 
PHE CB   C N N 254 
PHE CG   C Y N 255 
PHE CD1  C Y N 256 
PHE CD2  C Y N 257 
PHE CE1  C Y N 258 
PHE CE2  C Y N 259 
PHE CZ   C Y N 260 
PHE OXT  O N N 261 
PHE H    H N N 262 
PHE H2   H N N 263 
PHE HA   H N N 264 
PHE HB2  H N N 265 
PHE HB3  H N N 266 
PHE HD1  H N N 267 
PHE HD2  H N N 268 
PHE HE1  H N N 269 
PHE HE2  H N N 270 
PHE HZ   H N N 271 
PHE HXT  H N N 272 
PRO N    N N N 273 
PRO CA   C N S 274 
PRO C    C N N 275 
PRO O    O N N 276 
PRO CB   C N N 277 
PRO CG   C N N 278 
PRO CD   C N N 279 
PRO OXT  O N N 280 
PRO H    H N N 281 
PRO HA   H N N 282 
PRO HB2  H N N 283 
PRO HB3  H N N 284 
PRO HG2  H N N 285 
PRO HG3  H N N 286 
PRO HD2  H N N 287 
PRO HD3  H N N 288 
PRO HXT  H N N 289 
SER N    N N N 290 
SER CA   C N S 291 
SER C    C N N 292 
SER O    O N N 293 
SER CB   C N N 294 
SER OG   O N N 295 
SER OXT  O N N 296 
SER H    H N N 297 
SER H2   H N N 298 
SER HA   H N N 299 
SER HB2  H N N 300 
SER HB3  H N N 301 
SER HG   H N N 302 
SER HXT  H N N 303 
THR N    N N N 304 
THR CA   C N S 305 
THR C    C N N 306 
THR O    O N N 307 
THR CB   C N R 308 
THR OG1  O N N 309 
THR CG2  C N N 310 
THR OXT  O N N 311 
THR H    H N N 312 
THR H2   H N N 313 
THR HA   H N N 314 
THR HB   H N N 315 
THR HG1  H N N 316 
THR HG21 H N N 317 
THR HG22 H N N 318 
THR HG23 H N N 319 
THR HXT  H N N 320 
TYR N    N N N 321 
TYR CA   C N S 322 
TYR C    C N N 323 
TYR O    O N N 324 
TYR CB   C N N 325 
TYR CG   C Y N 326 
TYR CD1  C Y N 327 
TYR CD2  C Y N 328 
TYR CE1  C Y N 329 
TYR CE2  C Y N 330 
TYR CZ   C Y N 331 
TYR OH   O N N 332 
TYR OXT  O N N 333 
TYR H    H N N 334 
TYR H2   H N N 335 
TYR HA   H N N 336 
TYR HB2  H N N 337 
TYR HB3  H N N 338 
TYR HD1  H N N 339 
TYR HD2  H N N 340 
TYR HE1  H N N 341 
TYR HE2  H N N 342 
TYR HH   H N N 343 
TYR HXT  H N N 344 
VAL N    N N N 345 
VAL CA   C N S 346 
VAL C    C N N 347 
VAL O    O N N 348 
VAL CB   C N N 349 
VAL CG1  C N N 350 
VAL CG2  C N N 351 
VAL OXT  O N N 352 
VAL H    H N N 353 
VAL H2   H N N 354 
VAL HA   H N N 355 
VAL HB   H N N 356 
VAL HG11 H N N 357 
VAL HG12 H N N 358 
VAL HG13 H N N 359 
VAL HG21 H N N 360 
VAL HG22 H N N 361 
VAL HG23 H N N 362 
VAL HXT  H N N 363 
# 
loop_
_chem_comp_bond.comp_id 
_chem_comp_bond.atom_id_1 
_chem_comp_bond.atom_id_2 
_chem_comp_bond.value_order 
_chem_comp_bond.pdbx_aromatic_flag 
_chem_comp_bond.pdbx_stereo_config 
_chem_comp_bond.pdbx_ordinal 
ALA N   CA   sing N N 1   
ALA N   H    sing N N 2   
ALA N   H2   sing N N 3   
ALA CA  C    sing N N 4   
ALA CA  CB   sing N N 5   
ALA CA  HA   sing N N 6   
ALA C   O    doub N N 7   
ALA C   OXT  sing N N 8   
ALA CB  HB1  sing N N 9   
ALA CB  HB2  sing N N 10  
ALA CB  HB3  sing N N 11  
ALA OXT HXT  sing N N 12  
ARG N   CA   sing N N 13  
ARG N   H    sing N N 14  
ARG N   H2   sing N N 15  
ARG CA  C    sing N N 16  
ARG CA  CB   sing N N 17  
ARG CA  HA   sing N N 18  
ARG C   O    doub N N 19  
ARG C   OXT  sing N N 20  
ARG CB  CG   sing N N 21  
ARG CB  HB2  sing N N 22  
ARG CB  HB3  sing N N 23  
ARG CG  CD   sing N N 24  
ARG CG  HG2  sing N N 25  
ARG CG  HG3  sing N N 26  
ARG CD  NE   sing N N 27  
ARG CD  HD2  sing N N 28  
ARG CD  HD3  sing N N 29  
ARG NE  CZ   sing N N 30  
ARG NE  HE   sing N N 31  
ARG CZ  NH1  sing N N 32  
ARG CZ  NH2  doub N N 33  
ARG NH1 HH11 sing N N 34  
ARG NH1 HH12 sing N N 35  
ARG NH2 HH21 sing N N 36  
ARG NH2 HH22 sing N N 37  
ARG OXT HXT  sing N N 38  
ASN N   CA   sing N N 39  
ASN N   H    sing N N 40  
ASN N   H2   sing N N 41  
ASN CA  C    sing N N 42  
ASN CA  CB   sing N N 43  
ASN CA  HA   sing N N 44  
ASN C   O    doub N N 45  
ASN C   OXT  sing N N 46  
ASN CB  CG   sing N N 47  
ASN CB  HB2  sing N N 48  
ASN CB  HB3  sing N N 49  
ASN CG  OD1  doub N N 50  
ASN CG  ND2  sing N N 51  
ASN ND2 HD21 sing N N 52  
ASN ND2 HD22 sing N N 53  
ASN OXT HXT  sing N N 54  
ASP N   CA   sing N N 55  
ASP N   H    sing N N 56  
ASP N   H2   sing N N 57  
ASP CA  C    sing N N 58  
ASP CA  CB   sing N N 59  
ASP CA  HA   sing N N 60  
ASP C   O    doub N N 61  
ASP C   OXT  sing N N 62  
ASP CB  CG   sing N N 63  
ASP CB  HB2  sing N N 64  
ASP CB  HB3  sing N N 65  
ASP CG  OD1  doub N N 66  
ASP CG  OD2  sing N N 67  
ASP OD2 HD2  sing N N 68  
ASP OXT HXT  sing N N 69  
CYS N   CA   sing N N 70  
CYS N   H    sing N N 71  
CYS N   H2   sing N N 72  
CYS CA  C    sing N N 73  
CYS CA  CB   sing N N 74  
CYS CA  HA   sing N N 75  
CYS C   O    doub N N 76  
CYS C   OXT  sing N N 77  
CYS CB  SG   sing N N 78  
CYS CB  HB2  sing N N 79  
CYS CB  HB3  sing N N 80  
CYS SG  HG   sing N N 81  
CYS OXT HXT  sing N N 82  
GLN N   CA   sing N N 83  
GLN N   H    sing N N 84  
GLN N   H2   sing N N 85  
GLN CA  C    sing N N 86  
GLN CA  CB   sing N N 87  
GLN CA  HA   sing N N 88  
GLN C   O    doub N N 89  
GLN C   OXT  sing N N 90  
GLN CB  CG   sing N N 91  
GLN CB  HB2  sing N N 92  
GLN CB  HB3  sing N N 93  
GLN CG  CD   sing N N 94  
GLN CG  HG2  sing N N 95  
GLN CG  HG3  sing N N 96  
GLN CD  OE1  doub N N 97  
GLN CD  NE2  sing N N 98  
GLN NE2 HE21 sing N N 99  
GLN NE2 HE22 sing N N 100 
GLN OXT HXT  sing N N 101 
GLU N   CA   sing N N 102 
GLU N   H    sing N N 103 
GLU N   H2   sing N N 104 
GLU CA  C    sing N N 105 
GLU CA  CB   sing N N 106 
GLU CA  HA   sing N N 107 
GLU C   O    doub N N 108 
GLU C   OXT  sing N N 109 
GLU CB  CG   sing N N 110 
GLU CB  HB2  sing N N 111 
GLU CB  HB3  sing N N 112 
GLU CG  CD   sing N N 113 
GLU CG  HG2  sing N N 114 
GLU CG  HG3  sing N N 115 
GLU CD  OE1  doub N N 116 
GLU CD  OE2  sing N N 117 
GLU OE2 HE2  sing N N 118 
GLU OXT HXT  sing N N 119 
GLY N   CA   sing N N 120 
GLY N   H    sing N N 121 
GLY N   H2   sing N N 122 
GLY CA  C    sing N N 123 
GLY CA  HA2  sing N N 124 
GLY CA  HA3  sing N N 125 
GLY C   O    doub N N 126 
GLY C   OXT  sing N N 127 
GLY OXT HXT  sing N N 128 
HIS N   CA   sing N N 129 
HIS N   H    sing N N 130 
HIS N   H2   sing N N 131 
HIS CA  C    sing N N 132 
HIS CA  CB   sing N N 133 
HIS CA  HA   sing N N 134 
HIS C   O    doub N N 135 
HIS C   OXT  sing N N 136 
HIS CB  CG   sing N N 137 
HIS CB  HB2  sing N N 138 
HIS CB  HB3  sing N N 139 
HIS CG  ND1  sing Y N 140 
HIS CG  CD2  doub Y N 141 
HIS ND1 CE1  doub Y N 142 
HIS ND1 HD1  sing N N 143 
HIS CD2 NE2  sing Y N 144 
HIS CD2 HD2  sing N N 145 
HIS CE1 NE2  sing Y N 146 
HIS CE1 HE1  sing N N 147 
HIS NE2 HE2  sing N N 148 
HIS OXT HXT  sing N N 149 
HOH O   H1   sing N N 150 
HOH O   H2   sing N N 151 
ILE N   CA   sing N N 152 
ILE N   H    sing N N 153 
ILE N   H2   sing N N 154 
ILE CA  C    sing N N 155 
ILE CA  CB   sing N N 156 
ILE CA  HA   sing N N 157 
ILE C   O    doub N N 158 
ILE C   OXT  sing N N 159 
ILE CB  CG1  sing N N 160 
ILE CB  CG2  sing N N 161 
ILE CB  HB   sing N N 162 
ILE CG1 CD1  sing N N 163 
ILE CG1 HG12 sing N N 164 
ILE CG1 HG13 sing N N 165 
ILE CG2 HG21 sing N N 166 
ILE CG2 HG22 sing N N 167 
ILE CG2 HG23 sing N N 168 
ILE CD1 HD11 sing N N 169 
ILE CD1 HD12 sing N N 170 
ILE CD1 HD13 sing N N 171 
ILE OXT HXT  sing N N 172 
LEU N   CA   sing N N 173 
LEU N   H    sing N N 174 
LEU N   H2   sing N N 175 
LEU CA  C    sing N N 176 
LEU CA  CB   sing N N 177 
LEU CA  HA   sing N N 178 
LEU C   O    doub N N 179 
LEU C   OXT  sing N N 180 
LEU CB  CG   sing N N 181 
LEU CB  HB2  sing N N 182 
LEU CB  HB3  sing N N 183 
LEU CG  CD1  sing N N 184 
LEU CG  CD2  sing N N 185 
LEU CG  HG   sing N N 186 
LEU CD1 HD11 sing N N 187 
LEU CD1 HD12 sing N N 188 
LEU CD1 HD13 sing N N 189 
LEU CD2 HD21 sing N N 190 
LEU CD2 HD22 sing N N 191 
LEU CD2 HD23 sing N N 192 
LEU OXT HXT  sing N N 193 
LYS N   CA   sing N N 194 
LYS N   H    sing N N 195 
LYS N   H2   sing N N 196 
LYS CA  C    sing N N 197 
LYS CA  CB   sing N N 198 
LYS CA  HA   sing N N 199 
LYS C   O    doub N N 200 
LYS C   OXT  sing N N 201 
LYS CB  CG   sing N N 202 
LYS CB  HB2  sing N N 203 
LYS CB  HB3  sing N N 204 
LYS CG  CD   sing N N 205 
LYS CG  HG2  sing N N 206 
LYS CG  HG3  sing N N 207 
LYS CD  CE   sing N N 208 
LYS CD  HD2  sing N N 209 
LYS CD  HD3  sing N N 210 
LYS CE  NZ   sing N N 211 
LYS CE  HE2  sing N N 212 
LYS CE  HE3  sing N N 213 
LYS NZ  HZ1  sing N N 214 
LYS NZ  HZ2  sing N N 215 
LYS NZ  HZ3  sing N N 216 
LYS OXT HXT  sing N N 217 
MET N   CA   sing N N 218 
MET N   H    sing N N 219 
MET N   H2   sing N N 220 
MET CA  C    sing N N 221 
MET CA  CB   sing N N 222 
MET CA  HA   sing N N 223 
MET C   O    doub N N 224 
MET C   OXT  sing N N 225 
MET CB  CG   sing N N 226 
MET CB  HB2  sing N N 227 
MET CB  HB3  sing N N 228 
MET CG  SD   sing N N 229 
MET CG  HG2  sing N N 230 
MET CG  HG3  sing N N 231 
MET SD  CE   sing N N 232 
MET CE  HE1  sing N N 233 
MET CE  HE2  sing N N 234 
MET CE  HE3  sing N N 235 
MET OXT HXT  sing N N 236 
PHE N   CA   sing N N 237 
PHE N   H    sing N N 238 
PHE N   H2   sing N N 239 
PHE CA  C    sing N N 240 
PHE CA  CB   sing N N 241 
PHE CA  HA   sing N N 242 
PHE C   O    doub N N 243 
PHE C   OXT  sing N N 244 
PHE CB  CG   sing N N 245 
PHE CB  HB2  sing N N 246 
PHE CB  HB3  sing N N 247 
PHE CG  CD1  doub Y N 248 
PHE CG  CD2  sing Y N 249 
PHE CD1 CE1  sing Y N 250 
PHE CD1 HD1  sing N N 251 
PHE CD2 CE2  doub Y N 252 
PHE CD2 HD2  sing N N 253 
PHE CE1 CZ   doub Y N 254 
PHE CE1 HE1  sing N N 255 
PHE CE2 CZ   sing Y N 256 
PHE CE2 HE2  sing N N 257 
PHE CZ  HZ   sing N N 258 
PHE OXT HXT  sing N N 259 
PRO N   CA   sing N N 260 
PRO N   CD   sing N N 261 
PRO N   H    sing N N 262 
PRO CA  C    sing N N 263 
PRO CA  CB   sing N N 264 
PRO CA  HA   sing N N 265 
PRO C   O    doub N N 266 
PRO C   OXT  sing N N 267 
PRO CB  CG   sing N N 268 
PRO CB  HB2  sing N N 269 
PRO CB  HB3  sing N N 270 
PRO CG  CD   sing N N 271 
PRO CG  HG2  sing N N 272 
PRO CG  HG3  sing N N 273 
PRO CD  HD2  sing N N 274 
PRO CD  HD3  sing N N 275 
PRO OXT HXT  sing N N 276 
SER N   CA   sing N N 277 
SER N   H    sing N N 278 
SER N   H2   sing N N 279 
SER CA  C    sing N N 280 
SER CA  CB   sing N N 281 
SER CA  HA   sing N N 282 
SER C   O    doub N N 283 
SER C   OXT  sing N N 284 
SER CB  OG   sing N N 285 
SER CB  HB2  sing N N 286 
SER CB  HB3  sing N N 287 
SER OG  HG   sing N N 288 
SER OXT HXT  sing N N 289 
THR N   CA   sing N N 290 
THR N   H    sing N N 291 
THR N   H2   sing N N 292 
THR CA  C    sing N N 293 
THR CA  CB   sing N N 294 
THR CA  HA   sing N N 295 
THR C   O    doub N N 296 
THR C   OXT  sing N N 297 
THR CB  OG1  sing N N 298 
THR CB  CG2  sing N N 299 
THR CB  HB   sing N N 300 
THR OG1 HG1  sing N N 301 
THR CG2 HG21 sing N N 302 
THR CG2 HG22 sing N N 303 
THR CG2 HG23 sing N N 304 
THR OXT HXT  sing N N 305 
TYR N   CA   sing N N 306 
TYR N   H    sing N N 307 
TYR N   H2   sing N N 308 
TYR CA  C    sing N N 309 
TYR CA  CB   sing N N 310 
TYR CA  HA   sing N N 311 
TYR C   O    doub N N 312 
TYR C   OXT  sing N N 313 
TYR CB  CG   sing N N 314 
TYR CB  HB2  sing N N 315 
TYR CB  HB3  sing N N 316 
TYR CG  CD1  doub Y N 317 
TYR CG  CD2  sing Y N 318 
TYR CD1 CE1  sing Y N 319 
TYR CD1 HD1  sing N N 320 
TYR CD2 CE2  doub Y N 321 
TYR CD2 HD2  sing N N 322 
TYR CE1 CZ   doub Y N 323 
TYR CE1 HE1  sing N N 324 
TYR CE2 CZ   sing Y N 325 
TYR CE2 HE2  sing N N 326 
TYR CZ  OH   sing N N 327 
TYR OH  HH   sing N N 328 
TYR OXT HXT  sing N N 329 
VAL N   CA   sing N N 330 
VAL N   H    sing N N 331 
VAL N   H2   sing N N 332 
VAL CA  C    sing N N 333 
VAL CA  CB   sing N N 334 
VAL CA  HA   sing N N 335 
VAL C   O    doub N N 336 
VAL C   OXT  sing N N 337 
VAL CB  CG1  sing N N 338 
VAL CB  CG2  sing N N 339 
VAL CB  HB   sing N N 340 
VAL CG1 HG11 sing N N 341 
VAL CG1 HG12 sing N N 342 
VAL CG1 HG13 sing N N 343 
VAL CG2 HG21 sing N N 344 
VAL CG2 HG22 sing N N 345 
VAL CG2 HG23 sing N N 346 
VAL OXT HXT  sing N N 347 
# 
loop_
_pdbx_audit_support.funding_organization 
_pdbx_audit_support.country 
_pdbx_audit_support.grant_number 
_pdbx_audit_support.ordinal 
'National Natural Science Foundation of China' China 21532004 1 
'National Natural Science Foundation of China' China 91753205 2 
'National Natural Science Foundation of China' China 81621002 3 
'National Natural Science Foundation of China' China 21621003 4 
# 
_atom_sites.entry_id                    6JV8 
_atom_sites.fract_transf_matrix[1][1]   -0.03179989 
_atom_sites.fract_transf_matrix[1][2]   0.02370950 
_atom_sites.fract_transf_matrix[1][3]   0.00101922 
_atom_sites.fract_transf_matrix[2][1]   0.01390556 
_atom_sites.fract_transf_matrix[2][2]   0.02344536 
_atom_sites.fract_transf_matrix[2][3]   0.00096662 
_atom_sites.fract_transf_matrix[3][1]   -0.00517585 
_atom_sites.fract_transf_matrix[3][2]   0.00505269 
_atom_sites.fract_transf_matrix[3][3]   -0.02390777 
_atom_sites.fract_transf_vector[1]      -0.296038 
_atom_sites.fract_transf_vector[2]      0.271967 
_atom_sites.fract_transf_vector[3]      -0.205054 
# 
loop_
_atom_type.symbol 
C 
N 
O 
S 
# 
loop_
_atom_site.group_PDB 
_atom_site.id 
_atom_site.type_symbol 
_atom_site.label_atom_id 
_atom_site.label_alt_id 
_atom_site.label_comp_id 
_atom_site.label_asym_id 
_atom_site.label_entity_id 
_atom_site.label_seq_id 
_atom_site.pdbx_PDB_ins_code 
_atom_site.Cartn_x 
_atom_site.Cartn_y 
_atom_site.Cartn_z 
_atom_site.occupancy 
_atom_site.B_iso_or_equiv 
_atom_site.pdbx_formal_charge 
_atom_site.auth_seq_id 
_atom_site.auth_comp_id 
_atom_site.auth_asym_id 
_atom_site.auth_atom_id 
_atom_site.pdbx_PDB_model_num 
ATOM   1   N N   . LEU A 1 1  ? 11.320  4.395   5.272   1.00 46.05 ? 2   LEU A N   1 
ATOM   2   C CA  . LEU A 1 1  ? 10.838  3.055   4.959   1.00 43.89 ? 2   LEU A CA  1 
ATOM   3   C C   . LEU A 1 1  ? 10.060  2.469   6.136   1.00 39.85 ? 2   LEU A C   1 
ATOM   4   O O   . LEU A 1 1  ? 9.060   1.781   5.939   1.00 39.22 ? 2   LEU A O   1 
ATOM   5   C CB  . LEU A 1 1  ? 12.001  2.135   4.581   1.00 45.10 ? 2   LEU A CB  1 
ATOM   6   C CG  . LEU A 1 1  ? 11.653  0.923   3.709   1.00 46.35 ? 2   LEU A CG  1 
ATOM   7   C CD1 . LEU A 1 1  ? 10.971  1.360   2.415   1.00 46.35 ? 2   LEU A CD1 1 
ATOM   8   C CD2 . LEU A 1 1  ? 12.901  0.108   3.403   1.00 47.31 ? 2   LEU A CD2 1 
ATOM   9   N N   . GLN A 1 2  ? 10.518  2.744   7.364   1.00 36.59 ? 3   GLN A N   1 
ATOM   10  C CA  . GLN A 1 2  ? 9.794   2.253   8.535   1.00 34.04 ? 3   GLN A CA  1 
ATOM   11  C C   . GLN A 1 2  ? 8.416   2.888   8.640   1.00 29.57 ? 3   GLN A C   1 
ATOM   12  O O   . GLN A 1 2  ? 7.450   2.224   9.031   1.00 28.33 ? 3   GLN A O   1 
ATOM   13  C CB  . GLN A 1 2  ? 10.595  2.510   9.811   1.00 37.69 ? 3   GLN A CB  1 
ATOM   14  C CG  . GLN A 1 2  ? 11.606  1.426   10.129  1.00 42.24 ? 3   GLN A CG  1 
ATOM   15  C CD  . GLN A 1 2  ? 10.979  0.040   10.208  1.00 45.63 ? 3   GLN A CD  1 
ATOM   16  O OE1 . GLN A 1 2  ? 9.869   -0.131  10.726  1.00 46.83 ? 3   GLN A OE1 1 
ATOM   17  N NE2 . GLN A 1 2  ? 11.688  -0.956  9.686   1.00 47.23 ? 3   GLN A NE2 1 
ATOM   18  N N   . LEU A 1 3  ? 8.303   4.177   8.302   1.00 26.49 ? 4   LEU A N   1 
ATOM   19  C CA  . LEU A 1 3  ? 6.999   4.832   8.320   1.00 24.28 ? 4   LEU A CA  1 
ATOM   20  C C   . LEU A 1 3  ? 6.038   4.182   7.329   1.00 22.29 ? 4   LEU A C   1 
ATOM   21  O O   . LEU A 1 3  ? 4.846   4.021   7.622   1.00 21.51 ? 4   LEU A O   1 
ATOM   22  C CB  . LEU A 1 3  ? 7.153   6.320   8.015   1.00 25.19 ? 4   LEU A CB  1 
ATOM   23  C CG  . LEU A 1 3  ? 5.844   7.105   7.949   1.00 26.21 ? 4   LEU A CG  1 
ATOM   24  C CD1 . LEU A 1 3  ? 5.088   6.995   9.266   1.00 26.96 ? 4   LEU A CD1 1 
ATOM   25  C CD2 . LEU A 1 3  ? 6.118   8.558   7.605   1.00 27.53 ? 4   LEU A CD2 1 
ATOM   26  N N   . LEU A 1 4  ? 6.536   3.808   6.147   1.00 19.78 ? 5   LEU A N   1 
ATOM   27  C CA  . LEU A 1 4  ? 5.681   3.128   5.179   1.00 19.87 ? 5   LEU A CA  1 
ATOM   28  C C   . LEU A 1 4  ? 5.123   1.838   5.769   1.00 20.04 ? 5   LEU A C   1 
ATOM   29  O O   . LEU A 1 4  ? 3.910   1.594   5.727   1.00 19.15 ? 5   LEU A O   1 
ATOM   30  C CB  . LEU A 1 4  ? 6.460   2.849   3.889   1.00 19.69 ? 5   LEU A CB  1 
ATOM   31  C CG  . LEU A 1 4  ? 5.679   2.301   2.687   1.00 19.48 ? 5   LEU A CG  1 
ATOM   32  C CD1 . LEU A 1 4  ? 6.240   2.861   1.388   1.00 22.05 ? 5   LEU A CD1 1 
ATOM   33  C CD2 . LEU A 1 4  ? 5.714   0.783   2.656   1.00 19.64 ? 5   LEU A CD2 1 
ATOM   34  N N   . HIS A 1 5  ? 5.995   1.008   6.347   1.00 20.67 ? 6   HIS A N   1 
ATOM   35  C CA  . HIS A 1 5  ? 5.547   -0.264  6.905   1.00 21.73 ? 6   HIS A CA  1 
ATOM   36  C C   . HIS A 1 5  ? 4.516   -0.052  8.006   1.00 21.62 ? 6   HIS A C   1 
ATOM   37  O O   . HIS A 1 5  ? 3.517   -0.775  8.074   1.00 21.02 ? 6   HIS A O   1 
ATOM   38  C CB  . HIS A 1 5  ? 6.740   -1.060  7.432   1.00 23.36 ? 6   HIS A CB  1 
ATOM   39  C CG  . HIS A 1 5  ? 7.731   -1.436  6.375   1.00 27.83 ? 6   HIS A CG  1 
ATOM   40  N ND1 . HIS A 1 5  ? 7.359   -1.976  5.162   1.00 29.44 ? 6   HIS A ND1 1 
ATOM   41  C CD2 . HIS A 1 5  ? 9.082   -1.351  6.349   1.00 30.45 ? 6   HIS A CD2 1 
ATOM   42  C CE1 . HIS A 1 5  ? 8.436   -2.202  4.433   1.00 30.49 ? 6   HIS A CE1 1 
ATOM   43  N NE2 . HIS A 1 5  ? 9.496   -1.834  5.132   1.00 31.28 ? 6   HIS A NE2 1 
ATOM   44  N N   . GLN A 1 6  ? 4.734   0.942   8.871   1.00 22.32 ? 7   GLN A N   1 
ATOM   45  C CA  . GLN A 1 6  ? 3.793   1.193   9.958   1.00 24.41 ? 7   GLN A CA  1 
ATOM   46  C C   . GLN A 1 6  ? 2.412   1.540   9.422   1.00 21.98 ? 7   GLN A C   1 
ATOM   47  O O   . GLN A 1 6  ? 1.406   0.969   9.858   1.00 20.92 ? 7   GLN A O   1 
ATOM   48  C CB  . GLN A 1 6  ? 4.313   2.305   10.871  1.00 30.26 ? 7   GLN A CB  1 
ATOM   49  C CG  . GLN A 1 6  ? 5.038   1.790   12.095  1.00 37.23 ? 7   GLN A CG  1 
ATOM   50  C CD  . GLN A 1 6  ? 5.465   2.899   13.041  1.00 41.04 ? 7   GLN A CD  1 
ATOM   51  O OE1 . GLN A 1 6  ? 5.002   4.037   12.936  1.00 42.47 ? 7   GLN A OE1 1 
ATOM   52  N NE2 . GLN A 1 6  ? 6.351   2.567   13.978  1.00 42.68 ? 7   GLN A NE2 1 
ATOM   53  N N   . LYS A 1 7  ? 2.343   2.473   8.468   1.00 19.70 ? 8   LYS A N   1 
ATOM   54  C CA  . LYS A 1 7  ? 1.047   2.868   7.929   1.00 19.31 ? 8   LYS A CA  1 
ATOM   55  C C   . LYS A 1 7  ? 0.408   1.743   7.124   1.00 18.51 ? 8   LYS A C   1 
ATOM   56  O O   . LYS A 1 7  ? -0.816  1.574   7.155   1.00 20.48 ? 8   LYS A O   1 
ATOM   57  C CB  . LYS A 1 7  ? 1.187   4.122   7.071   1.00 21.14 ? 8   LYS A CB  1 
ATOM   58  C CG  . LYS A 1 7  ? 1.629   5.358   7.836   1.00 23.63 ? 8   LYS A CG  1 
ATOM   59  C CD  . LYS A 1 7  ? 0.573   5.751   8.845   1.00 26.79 ? 8   LYS A CD  1 
ATOM   60  C CE  . LYS A 1 7  ? 0.809   7.148   9.386   1.00 30.40 ? 8   LYS A CE  1 
ATOM   61  N NZ  . LYS A 1 7  ? -0.139  7.432   10.497  1.00 33.36 ? 8   LYS A NZ  1 
ATOM   62  N N   . VAL A 1 8  ? 1.211   0.958   6.402   1.00 15.98 ? 9   VAL A N   1 
ATOM   63  C CA  . VAL A 1 8  ? 0.648   -0.185  5.693   1.00 15.05 ? 9   VAL A CA  1 
ATOM   64  C C   . VAL A 1 8  ? 0.108   -1.212  6.684   1.00 17.34 ? 9   VAL A C   1 
ATOM   65  O O   . VAL A 1 8  ? -1.001  -1.734  6.510   1.00 17.71 ? 9   VAL A O   1 
ATOM   66  C CB  . VAL A 1 8  ? 1.685   -0.795  4.731   1.00 14.17 ? 9   VAL A CB  1 
ATOM   67  C CG1 . VAL A 1 8  ? 1.196   -2.146  4.207   1.00 14.35 ? 9   VAL A CG1 1 
ATOM   68  C CG2 . VAL A 1 8  ? 1.953   0.163   3.572   1.00 14.15 ? 9   VAL A CG2 1 
ATOM   69  N N   . GLU A 1 9  ? 0.865   -1.515  7.744   1.00 18.05 ? 10  GLU A N   1 
ATOM   70  C CA  . GLU A 1 9  ? 0.366   -2.485  8.719   1.00 19.68 ? 10  GLU A CA  1 
ATOM   71  C C   . GLU A 1 9  ? -0.895  -1.985  9.410   1.00 21.67 ? 10  GLU A C   1 
ATOM   72  O O   . GLU A 1 9  ? -1.780  -2.785  9.737   1.00 22.44 ? 10  GLU A O   1 
ATOM   73  C CB  . GLU A 1 9  ? 1.437   -2.818  9.762   1.00 20.56 ? 10  GLU A CB  1 
ATOM   74  C CG  . GLU A 1 9  ? 2.624   -3.616  9.226   1.00 22.56 ? 10  GLU A CG  1 
ATOM   75  C CD  . GLU A 1 9  ? 2.245   -4.980  8.640   1.00 23.25 ? 10  GLU A CD  1 
ATOM   76  O OE1 . GLU A 1 9  ? 3.072   -5.538  7.888   1.00 22.70 ? 10  GLU A OE1 1 
ATOM   77  O OE2 . GLU A 1 9  ? 1.138   -5.500  8.925   1.00 23.36 ? 10  GLU A OE2 1 
ATOM   78  N N   . GLU A 1 10 ? -0.994  -0.673  9.635   1.00 22.47 ? 11  GLU A N   1 
ATOM   79  C CA  . GLU A 1 10 ? -2.202  -0.107  10.225  1.00 24.14 ? 11  GLU A CA  1 
ATOM   80  C C   . GLU A 1 10 ? -3.424  -0.406  9.363   1.00 23.38 ? 11  GLU A C   1 
ATOM   81  O O   . GLU A 1 10 ? -4.489  -0.767  9.883   1.00 24.35 ? 11  GLU A O   1 
ATOM   82  C CB  . GLU A 1 10 ? -2.025  1.400   10.423  1.00 26.68 ? 11  GLU A CB  1 
ATOM   83  C CG  . GLU A 1 10 ? -3.221  2.088   11.060  1.00 31.85 ? 11  GLU A CG  1 
ATOM   84  C CD  . GLU A 1 10 ? -2.985  3.570   11.340  1.00 37.01 ? 11  GLU A CD  1 
ATOM   85  O OE1 . GLU A 1 10 ? -2.332  4.254   10.522  1.00 36.84 ? 11  GLU A OE1 1 
ATOM   86  O OE2 . GLU A 1 10 ? -3.463  4.050   12.389  1.00 40.64 ? 11  GLU A OE2 1 
ATOM   87  N N   . GLN A 1 11 ? -3.285  -0.281  8.041   1.00 20.40 ? 12  GLN A N   1 
ATOM   88  C CA  . GLN A 1 11 ? -4.397  -0.596  7.154   1.00 18.09 ? 12  GLN A CA  1 
ATOM   89  C C   . GLN A 1 11 ? -4.615  -2.098  7.055   1.00 17.26 ? 12  GLN A C   1 
ATOM   90  O O   . GLN A 1 11 ? -5.761  -2.562  7.030   1.00 16.80 ? 12  GLN A O   1 
ATOM   91  C CB  . GLN A 1 11 ? -4.154  -0.003  5.765   1.00 17.49 ? 12  GLN A CB  1 
ATOM   92  C CG  . GLN A 1 11 ? -5.301  -0.242  4.775   1.00 17.64 ? 12  GLN A CG  1 
ATOM   93  C CD  . GLN A 1 11 ? -6.564  0.502   5.165   1.00 19.75 ? 12  GLN A CD  1 
ATOM   94  O OE1 . GLN A 1 11 ? -6.507  1.539   5.825   1.00 21.27 ? 12  GLN A OE1 1 
ATOM   95  N NE2 . GLN A 1 11 ? -7.711  -0.036  4.777   1.00 20.17 ? 12  GLN A NE2 1 
ATOM   96  N N   . ALA A 1 12 ? -3.529  -2.874  6.979   1.00 17.03 ? 13  ALA A N   1 
ATOM   97  C CA  . ALA A 1 12 ? -3.669  -4.322  6.843   1.00 18.09 ? 13  ALA A CA  1 
ATOM   98  C C   . ALA A 1 12 ? -4.403  -4.924  8.032   1.00 19.99 ? 13  ALA A C   1 
ATOM   99  O O   . ALA A 1 12 ? -5.154  -5.894  7.871   1.00 20.70 ? 13  ALA A O   1 
ATOM   100 C CB  . ALA A 1 12 ? -2.298  -4.976  6.672   1.00 17.79 ? 13  ALA A CB  1 
ATOM   101 N N   . ALA A 1 13 ? -4.221  -4.347  9.225   1.00 21.25 ? 14  ALA A N   1 
ATOM   102 C CA  . ALA A 1 13 ? -4.940  -4.812  10.405  1.00 22.65 ? 14  ALA A CA  1 
ATOM   103 C C   . ALA A 1 13 ? -6.450  -4.656  10.264  1.00 23.95 ? 14  ALA A C   1 
ATOM   104 O O   . ALA A 1 13 ? -7.196  -5.324  10.988  1.00 24.31 ? 14  ALA A O   1 
ATOM   105 C CB  . ALA A 1 13 ? -4.448  -4.066  11.650  1.00 22.05 ? 14  ALA A CB  1 
ATOM   106 N N   . LYS A 1 14 ? -6.915  -3.790  9.358   1.00 24.03 ? 15  LYS A N   1 
ATOM   107 C CA  . LYS A 1 14 ? -8.344  -3.627  9.127   1.00 24.36 ? 15  LYS A CA  1 
ATOM   108 C C   . LYS A 1 14 ? -8.931  -4.715  8.235   1.00 23.70 ? 15  LYS A C   1 
ATOM   109 O O   . LYS A 1 14 ? -10.159 -4.823  8.150   1.00 25.39 ? 15  LYS A O   1 
ATOM   110 C CB  . LYS A 1 14 ? -8.630  -2.257  8.507   1.00 25.95 ? 15  LYS A CB  1 
ATOM   111 C CG  . LYS A 1 14 ? -8.151  -1.077  9.336   1.00 30.00 ? 15  LYS A CG  1 
ATOM   112 C CD  . LYS A 1 14 ? -8.506  0.237   8.649   1.00 34.18 ? 15  LYS A CD  1 
ATOM   113 C CE  . LYS A 1 14 ? -7.760  1.416   9.269   1.00 37.17 ? 15  LYS A CE  1 
ATOM   114 N NZ  . LYS A 1 14 ? -7.924  1.472   10.745  1.00 39.06 ? 15  LYS A NZ  1 
ATOM   115 N N   . TYR A 1 15 ? -8.096  -5.509  7.567   1.00 21.16 ? 16  TYR A N   1 
ATOM   116 C CA  . TYR A 1 15 ? -8.557  -6.641  6.764   1.00 18.69 ? 16  TYR A CA  1 
ATOM   117 C C   . TYR A 1 15 ? -8.347  -7.894  7.601   1.00 19.91 ? 16  TYR A C   1 
ATOM   118 O O   . TYR A 1 15 ? -7.233  -8.414  7.693   1.00 20.92 ? 16  TYR A O   1 
ATOM   119 C CB  . TYR A 1 15 ? -7.811  -6.719  5.435   1.00 16.56 ? 16  TYR A CB  1 
ATOM   120 C CG  . TYR A 1 15 ? -7.901  -5.451  4.622   1.00 15.41 ? 16  TYR A CG  1 
ATOM   121 C CD1 . TYR A 1 15 ? -9.130  -4.968  4.186   1.00 14.92 ? 16  TYR A CD1 1 
ATOM   122 C CD2 . TYR A 1 15 ? -6.760  -4.734  4.290   1.00 16.83 ? 16  TYR A CD2 1 
ATOM   123 C CE1 . TYR A 1 15 ? -9.216  -3.800  3.449   1.00 14.69 ? 16  TYR A CE1 1 
ATOM   124 C CE2 . TYR A 1 15 ? -6.836  -3.567  3.551   1.00 17.16 ? 16  TYR A CE2 1 
ATOM   125 C CZ  . TYR A 1 15 ? -8.063  -3.105  3.137   1.00 16.59 ? 16  TYR A CZ  1 
ATOM   126 O OH  . TYR A 1 15 ? -8.130  -1.941  2.412   1.00 18.36 ? 16  TYR A OH  1 
ATOM   127 N N   . LYS A 1 16 ? -9.422  -8.377  8.220   1.00 21.55 ? 17  LYS A N   1 
ATOM   128 C CA  . LYS A 1 16 ? -9.316  -9.532  9.100   1.00 24.10 ? 17  LYS A CA  1 
ATOM   129 C C   . LYS A 1 16 ? -9.300  -10.856 8.345   1.00 21.68 ? 17  LYS A C   1 
ATOM   130 O O   . LYS A 1 16 ? -8.939  -11.879 8.937   1.00 22.26 ? 17  LYS A O   1 
ATOM   131 C CB  . LYS A 1 16 ? -10.458 -9.507  10.116  1.00 30.19 ? 17  LYS A CB  1 
ATOM   132 C CG  . LYS A 1 16 ? -11.767 -8.967  9.540   1.00 37.34 ? 17  LYS A CG  1 
ATOM   133 C CD  . LYS A 1 16 ? -12.942 -9.160  10.504  1.00 42.31 ? 17  LYS A CD  1 
ATOM   134 C CE  . LYS A 1 16 ? -14.246 -9.406  9.744   1.00 44.92 ? 17  LYS A CE  1 
ATOM   135 N NZ  . LYS A 1 16 ? -15.253 -10.092 10.601  1.00 47.08 ? 17  LYS A NZ  1 
ATOM   136 N N   . HIS A 1 17 ? -9.672  -10.862 7.066   1.00 17.90 ? 18  HIS A N   1 
ATOM   137 C CA  . HIS A 1 17 ? -9.673  -12.067 6.253   1.00 16.58 ? 18  HIS A CA  1 
ATOM   138 C C   . HIS A 1 17 ? -8.363  -12.190 5.479   1.00 15.23 ? 18  HIS A C   1 
ATOM   139 O O   . HIS A 1 17 ? -7.766  -11.191 5.070   1.00 14.01 ? 18  HIS A O   1 
ATOM   140 C CB  . HIS A 1 17 ? -10.861 -12.068 5.289   1.00 17.22 ? 18  HIS A CB  1 
ATOM   141 C CG  . HIS A 1 17 ? -12.181 -12.257 5.968   1.00 20.87 ? 18  HIS A CG  1 
ATOM   142 N ND1 . HIS A 1 17 ? -12.774 -13.494 6.109   1.00 22.77 ? 18  HIS A ND1 1 
ATOM   143 C CD2 . HIS A 1 17 ? -13.016 -11.370 6.560   1.00 22.36 ? 18  HIS A CD2 1 
ATOM   144 C CE1 . HIS A 1 17 ? -13.920 -13.359 6.753   1.00 23.25 ? 18  HIS A CE1 1 
ATOM   145 N NE2 . HIS A 1 17 ? -14.089 -12.081 7.039   1.00 24.22 ? 18  HIS A NE2 1 
ATOM   146 N N   . ARG A 1 18 ? -7.932  -13.438 5.273   1.00 15.79 ? 19  ARG A N   1 
ATOM   147 C CA  . ARG A 1 18 ? -6.587  -13.692 4.763   1.00 16.53 ? 19  ARG A CA  1 
ATOM   148 C C   . ARG A 1 18 ? -6.366  -13.075 3.387   1.00 14.13 ? 19  ARG A C   1 
ATOM   149 O O   . ARG A 1 18 ? -5.308  -12.493 3.126   1.00 13.44 ? 19  ARG A O   1 
ATOM   150 C CB  . ARG A 1 18 ? -6.324  -15.197 4.709   1.00 20.59 ? 19  ARG A CB  1 
ATOM   151 C CG  . ARG A 1 18 ? -4.914  -15.547 4.247   1.00 27.04 ? 19  ARG A CG  1 
ATOM   152 C CD  . ARG A 1 18 ? -4.747  -17.035 3.990   1.00 33.15 ? 19  ARG A CD  1 
ATOM   153 N NE  . ARG A 1 18 ? -5.714  -17.525 3.009   1.00 39.66 ? 19  ARG A NE  1 
ATOM   154 C CZ  . ARG A 1 18 ? -5.595  -17.379 1.689   1.00 43.09 ? 19  ARG A CZ  1 
ATOM   155 N NH1 . ARG A 1 18 ? -4.544  -16.749 1.174   1.00 44.96 ? 19  ARG A NH1 1 
ATOM   156 N NH2 . ARG A 1 18 ? -6.530  -17.858 0.876   1.00 43.45 ? 19  ARG A NH2 1 
ATOM   157 N N   . VAL A 1 19 ? -7.336  -13.202 2.486   1.00 12.54 ? 20  VAL A N   1 
ATOM   158 C CA  . VAL A 1 19 ? -7.098  -12.810 1.095   1.00 10.31 ? 20  VAL A CA  1 
ATOM   159 C C   . VAL A 1 19 ? -6.956  -11.292 0.990   1.00 10.68 ? 20  VAL A C   1 
ATOM   160 O O   . VAL A 1 19 ? -5.947  -10.826 0.439   1.00 10.92 ? 20  VAL A O   1 
ATOM   161 C CB  . VAL A 1 19 ? -8.184  -13.353 0.155   1.00 8.67  ? 20  VAL A CB  1 
ATOM   162 C CG1 . VAL A 1 19 ? -7.971  -12.807 -1.259  1.00 8.97  ? 20  VAL A CG1 1 
ATOM   163 C CG2 . VAL A 1 19 ? -8.157  -14.867 0.152   1.00 10.28 ? 20  VAL A CG2 1 
ATOM   164 N N   . PRO A 1 20 ? -7.891  -10.473 1.493   1.00 11.13 ? 21  PRO A N   1 
ATOM   165 C CA  . PRO A 1 20 ? -7.657  -9.019  1.410   1.00 11.12 ? 21  PRO A CA  1 
ATOM   166 C C   . PRO A 1 20 ? -6.429  -8.558  2.182   1.00 11.20 ? 21  PRO A C   1 
ATOM   167 O O   . PRO A 1 20 ? -5.753  -7.621  1.735   1.00 11.33 ? 21  PRO A O   1 
ATOM   168 C CB  . PRO A 1 20 ? -8.954  -8.410  1.968   1.00 10.91 ? 21  PRO A CB  1 
ATOM   169 C CG  . PRO A 1 20 ? -9.612  -9.509  2.731   1.00 11.86 ? 21  PRO A CG  1 
ATOM   170 C CD  . PRO A 1 20 ? -9.236  -10.774 2.023   1.00 10.96 ? 21  PRO A CD  1 
ATOM   171 N N   . LYS A 1 21 ? -6.096  -9.193  3.312   1.00 10.56 ? 22  LYS A N   1 
ATOM   172 C CA  . LYS A 1 21 ? -4.899  -8.773  4.036   1.00 10.35 ? 22  LYS A CA  1 
ATOM   173 C C   . LYS A 1 21 ? -3.656  -8.987  3.182   1.00 11.16 ? 22  LYS A C   1 
ATOM   174 O O   . LYS A 1 21 ? -2.792  -8.104  3.077   1.00 12.13 ? 22  LYS A O   1 
ATOM   175 C CB  . LYS A 1 21 ? -4.783  -9.522  5.367   1.00 11.76 ? 22  LYS A CB  1 
ATOM   176 C CG  . LYS A 1 21 ? -3.667  -8.995  6.254   1.00 14.46 ? 22  LYS A CG  1 
ATOM   177 C CD  . LYS A 1 21 ? -3.345  -9.946  7.410   1.00 16.70 ? 22  LYS A CD  1 
ATOM   178 C CE  . LYS A 1 21 ? -4.461  -10.002 8.442   1.00 15.90 ? 22  LYS A CE  1 
ATOM   179 N NZ  . LYS A 1 21 ? -4.743  -8.671  9.039   1.00 17.49 ? 22  LYS A NZ  1 
ATOM   180 N N   . LYS A 1 22 ? -3.560  -10.151 2.541   1.00 10.05 ? 23  LYS A N   1 
ATOM   181 C CA  . LYS A 1 22 ? -2.429  -10.414 1.660   1.00 11.47 ? 23  LYS A CA  1 
ATOM   182 C C   . LYS A 1 22 ? -2.452  -9.488  0.449   1.00 10.59 ? 23  LYS A C   1 
ATOM   183 O O   . LYS A 1 22 ? -1.395  -9.027  -0.001  1.00 11.42 ? 23  LYS A O   1 
ATOM   184 C CB  . LYS A 1 22 ? -2.437  -11.880 1.229   1.00 15.37 ? 23  LYS A CB  1 
ATOM   185 C CG  . LYS A 1 22 ? -1.294  -12.262 0.311   1.00 21.12 ? 23  LYS A CG  1 
ATOM   186 C CD  . LYS A 1 22 ? 0.062   -12.014 0.978   1.00 27.82 ? 23  LYS A CD  1 
ATOM   187 C CE  . LYS A 1 22 ? 1.208   -12.660 0.197   1.00 31.56 ? 23  LYS A CE  1 
ATOM   188 N NZ  . LYS A 1 22 ? 1.321   -12.115 -1.186  1.00 33.75 ? 23  LYS A NZ  1 
ATOM   189 N N   . CYS A 1 23 ? -3.644  -9.195  -0.084  1.00 8.28  ? 24  CYS A N   1 
ATOM   190 C CA  . CYS A 1 23 ? -3.736  -8.266  -1.211  1.00 8.52  ? 24  CYS A CA  1 
ATOM   191 C C   . CYS A 1 23 ? -3.282  -6.868  -0.817  1.00 8.67  ? 24  CYS A C   1 
ATOM   192 O O   . CYS A 1 23 ? -2.689  -6.150  -1.630  1.00 9.72  ? 24  CYS A O   1 
ATOM   193 C CB  . CYS A 1 23 ? -5.162  -8.234  -1.759  1.00 7.57  ? 24  CYS A CB  1 
ATOM   194 S SG  . CYS A 1 23 ? -5.623  -9.819  -2.472  1.00 9.17  ? 24  CYS A SG  1 
ATOM   195 N N   . CYS A 1 24 ? -3.563  -6.459  0.420   1.00 8.18  ? 25  CYS A N   1 
ATOM   196 C CA  . CYS A 1 24 ? -3.020  -5.204  0.934   1.00 10.56 ? 25  CYS A CA  1 
ATOM   197 C C   . CYS A 1 24 ? -1.498  -5.197  0.866   1.00 9.92  ? 25  CYS A C   1 
ATOM   198 O O   . CYS A 1 24 ? -0.889  -4.265  0.324   1.00 8.79  ? 25  CYS A O   1 
ATOM   199 C CB  . CYS A 1 24 ? -3.500  -4.983  2.369   1.00 12.01 ? 25  CYS A CB  1 
ATOM   200 S SG  . CYS A 1 24 ? -2.667  -3.638  3.240   1.00 10.83 ? 25  CYS A SG  1 
ATOM   201 N N   . TYR A 1 25 ? -0.862  -6.237  1.408   1.00 9.69  ? 26  TYR A N   1 
ATOM   202 C CA  . TYR A 1 25 ? 0.596   -6.300  1.374   1.00 11.36 ? 26  TYR A CA  1 
ATOM   203 C C   . TYR A 1 25 ? 1.120   -6.283  -0.060  1.00 10.47 ? 26  TYR A C   1 
ATOM   204 O O   . TYR A 1 25 ? 2.115   -5.608  -0.356  1.00 10.40 ? 26  TYR A O   1 
ATOM   205 C CB  . TYR A 1 25 ? 1.080   -7.547  2.104   1.00 11.82 ? 26  TYR A CB  1 
ATOM   206 C CG  . TYR A 1 25 ? 0.849   -7.531  3.593   1.00 13.58 ? 26  TYR A CG  1 
ATOM   207 C CD1 . TYR A 1 25 ? 1.158   -6.409  4.356   1.00 14.43 ? 26  TYR A CD1 1 
ATOM   208 C CD2 . TYR A 1 25 ? 0.334   -8.648  4.242   1.00 15.11 ? 26  TYR A CD2 1 
ATOM   209 C CE1 . TYR A 1 25 ? 0.958   -6.402  5.735   1.00 16.45 ? 26  TYR A CE1 1 
ATOM   210 C CE2 . TYR A 1 25 ? 0.128   -8.655  5.607   1.00 16.95 ? 26  TYR A CE2 1 
ATOM   211 C CZ  . TYR A 1 25 ? 0.441   -7.533  6.350   1.00 17.27 ? 26  TYR A CZ  1 
ATOM   212 O OH  . TYR A 1 25 ? 0.235   -7.547  7.710   1.00 19.25 ? 26  TYR A OH  1 
ATOM   213 N N   . ASP A 1 26 ? 0.470   -7.023  -0.960  1.00 10.11 ? 27  ASP A N   1 
ATOM   214 C CA  . ASP A 1 26 ? 0.890   -7.039  -2.359  1.00 10.37 ? 27  ASP A CA  1 
ATOM   215 C C   . ASP A 1 26 ? 0.814   -5.646  -2.976  1.00 9.12  ? 27  ASP A C   1 
ATOM   216 O O   . ASP A 1 26 ? 1.736   -5.212  -3.675  1.00 9.83  ? 27  ASP A O   1 
ATOM   217 C CB  . ASP A 1 26 ? 0.023   -8.014  -3.160  1.00 12.88 ? 27  ASP A CB  1 
ATOM   218 C CG  . ASP A 1 26 ? 0.214   -9.455  -2.734  1.00 18.75 ? 27  ASP A CG  1 
ATOM   219 O OD1 . ASP A 1 26 ? 1.216   -9.754  -2.033  1.00 20.31 ? 27  ASP A OD1 1 
ATOM   220 O OD2 . ASP A 1 26 ? -0.641  -10.290 -3.106  1.00 21.90 ? 27  ASP A OD2 1 
ATOM   221 N N   . GLY A 1 27 ? -0.288  -4.933  -2.738  1.00 7.63  ? 28  GLY A N   1 
ATOM   222 C CA  . GLY A 1 27 ? -0.437  -3.606  -3.307  1.00 9.13  ? 28  GLY A CA  1 
ATOM   223 C C   . GLY A 1 27 ? 0.547   -2.599  -2.750  1.00 9.62  ? 28  GLY A C   1 
ATOM   224 O O   . GLY A 1 27 ? 0.915   -1.639  -3.439  1.00 9.70  ? 28  GLY A O   1 
ATOM   225 N N   . ALA A 1 28 ? 0.995   -2.805  -1.511  1.00 9.62  ? 29  ALA A N   1 
ATOM   226 C CA  . ALA A 1 28 ? 1.942   -1.896  -0.879  1.00 9.41  ? 29  ALA A CA  1 
ATOM   227 C C   . ALA A 1 28 ? 3.387   -2.137  -1.305  1.00 10.81 ? 29  ALA A C   1 
ATOM   228 O O   . ALA A 1 28 ? 4.252   -1.317  -0.975  1.00 12.16 ? 29  ALA A O   1 
ATOM   229 C CB  . ALA A 1 28 ? 1.824   -2.003  0.643   1.00 10.52 ? 29  ALA A CB  1 
ATOM   230 N N   . ARG A 1 29 ? 3.679   -3.230  -2.012  1.00 10.99 ? 30  ARG A N   1 
ATOM   231 C CA  . ARG A 1 29 ? 5.032   -3.440  -2.508  1.00 13.97 ? 30  ARG A CA  1 
ATOM   232 C C   . ARG A 1 29 ? 5.347   -2.446  -3.615  1.00 13.04 ? 30  ARG A C   1 
ATOM   233 O O   . ARG A 1 29 ? 4.458   -1.974  -4.330  1.00 13.95 ? 30  ARG A O   1 
ATOM   234 C CB  . ARG A 1 29 ? 5.211   -4.868  -3.017  1.00 17.94 ? 30  ARG A CB  1 
ATOM   235 C CG  . ARG A 1 29 ? 5.158   -5.890  -1.915  1.00 25.12 ? 30  ARG A CG  1 
ATOM   236 C CD  . ARG A 1 29 ? 5.449   -7.286  -2.421  1.00 32.83 ? 30  ARG A CD  1 
ATOM   237 N NE  . ARG A 1 29 ? 4.455   -8.240  -1.933  1.00 39.52 ? 30  ARG A NE  1 
ATOM   238 C CZ  . ARG A 1 29 ? 4.378   -8.675  -0.676  1.00 41.97 ? 30  ARG A CZ  1 
ATOM   239 N NH1 . ARG A 1 29 ? 5.242   -8.242  0.238   1.00 42.56 ? 30  ARG A NH1 1 
ATOM   240 N NH2 . ARG A 1 29 ? 3.428   -9.540  -0.335  1.00 41.67 ? 30  ARG A NH2 1 
ATOM   241 N N   . GLU A 1 30 ? 6.630   -2.122  -3.754  1.00 11.33 ? 31  GLU A N   1 
ATOM   242 C CA  . GLU A 1 30 ? 7.013   -1.073  -4.690  1.00 11.32 ? 31  GLU A CA  1 
ATOM   243 C C   . GLU A 1 30 ? 6.849   -1.532  -6.135  1.00 11.57 ? 31  GLU A C   1 
ATOM   244 O O   . GLU A 1 30 ? 7.183   -2.666  -6.492  1.00 11.85 ? 31  GLU A O   1 
ATOM   245 C CB  . GLU A 1 30 ? 8.455   -0.633  -4.449  1.00 13.31 ? 31  GLU A CB  1 
ATOM   246 C CG  . GLU A 1 30 ? 8.838   0.581   -5.279  1.00 15.75 ? 31  GLU A CG  1 
ATOM   247 C CD  . GLU A 1 30 ? 10.234  1.074   -4.982  1.00 20.18 ? 31  GLU A CD  1 
ATOM   248 O OE1 . GLU A 1 30 ? 11.089  0.251   -4.587  1.00 21.29 ? 31  GLU A OE1 1 
ATOM   249 O OE2 . GLU A 1 30 ? 10.475  2.290   -5.134  1.00 22.32 ? 31  GLU A OE2 1 
ATOM   250 N N   . ASN A 1 31 ? 6.316   -0.636  -6.966  1.00 10.96 ? 32  ASN A N   1 
ATOM   251 C CA  . ASN A 1 31 ? 6.345   -0.777  -8.424  1.00 12.28 ? 32  ASN A CA  1 
ATOM   252 C C   . ASN A 1 31 ? 6.618   0.629   -8.951  1.00 12.22 ? 32  ASN A C   1 
ATOM   253 O O   . ASN A 1 31 ? 5.708   1.459   -9.023  1.00 12.77 ? 32  ASN A O   1 
ATOM   254 C CB  . ASN A 1 31 ? 5.040   -1.357  -8.966  1.00 11.22 ? 32  ASN A CB  1 
ATOM   255 C CG  . ASN A 1 31 ? 4.996   -1.424  -10.500 1.00 11.89 ? 32  ASN A CG  1 
ATOM   256 O OD1 . ASN A 1 31 ? 5.735   -0.725  -11.196 1.00 12.86 ? 32  ASN A OD1 1 
ATOM   257 N ND2 . ASN A 1 31 ? 4.094   -2.255  -11.028 1.00 11.07 ? 32  ASN A ND2 1 
ATOM   258 N N   . LYS A 1 32 ? 7.869   0.898   -9.310  1.00 12.30 ? 33  LYS A N   1 
ATOM   259 C CA  . LYS A 1 32 ? 8.230   2.257   -9.684  1.00 13.83 ? 33  LYS A CA  1 
ATOM   260 C C   . LYS A 1 32 ? 7.834   2.592   -11.120 1.00 13.24 ? 33  LYS A C   1 
ATOM   261 O O   . LYS A 1 32 ? 8.112   3.704   -11.583 1.00 13.76 ? 33  LYS A O   1 
ATOM   262 C CB  . LYS A 1 32 ? 9.731   2.469   -9.471  1.00 18.52 ? 33  LYS A CB  1 
ATOM   263 C CG  . LYS A 1 32 ? 10.607  1.649   -10.372 1.00 22.66 ? 33  LYS A CG  1 
ATOM   264 C CD  . LYS A 1 32 ? 12.079  1.889   -10.081 1.00 27.33 ? 33  LYS A CD  1 
ATOM   265 C CE  . LYS A 1 32 ? 12.572  1.007   -8.956  1.00 31.79 ? 33  LYS A CE  1 
ATOM   266 N NZ  . LYS A 1 32 ? 14.059  0.828   -9.011  1.00 34.68 ? 33  LYS A NZ  1 
ATOM   267 N N   . TYR A 1 33 ? 7.169   1.677   -11.824 1.00 11.88 ? 34  TYR A N   1 
ATOM   268 C CA  . TYR A 1 33 ? 6.861   1.868   -13.235 1.00 12.98 ? 34  TYR A CA  1 
ATOM   269 C C   . TYR A 1 33 ? 5.403   2.191   -13.506 1.00 13.65 ? 34  TYR A C   1 
ATOM   270 O O   . TYR A 1 33 ? 5.084   2.620   -14.619 1.00 15.54 ? 34  TYR A O   1 
ATOM   271 C CB  . TYR A 1 33 ? 7.261   0.615   -14.035 1.00 12.81 ? 34  TYR A CB  1 
ATOM   272 C CG  . TYR A 1 33 ? 8.704   0.243   -13.800 1.00 12.41 ? 34  TYR A CG  1 
ATOM   273 C CD1 . TYR A 1 33 ? 9.732   0.943   -14.434 1.00 12.30 ? 34  TYR A CD1 1 
ATOM   274 C CD2 . TYR A 1 33 ? 9.048   -0.777  -12.921 1.00 11.85 ? 34  TYR A CD2 1 
ATOM   275 C CE1 . TYR A 1 33 ? 11.050  0.624   -14.214 1.00 13.89 ? 34  TYR A CE1 1 
ATOM   276 C CE2 . TYR A 1 33 ? 10.379  -1.101  -12.697 1.00 12.70 ? 34  TYR A CE2 1 
ATOM   277 C CZ  . TYR A 1 33 ? 11.368  -0.399  -13.350 1.00 14.73 ? 34  TYR A CZ  1 
ATOM   278 O OH  . TYR A 1 33 ? 12.689  -0.712  -13.128 1.00 17.13 ? 34  TYR A OH  1 
ATOM   279 N N   . GLU A 1 34 ? 4.513   1.983   -12.542 1.00 11.15 ? 35  GLU A N   1 
ATOM   280 C CA  . GLU A 1 34 ? 3.083   2.101   -12.786 1.00 12.20 ? 35  GLU A CA  1 
ATOM   281 C C   . GLU A 1 34 ? 2.396   2.725   -11.585 1.00 12.00 ? 35  GLU A C   1 
ATOM   282 O O   . GLU A 1 34 ? 2.868   2.624   -10.452 1.00 13.99 ? 35  GLU A O   1 
ATOM   283 C CB  . GLU A 1 34 ? 2.436   0.737   -13.062 1.00 12.60 ? 35  GLU A CB  1 
ATOM   284 C CG  . GLU A 1 34 ? 2.983   0.004   -14.263 1.00 14.23 ? 35  GLU A CG  1 
ATOM   285 C CD  . GLU A 1 34 ? 2.377   -1.371  -14.396 1.00 17.28 ? 35  GLU A CD  1 
ATOM   286 O OE1 . GLU A 1 34 ? 1.723   -1.643  -15.426 1.00 19.97 ? 35  GLU A OE1 1 
ATOM   287 O OE2 . GLU A 1 34 ? 2.538   -2.173  -13.455 1.00 16.62 ? 35  GLU A OE2 1 
ATOM   288 N N   . THR A 1 35 ? 1.245   3.338   -11.846 1.00 11.01 ? 36  THR A N   1 
ATOM   289 C CA  . THR A 1 35 ? 0.409   3.863   -10.778 1.00 9.68  ? 36  THR A CA  1 
ATOM   290 C C   . THR A 1 35 ? -0.424  2.745   -10.148 1.00 9.37  ? 36  THR A C   1 
ATOM   291 O O   . THR A 1 35 ? -0.569  1.648   -10.695 1.00 10.33 ? 36  THR A O   1 
ATOM   292 C CB  . THR A 1 35 ? -0.522  4.946   -11.301 1.00 10.96 ? 36  THR A CB  1 
ATOM   293 O OG1 . THR A 1 35 ? -1.467  4.346   -12.193 1.00 13.15 ? 36  THR A OG1 1 
ATOM   294 C CG2 . THR A 1 35 ? 0.263   6.034   -12.035 1.00 11.28 ? 36  THR A CG2 1 
ATOM   295 N N   . CYS A 1 36 ? -1.002  3.049   -8.987  1.00 8.26  ? 37  CYS A N   1 
ATOM   296 C CA  . CYS A 1 36 ? -1.883  2.083   -8.337  1.00 10.10 ? 37  CYS A CA  1 
ATOM   297 C C   . CYS A 1 36 ? -3.036  1.671   -9.241  1.00 11.97 ? 37  CYS A C   1 
ATOM   298 O O   . CYS A 1 36 ? -3.408  0.492   -9.286  1.00 10.20 ? 37  CYS A O   1 
ATOM   299 C CB  . CYS A 1 36 ? -2.424  2.665   -7.042  1.00 10.50 ? 37  CYS A CB  1 
ATOM   300 S SG  . CYS A 1 36 ? -1.158  2.855   -5.822  1.00 10.04 ? 37  CYS A SG  1 
ATOM   301 N N   . GLU A 1 37 ? -3.622  2.625   -9.966  1.00 13.87 ? 38  GLU A N   1 
ATOM   302 C CA  . GLU A 1 37 ? -4.771  2.273   -10.788 1.00 17.87 ? 38  GLU A CA  1 
ATOM   303 C C   . GLU A 1 37 ? -4.364  1.395   -11.969 1.00 15.83 ? 38  GLU A C   1 
ATOM   304 O O   . GLU A 1 37 ? -5.149  0.545   -12.401 1.00 18.06 ? 38  GLU A O   1 
ATOM   305 C CB  . GLU A 1 37 ? -5.502  3.539   -11.240 1.00 25.48 ? 38  GLU A CB  1 
ATOM   306 C CG  . GLU A 1 37 ? -4.889  4.250   -12.405 1.00 32.20 ? 38  GLU A CG  1 
ATOM   307 C CD  . GLU A 1 37 ? -5.502  3.827   -13.730 1.00 38.74 ? 38  GLU A CD  1 
ATOM   308 O OE1 . GLU A 1 37 ? -6.470  3.030   -13.720 1.00 40.32 ? 38  GLU A OE1 1 
ATOM   309 O OE2 . GLU A 1 37 ? -5.011  4.293   -14.784 1.00 41.18 ? 38  GLU A OE2 1 
ATOM   310 N N   . GLN A 1 38 ? -3.145  1.560   -12.486 1.00 13.31 ? 39  GLN A N   1 
ATOM   311 C CA  . GLN A 1 38 ? -2.665  0.640   -13.516 1.00 12.71 ? 39  GLN A CA  1 
ATOM   312 C C   . GLN A 1 38 ? -2.425  -0.751  -12.938 1.00 13.52 ? 39  GLN A C   1 
ATOM   313 O O   . GLN A 1 38 ? -2.741  -1.763  -13.579 1.00 15.40 ? 39  GLN A O   1 
ATOM   314 C CB  . GLN A 1 38 ? -1.379  1.178   -14.152 1.00 13.81 ? 39  GLN A CB  1 
ATOM   315 C CG  . GLN A 1 38 ? -1.583  2.392   -15.045 1.00 15.02 ? 39  GLN A CG  1 
ATOM   316 C CD  . GLN A 1 38 ? -0.273  3.037   -15.462 1.00 17.42 ? 39  GLN A CD  1 
ATOM   317 O OE1 . GLN A 1 38 ? 0.668   3.126   -14.677 1.00 16.95 ? 39  GLN A OE1 1 
ATOM   318 N NE2 . GLN A 1 38 ? -0.208  3.488   -16.705 1.00 21.01 ? 39  GLN A NE2 1 
ATOM   319 N N   . ARG A 1 39 ? -1.850  -0.814  -11.736 1.00 11.32 ? 40  ARG A N   1 
ATOM   320 C CA  . ARG A 1 39 ? -1.485  -2.098  -11.147 1.00 10.22 ? 40  ARG A CA  1 
ATOM   321 C C   . ARG A 1 39 ? -2.715  -2.901  -10.752 1.00 9.67  ? 40  ARG A C   1 
ATOM   322 O O   . ARG A 1 39 ? -2.758  -4.120  -10.961 1.00 9.81  ? 40  ARG A O   1 
ATOM   323 C CB  . ARG A 1 39 ? -0.582  -1.877  -9.930  1.00 9.54  ? 40  ARG A CB  1 
ATOM   324 C CG  . ARG A 1 39 ? 0.743   -1.192  -10.269 1.00 9.66  ? 40  ARG A CG  1 
ATOM   325 C CD  . ARG A 1 39 ? 1.438   -0.692  -9.015  1.00 10.55 ? 40  ARG A CD  1 
ATOM   326 N NE  . ARG A 1 39 ? 1.729   -1.799  -8.110  1.00 9.97  ? 40  ARG A NE  1 
ATOM   327 C CZ  . ARG A 1 39 ? 2.278   -1.667  -6.906  1.00 10.29 ? 40  ARG A CZ  1 
ATOM   328 N NH1 . ARG A 1 39 ? 2.616   -0.465  -6.443  1.00 9.63  ? 40  ARG A NH1 1 
ATOM   329 N NH2 . ARG A 1 39 ? 2.501   -2.745  -6.168  1.00 10.53 ? 40  ARG A NH2 1 
ATOM   330 N N   . VAL A 1 40 ? -3.726  -2.243  -10.180 1.00 10.73 ? 41  VAL A N   1 
ATOM   331 C CA  . VAL A 1 40 ? -4.868  -2.995  -9.667  1.00 10.22 ? 41  VAL A CA  1 
ATOM   332 C C   . VAL A 1 40 ? -5.681  -3.616  -10.800 1.00 9.69  ? 41  VAL A C   1 
ATOM   333 O O   . VAL A 1 40 ? -6.434  -4.572  -10.569 1.00 9.59  ? 41  VAL A O   1 
ATOM   334 C CB  . VAL A 1 40 ? -5.727  -2.093  -8.754  1.00 10.60 ? 41  VAL A CB  1 
ATOM   335 C CG1 . VAL A 1 40 ? -6.526  -1.098  -9.581  1.00 12.14 ? 41  VAL A CG1 1 
ATOM   336 C CG2 . VAL A 1 40 ? -6.634  -2.935  -7.841  1.00 11.97 ? 41  VAL A CG2 1 
ATOM   337 N N   . ALA A 1 41 ? -5.525  -3.117  -12.030 1.00 10.70 ? 42  ALA A N   1 
ATOM   338 C CA  . ALA A 1 41 ? -6.180  -3.725  -13.184 1.00 11.35 ? 42  ALA A CA  1 
ATOM   339 C C   . ALA A 1 41 ? -5.822  -5.202  -13.340 1.00 11.93 ? 42  ALA A C   1 
ATOM   340 O O   . ALA A 1 41 ? -6.602  -5.968  -13.924 1.00 13.43 ? 42  ALA A O   1 
ATOM   341 C CB  . ALA A 1 41 ? -5.799  -2.957  -14.456 1.00 11.87 ? 42  ALA A CB  1 
ATOM   342 N N   . ARG A 1 42 ? -4.650  -5.619  -12.843 1.00 11.63 ? 43  ARG A N   1 
ATOM   343 C CA  . ARG A 1 42 ? -4.198  -7.005  -12.943 1.00 12.82 ? 43  ARG A CA  1 
ATOM   344 C C   . ARG A 1 42 ? -4.706  -7.894  -11.826 1.00 13.05 ? 43  ARG A C   1 
ATOM   345 O O   . ARG A 1 42 ? -4.434  -9.102  -11.849 1.00 14.10 ? 43  ARG A O   1 
ATOM   346 C CB  . ARG A 1 42 ? -2.672  -7.090  -12.924 1.00 14.39 ? 43  ARG A CB  1 
ATOM   347 C CG  . ARG A 1 42 ? -2.021  -6.388  -14.039 1.00 16.79 ? 43  ARG A CG  1 
ATOM   348 C CD  . ARG A 1 42 ? -0.576  -6.805  -14.142 1.00 17.36 ? 43  ARG A CD  1 
ATOM   349 N NE  . ARG A 1 42 ? 0.058   -5.987  -15.146 1.00 19.50 ? 43  ARG A NE  1 
ATOM   350 C CZ  . ARG A 1 42 ? 0.637   -4.826  -14.882 1.00 19.57 ? 43  ARG A CZ  1 
ATOM   351 N NH1 . ARG A 1 42 ? 0.677   -4.378  -13.631 1.00 17.15 ? 43  ARG A NH1 1 
ATOM   352 N NH2 . ARG A 1 42 ? 1.185   -4.132  -15.866 1.00 22.11 ? 43  ARG A NH2 1 
ATOM   353 N N   . VAL A 1 43 ? -5.387  -7.341  -10.831 1.00 11.82 ? 44  VAL A N   1 
ATOM   354 C CA  . VAL A 1 43 ? -5.898  -8.155  -9.735  1.00 12.49 ? 44  VAL A CA  1 
ATOM   355 C C   . VAL A 1 43 ? -7.157  -8.858  -10.219 1.00 12.27 ? 44  VAL A C   1 
ATOM   356 O O   . VAL A 1 43 ? -8.138  -8.207  -10.584 1.00 13.42 ? 44  VAL A O   1 
ATOM   357 C CB  . VAL A 1 43 ? -6.183  -7.301  -8.492  1.00 13.81 ? 44  VAL A CB  1 
ATOM   358 C CG1 . VAL A 1 43 ? -6.940  -8.132  -7.459  1.00 13.21 ? 44  VAL A CG1 1 
ATOM   359 C CG2 . VAL A 1 43 ? -4.887  -6.740  -7.916  1.00 14.99 ? 44  VAL A CG2 1 
ATOM   360 N N   . THR A 1 44 ? -7.132  -10.189 -10.222 1.00 11.70 ? 45  THR A N   1 
ATOM   361 C CA  . THR A 1 44 ? -8.239  -10.963 -10.761 1.00 12.69 ? 45  THR A CA  1 
ATOM   362 C C   . THR A 1 44 ? -8.899  -11.889 -9.751  1.00 12.78 ? 45  THR A C   1 
ATOM   363 O O   . THR A 1 44 ? -9.829  -12.613 -10.128 1.00 15.70 ? 45  THR A O   1 
ATOM   364 C CB  . THR A 1 44 ? -7.777  -11.795 -11.967 1.00 14.14 ? 45  THR A CB  1 
ATOM   365 O OG1 . THR A 1 44 ? -6.704  -12.667 -11.574 1.00 14.86 ? 45  THR A OG1 1 
ATOM   366 C CG2 . THR A 1 44 ? -7.302  -10.883 -13.092 1.00 15.17 ? 45  THR A CG2 1 
ATOM   367 N N   . ILE A 1 45 ? -8.461  -11.893 -8.491  1.00 10.73 ? 46  ILE A N   1 
ATOM   368 C CA  . ILE A 1 45 ? -9.017  -12.828 -7.514  1.00 11.56 ? 46  ILE A CA  1 
ATOM   369 C C   . ILE A 1 45 ? -10.070 -12.166 -6.625  1.00 12.28 ? 46  ILE A C   1 
ATOM   370 O O   . ILE A 1 45 ? -10.199 -12.491 -5.437  1.00 14.15 ? 46  ILE A O   1 
ATOM   371 C CB  . ILE A 1 45 ? -7.901  -13.481 -6.677  1.00 11.18 ? 46  ILE A CB  1 
ATOM   372 C CG1 . ILE A 1 45 ? -7.091  -12.431 -5.911  1.00 10.75 ? 46  ILE A CG1 1 
ATOM   373 C CG2 . ILE A 1 45 ? -6.990  -14.315 -7.585  1.00 13.60 ? 46  ILE A CG2 1 
ATOM   374 C CD1 . ILE A 1 45 ? -6.296  -13.024 -4.764  1.00 12.52 ? 46  ILE A CD1 1 
ATOM   375 N N   . GLY A 1 46 ? -10.858 -11.263 -7.196  1.00 10.87 ? 47  GLY A N   1 
ATOM   376 C CA  . GLY A 1 46 ? -12.091 -10.862 -6.561  1.00 9.96  ? 47  GLY A CA  1 
ATOM   377 C C   . GLY A 1 46 ? -12.118 -9.452  -6.008  1.00 10.79 ? 47  GLY A C   1 
ATOM   378 O O   . GLY A 1 46 ? -11.096 -8.761  -5.915  1.00 10.04 ? 47  GLY A O   1 
ATOM   379 N N   . PRO A 1 47 ? -13.314 -9.014  -5.603  1.00 11.02 ? 48  PRO A N   1 
ATOM   380 C CA  . PRO A 1 47 ? -13.495 -7.605  -5.224  1.00 11.42 ? 48  PRO A CA  1 
ATOM   381 C C   . PRO A 1 47 ? -12.846 -7.230  -3.904  1.00 11.42 ? 48  PRO A C   1 
ATOM   382 O O   . PRO A 1 47 ? -12.447 -6.071  -3.739  1.00 12.04 ? 48  PRO A O   1 
ATOM   383 C CB  . PRO A 1 47 ? -15.022 -7.454  -5.166  1.00 10.88 ? 48  PRO A CB  1 
ATOM   384 C CG  . PRO A 1 47 ? -15.531 -8.832  -4.887  1.00 11.98 ? 48  PRO A CG  1 
ATOM   385 C CD  . PRO A 1 47 ? -14.576 -9.779  -5.564  1.00 12.13 ? 48  PRO A CD  1 
ATOM   386 N N   . HIS A 1 48 ? -12.725 -8.156  -2.952  1.00 11.20 ? 49  HIS A N   1 
ATOM   387 C CA  . HIS A 1 48 ? -12.056 -7.809  -1.700  1.00 12.58 ? 49  HIS A CA  1 
ATOM   388 C C   . HIS A 1 48 ? -10.564 -7.593  -1.922  1.00 10.91 ? 49  HIS A C   1 
ATOM   389 O O   . HIS A 1 48 ? -9.952  -6.700  -1.311  1.00 11.30 ? 49  HIS A O   1 
ATOM   390 C CB  . HIS A 1 48 ? -12.323 -8.901  -0.666  1.00 16.95 ? 49  HIS A CB  1 
ATOM   391 C CG  . HIS A 1 48 ? -13.770 -9.279  -0.585  1.00 22.97 ? 49  HIS A CG  1 
ATOM   392 N ND1 . HIS A 1 48 ? -14.781 -8.343  -0.613  1.00 27.54 ? 49  HIS A ND1 1 
ATOM   393 C CD2 . HIS A 1 48 ? -14.378 -10.488 -0.536  1.00 25.66 ? 49  HIS A CD2 1 
ATOM   394 C CE1 . HIS A 1 48 ? -15.950 -8.957  -0.553  1.00 28.52 ? 49  HIS A CE1 1 
ATOM   395 N NE2 . HIS A 1 48 ? -15.734 -10.258 -0.511  1.00 28.11 ? 49  HIS A NE2 1 
ATOM   396 N N   . CYS A 1 49 ? -9.970  -8.383  -2.812  1.00 9.08  ? 50  CYS A N   1 
ATOM   397 C CA  . CYS A 1 49 ? -8.576  -8.175  -3.179  1.00 9.25  ? 50  CYS A CA  1 
ATOM   398 C C   . CYS A 1 49 ? -8.393  -6.851  -3.905  1.00 8.91  ? 50  CYS A C   1 
ATOM   399 O O   . CYS A 1 49 ? -7.457  -6.101  -3.614  1.00 9.57  ? 50  CYS A O   1 
ATOM   400 C CB  . CYS A 1 49 ? -8.089  -9.330  -4.050  1.00 9.45  ? 50  CYS A CB  1 
ATOM   401 S SG  . CYS A 1 49 ? -6.315  -9.313  -4.308  1.00 9.17  ? 50  CYS A SG  1 
ATOM   402 N N   . ILE A 1 50 ? -9.280  -6.546  -4.861  1.00 8.61  ? 51  ILE A N   1 
ATOM   403 C CA  . ILE A 1 50 ? -9.189  -5.271  -5.572  1.00 8.32  ? 51  ILE A CA  1 
ATOM   404 C C   . ILE A 1 50 ? -9.175  -4.110  -4.584  1.00 8.79  ? 51  ILE A C   1 
ATOM   405 O O   . ILE A 1 50 ? -8.314  -3.222  -4.655  1.00 8.27  ? 51  ILE A O   1 
ATOM   406 C CB  . ILE A 1 50 ? -10.338 -5.129  -6.586  1.00 7.31  ? 51  ILE A CB  1 
ATOM   407 C CG1 . ILE A 1 50 ? -10.132 -6.067  -7.788  1.00 8.89  ? 51  ILE A CG1 1 
ATOM   408 C CG2 . ILE A 1 50 ? -10.450 -3.672  -7.040  1.00 6.95  ? 51  ILE A CG2 1 
ATOM   409 C CD1 . ILE A 1 50 ? -11.351 -6.160  -8.715  1.00 10.14 ? 51  ILE A CD1 1 
ATOM   410 N N   . ARG A 1 51 ? -10.123 -4.103  -3.642  1.00 8.02  ? 52  ARG A N   1 
ATOM   411 C CA  . ARG A 1 51 ? -10.244 -2.978  -2.712  1.00 8.43  ? 52  ARG A CA  1 
ATOM   412 C C   . ARG A 1 51 ? -8.994  -2.826  -1.857  1.00 8.67  ? 52  ARG A C   1 
ATOM   413 O O   . ARG A 1 51 ? -8.450  -1.721  -1.720  1.00 10.85 ? 52  ARG A O   1 
ATOM   414 C CB  . ARG A 1 51 ? -11.473 -3.162  -1.821  1.00 9.27  ? 52  ARG A CB  1 
ATOM   415 C CG  . ARG A 1 51 ? -11.716 -2.009  -0.847  1.00 8.53  ? 52  ARG A CG  1 
ATOM   416 C CD  . ARG A 1 51 ? -12.871 -2.316  0.105   1.00 10.11 ? 52  ARG A CD  1 
ATOM   417 N NE  . ARG A 1 51 ? -14.031 -2.773  -0.649  1.00 12.15 ? 52  ARG A NE  1 
ATOM   418 C CZ  . ARG A 1 51 ? -14.913 -1.963  -1.224  1.00 13.16 ? 52  ARG A CZ  1 
ATOM   419 N NH1 . ARG A 1 51 ? -15.922 -2.475  -1.903  1.00 14.61 ? 52  ARG A NH1 1 
ATOM   420 N NH2 . ARG A 1 51 ? -14.794 -0.645  -1.106  1.00 13.21 ? 52  ARG A NH2 1 
ATOM   421 N N   . ALA A 1 52 ? -8.528  -3.928  -1.265  1.00 7.98  ? 53  ALA A N   1 
ATOM   422 C CA  . ALA A 1 52 ? -7.388  -3.877  -0.351  1.00 9.11  ? 53  ALA A CA  1 
ATOM   423 C C   . ALA A 1 52 ? -6.088  -3.573  -1.086  1.00 9.34  ? 53  ALA A C   1 
ATOM   424 O O   . ALA A 1 52 ? -5.265  -2.776  -0.608  1.00 9.99  ? 53  ALA A O   1 
ATOM   425 C CB  . ALA A 1 52 ? -7.283  -5.199  0.411   1.00 9.02  ? 53  ALA A CB  1 
ATOM   426 N N   . PHE A 1 53 ? -5.869  -4.220  -2.236  1.00 8.27  ? 54  PHE A N   1 
ATOM   427 C CA  . PHE A 1 53 ? -4.702  -3.910  -3.058  1.00 9.33  ? 54  PHE A CA  1 
ATOM   428 C C   . PHE A 1 53 ? -4.647  -2.418  -3.364  1.00 10.08 ? 54  PHE A C   1 
ATOM   429 O O   . PHE A 1 53 ? -3.620  -1.758  -3.155  1.00 9.24  ? 54  PHE A O   1 
ATOM   430 C CB  . PHE A 1 53 ? -4.750  -4.736  -4.353  1.00 7.64  ? 54  PHE A CB  1 
ATOM   431 C CG  . PHE A 1 53 ? -3.521  -4.603  -5.220  1.00 9.73  ? 54  PHE A CG  1 
ATOM   432 C CD1 . PHE A 1 53 ? -3.298  -3.453  -5.972  1.00 9.20  ? 54  PHE A CD1 1 
ATOM   433 C CD2 . PHE A 1 53 ? -2.599  -5.638  -5.292  1.00 10.79 ? 54  PHE A CD2 1 
ATOM   434 C CE1 . PHE A 1 53 ? -2.171  -3.332  -6.774  1.00 10.04 ? 54  PHE A CE1 1 
ATOM   435 C CE2 . PHE A 1 53 ? -1.472  -5.533  -6.096  1.00 11.95 ? 54  PHE A CE2 1 
ATOM   436 C CZ  . PHE A 1 53 ? -1.254  -4.378  -6.840  1.00 12.03 ? 54  PHE A CZ  1 
ATOM   437 N N   . ASN A 1 54 ? -5.759  -1.862  -3.843  1.00 9.60  ? 55  ASN A N   1 
ATOM   438 C CA  . ASN A 1 54 ? -5.758  -0.453  -4.222  1.00 9.48  ? 55  ASN A CA  1 
ATOM   439 C C   . ASN A 1 54 ? -5.555  0.459   -3.017  1.00 10.59 ? 55  ASN A C   1 
ATOM   440 O O   . ASN A 1 54 ? -4.828  1.458   -3.102  1.00 11.48 ? 55  ASN A O   1 
ATOM   441 C CB  . ASN A 1 54 ? -7.057  -0.098  -4.931  1.00 10.70 ? 55  ASN A CB  1 
ATOM   442 C CG  . ASN A 1 54 ? -7.066  1.327   -5.407  1.00 12.63 ? 55  ASN A CG  1 
ATOM   443 O OD1 . ASN A 1 54 ? -6.327  1.676   -6.321  1.00 13.78 ? 55  ASN A OD1 1 
ATOM   444 N ND2 . ASN A 1 54 ? -7.887  2.172   -4.782  1.00 14.24 ? 55  ASN A ND2 1 
ATOM   445 N N   . GLU A 1 55 ? -6.200  0.150   -1.892  1.00 10.02 ? 56  GLU A N   1 
ATOM   446 C CA  . GLU A 1 55 ? -6.108  1.036   -0.739  1.00 11.91 ? 56  GLU A CA  1 
ATOM   447 C C   . GLU A 1 55 ? -4.689  1.061   -0.187  1.00 11.05 ? 56  GLU A C   1 
ATOM   448 O O   . GLU A 1 55 ? -4.150  2.131   0.105   1.00 12.09 ? 56  GLU A O   1 
ATOM   449 C CB  . GLU A 1 55 ? -7.103  0.608   0.339   1.00 15.91 ? 56  GLU A CB  1 
ATOM   450 C CG  . GLU A 1 55 ? -7.120  1.525   1.567   1.00 21.55 ? 56  GLU A CG  1 
ATOM   451 C CD  . GLU A 1 55 ? -7.547  2.949   1.246   1.00 28.27 ? 56  GLU A CD  1 
ATOM   452 O OE1 . GLU A 1 55 ? -8.283  3.151   0.256   1.00 29.85 ? 56  GLU A OE1 1 
ATOM   453 O OE2 . GLU A 1 55 ? -7.144  3.872   1.990   1.00 31.95 ? 56  GLU A OE2 1 
ATOM   454 N N   . CYS A 1 56 ? -4.063  -0.109  -0.050  1.00 9.67  ? 57  CYS A N   1 
ATOM   455 C CA  . CYS A 1 56 ? -2.708  -0.151  0.498   1.00 9.37  ? 57  CYS A CA  1 
ATOM   456 C C   . CYS A 1 56 ? -1.682  0.352   -0.506  1.00 9.07  ? 57  CYS A C   1 
ATOM   457 O O   . CYS A 1 56 ? -0.685  0.974   -0.113  1.00 9.30  ? 57  CYS A O   1 
ATOM   458 C CB  . CYS A 1 56 ? -2.385  -1.566  0.978   1.00 9.16  ? 57  CYS A CB  1 
ATOM   459 S SG  . CYS A 1 56 ? -3.446  -1.981  2.382   1.00 10.20 ? 57  CYS A SG  1 
ATOM   460 N N   . CYS A 1 57 ? -1.911  0.117   -1.801  1.00 8.11  ? 58  CYS A N   1 
ATOM   461 C CA  . CYS A 1 57 ? -1.062  0.751   -2.806  1.00 8.21  ? 58  CYS A CA  1 
ATOM   462 C C   . CYS A 1 57 ? -1.123  2.269   -2.685  1.00 8.25  ? 58  CYS A C   1 
ATOM   463 O O   . CYS A 1 57 ? -0.092  2.950   -2.742  1.00 8.65  ? 58  CYS A O   1 
ATOM   464 C CB  . CYS A 1 57 ? -1.479  0.306   -4.209  1.00 8.70  ? 58  CYS A CB  1 
ATOM   465 S SG  . CYS A 1 57 ? -0.437  0.976   -5.533  1.00 9.84  ? 58  CYS A SG  1 
ATOM   466 N N   . THR A 1 58 ? -2.328  2.818   -2.523  1.00 8.80  ? 59  THR A N   1 
ATOM   467 C CA  . THR A 1 58 ? -2.476  4.266   -2.433  1.00 9.10  ? 59  THR A CA  1 
ATOM   468 C C   . THR A 1 58 ? -1.744  4.820   -1.218  1.00 10.27 ? 59  THR A C   1 
ATOM   469 O O   . THR A 1 58 ? -1.019  5.822   -1.320  1.00 11.27 ? 59  THR A O   1 
ATOM   470 C CB  . THR A 1 58 ? -3.966  4.627   -2.391  1.00 11.12 ? 59  THR A CB  1 
ATOM   471 O OG1 . THR A 1 58 ? -4.600  4.134   -3.580  1.00 12.02 ? 59  THR A OG1 1 
ATOM   472 C CG2 . THR A 1 58 ? -4.160  6.130   -2.307  1.00 12.37 ? 59  THR A CG2 1 
ATOM   473 N N   . ILE A 1 59 ? -1.901  4.163   -0.066  1.00 10.48 ? 60  ILE A N   1 
ATOM   474 C CA  . ILE A 1 59 ? -1.222  4.593   1.157   1.00 9.07  ? 60  ILE A CA  1 
ATOM   475 C C   . ILE A 1 59 ? 0.287   4.559   0.967   1.00 9.58  ? 60  ILE A C   1 
ATOM   476 O O   . ILE A 1 59 ? 0.996   5.516   1.300   1.00 10.29 ? 60  ILE A O   1 
ATOM   477 C CB  . ILE A 1 59 ? -1.656  3.711   2.340   1.00 9.58  ? 60  ILE A CB  1 
ATOM   478 C CG1 . ILE A 1 59 ? -3.114  3.988   2.703   1.00 10.36 ? 60  ILE A CG1 1 
ATOM   479 C CG2 . ILE A 1 59 ? -0.728  3.915   3.545   1.00 9.39  ? 60  ILE A CG2 1 
ATOM   480 C CD1 . ILE A 1 59 ? -3.702  2.967   3.667   1.00 11.48 ? 60  ILE A CD1 1 
ATOM   481 N N   . ALA A 1 60 ? 0.795   3.447   0.426   1.00 10.07 ? 61  ALA A N   1 
ATOM   482 C CA  . ALA A 1 60 ? 2.238   3.274   0.300   1.00 8.99  ? 61  ALA A CA  1 
ATOM   483 C C   . ALA A 1 60 ? 2.834   4.269   -0.687  1.00 8.94  ? 61  ALA A C   1 
ATOM   484 O O   . ALA A 1 60 ? 3.886   4.859   -0.412  1.00 10.48 ? 61  ALA A O   1 
ATOM   485 C CB  . ALA A 1 60 ? 2.561   1.834   -0.112  1.00 8.08  ? 61  ALA A CB  1 
ATOM   486 N N   . ASP A 1 61 ? 2.182   4.477   -1.834  1.00 7.30  ? 62  ASP A N   1 
ATOM   487 C CA  . ASP A 1 61 ? 2.738   5.395   -2.827  1.00 9.23  ? 62  ASP A CA  1 
ATOM   488 C C   . ASP A 1 61 ? 2.749   6.826   -2.314  1.00 8.78  ? 62  ASP A C   1 
ATOM   489 O O   . ASP A 1 61 ? 3.678   7.584   -2.607  1.00 10.21 ? 62  ASP A O   1 
ATOM   490 C CB  . ASP A 1 61 ? 1.966   5.301   -4.140  1.00 10.14 ? 62  ASP A CB  1 
ATOM   491 C CG  . ASP A 1 61 ? 2.503   4.203   -5.046  1.00 11.16 ? 62  ASP A CG  1 
ATOM   492 O OD1 . ASP A 1 61 ? 3.208   3.303   -4.537  1.00 12.06 ? 62  ASP A OD1 1 
ATOM   493 O OD2 . ASP A 1 61 ? 2.236   4.243   -6.268  1.00 11.62 ? 62  ASP A OD2 1 
ATOM   494 N N   . LYS A 1 62 ? 1.726   7.217   -1.551  1.00 8.81  ? 63  LYS A N   1 
ATOM   495 C CA  . LYS A 1 62 ? 1.719   8.545   -0.950  1.00 9.67  ? 63  LYS A CA  1 
ATOM   496 C C   . LYS A 1 62 ? 2.890   8.722   0.011   1.00 9.93  ? 63  LYS A C   1 
ATOM   497 O O   . LYS A 1 62 ? 3.548   9.771   0.017   1.00 10.06 ? 63  LYS A O   1 
ATOM   498 C CB  . LYS A 1 62 ? 0.380   8.788   -0.242  1.00 10.75 ? 63  LYS A CB  1 
ATOM   499 C CG  . LYS A 1 62 ? 0.319   10.105  0.511   1.00 13.17 ? 63  LYS A CG  1 
ATOM   500 C CD  . LYS A 1 62 ? -1.076  10.378  1.052   1.00 16.99 ? 63  LYS A CD  1 
ATOM   501 C CE  . LYS A 1 62 ? -1.087  11.638  1.922   1.00 21.63 ? 63  LYS A CE  1 
ATOM   502 N NZ  . LYS A 1 62 ? -2.472  12.031  2.306   1.00 26.44 ? 63  LYS A NZ  1 
ATOM   503 N N   . ILE A 1 63 ? 3.200   7.694   0.805   1.00 9.99  ? 64  ILE A N   1 
ATOM   504 C CA  . ILE A 1 63 ? 4.326   7.808   1.734   1.00 10.81 ? 64  ILE A CA  1 
ATOM   505 C C   . ILE A 1 63 ? 5.652   7.818   0.984   1.00 10.37 ? 64  ILE A C   1 
ATOM   506 O O   . ILE A 1 63 ? 6.584   8.547   1.353   1.00 10.43 ? 64  ILE A O   1 
ATOM   507 C CB  . ILE A 1 63 ? 4.263   6.685   2.780   1.00 12.03 ? 64  ILE A CB  1 
ATOM   508 C CG1 . ILE A 1 63 ? 3.044   6.908   3.670   1.00 13.21 ? 64  ILE A CG1 1 
ATOM   509 C CG2 . ILE A 1 63 ? 5.537   6.650   3.617   1.00 13.54 ? 64  ILE A CG2 1 
ATOM   510 C CD1 . ILE A 1 63 ? 2.645   5.699   4.412   1.00 15.21 ? 64  ILE A CD1 1 
ATOM   511 N N   . ARG A 1 64 ? 5.755   7.034   -0.095  1.00 9.64  ? 65  ARG A N   1 
ATOM   512 C CA  . ARG A 1 64 ? 6.967   7.071   -0.912  1.00 10.54 ? 65  ARG A CA  1 
ATOM   513 C C   . ARG A 1 64 ? 7.229   8.475   -1.433  1.00 10.89 ? 65  ARG A C   1 
ATOM   514 O O   . ARG A 1 64 ? 8.365   8.965   -1.382  1.00 10.41 ? 65  ARG A O   1 
ATOM   515 C CB  . ARG A 1 64 ? 6.860   6.085   -2.078  1.00 11.72 ? 65  ARG A CB  1 
ATOM   516 C CG  . ARG A 1 64 ? 6.965   4.637   -1.652  1.00 12.93 ? 65  ARG A CG  1 
ATOM   517 C CD  . ARG A 1 64 ? 7.134   3.683   -2.832  1.00 13.82 ? 65  ARG A CD  1 
ATOM   518 N NE  . ARG A 1 64 ? 7.217   2.333   -2.305  1.00 14.05 ? 65  ARG A NE  1 
ATOM   519 C CZ  . ARG A 1 64 ? 6.182   1.507   -2.210  1.00 13.12 ? 65  ARG A CZ  1 
ATOM   520 N NH1 . ARG A 1 64 ? 4.997   1.882   -2.664  1.00 13.44 ? 65  ARG A NH1 1 
ATOM   521 N NH2 . ARG A 1 64 ? 6.339   0.304   -1.673  1.00 13.32 ? 65  ARG A NH2 1 
ATOM   522 N N   . LYS A 1 65 ? 6.184   9.144   -1.933  1.00 10.91 ? 66  LYS A N   1 
ATOM   523 C CA  . LYS A 1 65 ? 6.362   10.497  -2.452  1.00 11.96 ? 66  LYS A CA  1 
ATOM   524 C C   . LYS A 1 65 ? 6.724   11.470  -1.337  1.00 11.65 ? 66  LYS A C   1 
ATOM   525 O O   . LYS A 1 65 ? 7.607   12.321  -1.509  1.00 11.68 ? 66  LYS A O   1 
ATOM   526 C CB  . LYS A 1 65 ? 5.098   10.958  -3.187  1.00 13.67 ? 66  LYS A CB  1 
ATOM   527 C CG  . LYS A 1 65 ? 5.222   12.374  -3.776  1.00 17.32 ? 66  LYS A CG  1 
ATOM   528 C CD  . LYS A 1 65 ? 4.311   12.602  -4.969  1.00 22.53 ? 66  LYS A CD  1 
ATOM   529 C CE  . LYS A 1 65 ? 2.932   13.043  -4.530  1.00 26.71 ? 66  LYS A CE  1 
ATOM   530 N NZ  . LYS A 1 65 ? 2.158   13.428  -5.747  1.00 28.75 ? 66  LYS A NZ  1 
ATOM   531 N N   . GLU A 1 66 ? 6.066   11.355  -0.183  1.00 11.71 ? 67  GLU A N   1 
ATOM   532 C CA  . GLU A 1 66 ? 6.391   12.233  0.939   1.00 13.11 ? 67  GLU A CA  1 
ATOM   533 C C   . GLU A 1 66 ? 7.816   12.003  1.423   1.00 12.90 ? 67  GLU A C   1 
ATOM   534 O O   . GLU A 1 66 ? 8.508   12.952  1.801   1.00 13.35 ? 67  GLU A O   1 
ATOM   535 C CB  . GLU A 1 66 ? 5.398   12.015  2.081   1.00 16.09 ? 67  GLU A CB  1 
ATOM   536 C CG  . GLU A 1 66 ? 3.987   12.429  1.716   1.00 21.13 ? 67  GLU A CG  1 
ATOM   537 C CD  . GLU A 1 66 ? 2.944   11.979  2.727   1.00 24.98 ? 67  GLU A CD  1 
ATOM   538 O OE1 . GLU A 1 66 ? 3.218   11.054  3.523   1.00 27.32 ? 67  GLU A OE1 1 
ATOM   539 O OE2 . GLU A 1 66 ? 1.843   12.558  2.727   1.00 24.95 ? 67  GLU A OE2 1 
ATOM   540 N N   . SER A 1 67 ? 8.268   10.747  1.442   1.00 11.99 ? 68  SER A N   1 
ATOM   541 C CA  . SER A 1 67 ? 9.643   10.482  1.854   1.00 12.05 ? 68  SER A CA  1 
ATOM   542 C C   . SER A 1 67 ? 10.635  11.093  0.880   1.00 11.92 ? 68  SER A C   1 
ATOM   543 O O   . SER A 1 67 ? 11.722  11.528  1.285   1.00 13.25 ? 68  SER A O   1 
ATOM   544 C CB  . SER A 1 67 ? 9.882   8.979   1.976   1.00 14.09 ? 68  SER A CB  1 
ATOM   545 O OG  . SER A 1 67 ? 9.098   8.443   3.027   1.00 17.00 ? 68  SER A OG  1 
ATOM   546 N N   . HIS A 1 68 ? 10.274  11.146  -0.403  1.00 9.56  ? 69  HIS A N   1 
ATOM   547 C CA  . HIS A 1 68 ? 11.166  11.724  -1.400  1.00 10.04 ? 69  HIS A CA  1 
ATOM   548 C C   . HIS A 1 68 ? 11.190  13.248  -1.307  1.00 10.54 ? 69  HIS A C   1 
ATOM   549 O O   . HIS A 1 68 ? 12.260  13.866  -1.387  1.00 10.35 ? 69  HIS A O   1 
ATOM   550 C CB  . HIS A 1 68 ? 10.725  11.256  -2.790  1.00 10.11 ? 69  HIS A CB  1 
ATOM   551 C CG  . HIS A 1 68 ? 11.553  11.801  -3.911  1.00 11.37 ? 69  HIS A CG  1 
ATOM   552 N ND1 . HIS A 1 68 ? 12.916  11.619  -3.989  1.00 12.14 ? 69  HIS A ND1 1 
ATOM   553 C CD2 . HIS A 1 68 ? 11.200  12.514  -5.008  1.00 12.88 ? 69  HIS A CD2 1 
ATOM   554 C CE1 . HIS A 1 68 ? 13.370  12.203  -5.086  1.00 14.10 ? 69  HIS A CE1 1 
ATOM   555 N NE2 . HIS A 1 68 ? 12.348  12.749  -5.723  1.00 13.61 ? 69  HIS A NE2 1 
ATOM   556 N N   . HIS A 1 69 ? 10.028  13.872  -1.110  1.00 9.23  ? 70  HIS A N   1 
ATOM   557 C CA  . HIS A 1 69 ? 9.944   15.330  -1.129  1.00 10.31 ? 70  HIS A CA  1 
ATOM   558 C C   . HIS A 1 69 ? 10.235  15.989  0.207   1.00 10.73 ? 70  HIS A C   1 
ATOM   559 O O   . HIS A 1 69 ? 10.714  17.126  0.232   1.00 12.20 ? 70  HIS A O   1 
ATOM   560 C CB  . HIS A 1 69 ? 8.559   15.766  -1.591  1.00 10.85 ? 70  HIS A CB  1 
ATOM   561 C CG  . HIS A 1 69 ? 8.347   15.586  -3.053  1.00 11.99 ? 70  HIS A CG  1 
ATOM   562 N ND1 . HIS A 1 69 ? 7.159   15.889  -3.679  1.00 13.52 ? 70  HIS A ND1 1 
ATOM   563 C CD2 . HIS A 1 69 ? 9.183   15.142  -4.019  1.00 11.97 ? 70  HIS A CD2 1 
ATOM   564 C CE1 . HIS A 1 69 ? 7.271   15.630  -4.971  1.00 13.75 ? 70  HIS A CE1 1 
ATOM   565 N NE2 . HIS A 1 69 ? 8.490   15.179  -5.202  1.00 13.85 ? 70  HIS A NE2 1 
ATOM   566 N N   . LYS A 1 70 ? 9.931   15.329  1.304   1.00 10.67 ? 71  LYS A N   1 
ATOM   567 C CA  . LYS A 1 70 ? 10.100  15.903  2.630   1.00 13.35 ? 71  LYS A CA  1 
ATOM   568 C C   . LYS A 1 70 ? 10.956  15.030  3.526   1.00 16.24 ? 71  LYS A C   1 
ATOM   569 O O   . LYS A 1 70 ? 11.835  15.541  4.228   1.00 16.24 ? 71  LYS A O   1 
ATOM   570 C CB  . LYS A 1 70 ? 8.724   16.139  3.285   1.00 13.23 ? 71  LYS A CB  1 
ATOM   571 N N   . GLY A 1 71 ? 10.737  13.725  3.498   1.00 18.97 ? 72  GLY A N   1 
ATOM   572 C CA  . GLY A 1 71 ? 11.571  12.815  4.240   1.00 20.90 ? 72  GLY A CA  1 
ATOM   573 C C   . GLY A 1 71 ? 11.270  12.820  5.725   1.00 22.67 ? 72  GLY A C   1 
ATOM   574 O O   . GLY A 1 71 ? 10.264  13.347  6.204   1.00 21.73 ? 72  GLY A O   1 
ATOM   575 N N   . MET A 1 72 ? 12.203  12.230  6.461   1.00 24.28 ? 73  MET A N   1 
ATOM   576 C CA  . MET A 1 72 ? 12.031  11.989  7.882   1.00 27.53 ? 73  MET A CA  1 
ATOM   577 C C   . MET A 1 72 ? 11.952  13.293  8.668   1.00 24.55 ? 73  MET A C   1 
ATOM   578 O O   . MET A 1 72 ? 12.702  14.238  8.416   1.00 21.43 ? 73  MET A O   1 
ATOM   579 C CB  . MET A 1 72 ? 13.198  11.153  8.389   1.00 33.50 ? 73  MET A CB  1 
ATOM   580 C CG  . MET A 1 72 ? 13.164  10.865  9.845   1.00 40.37 ? 73  MET A CG  1 
ATOM   581 S SD  . MET A 1 72 ? 13.703  9.177   10.047  1.00 47.26 ? 73  MET A SD  1 
ATOM   582 C CE  . MET A 1 72 ? 12.438  8.582   11.162  1.00 49.10 ? 73  MET A CE  1 
ATOM   583 N N   . LEU A 1 73 ? 11.025  13.339  9.619   1.00 24.17 ? 74  LEU A N   1 
ATOM   584 C CA  . LEU A 1 73 ? 11.017  14.400  10.616  1.00 22.52 ? 74  LEU A CA  1 
ATOM   585 C C   . LEU A 1 73 ? 12.167  14.171  11.589  1.00 20.66 ? 74  LEU A C   1 
ATOM   586 O O   . LEU A 1 73 ? 12.243  13.114  12.224  1.00 19.73 ? 74  LEU A O   1 
ATOM   587 C CB  . LEU A 1 73 ? 9.679   14.416  11.345  1.00 24.57 ? 74  LEU A CB  1 
ATOM   588 C CG  . LEU A 1 73 ? 9.506   15.406  12.494  1.00 26.31 ? 74  LEU A CG  1 
ATOM   589 C CD1 . LEU A 1 73 ? 9.579   16.832  11.983  1.00 26.67 ? 74  LEU A CD1 1 
ATOM   590 C CD2 . LEU A 1 73 ? 8.183   15.151  13.193  1.00 28.01 ? 74  LEU A CD2 1 
ATOM   591 N N   . LEU A 1 74 ? 13.067  15.147  11.694  1.00 19.62 ? 75  LEU A N   1 
ATOM   592 C CA  . LEU A 1 74 ? 14.279  15.032  12.493  1.00 19.35 ? 75  LEU A CA  1 
ATOM   593 C C   . LEU A 1 74 ? 14.129  15.763  13.825  1.00 22.00 ? 75  LEU A C   1 
ATOM   594 O O   . LEU A 1 74 ? 13.283  16.645  13.988  1.00 23.37 ? 75  LEU A O   1 
ATOM   595 C CB  . LEU A 1 74 ? 15.490  15.601  11.735  1.00 17.57 ? 75  LEU A CB  1 
ATOM   596 C CG  . LEU A 1 74 ? 15.751  15.116  10.310  1.00 18.06 ? 75  LEU A CG  1 
ATOM   597 C CD1 . LEU A 1 74 ? 16.965  15.823  9.719   1.00 18.62 ? 75  LEU A CD1 1 
ATOM   598 C CD2 . LEU A 1 74 ? 15.954  13.619  10.298  1.00 18.43 ? 75  LEU A CD2 1 
ATOM   599 N N   . GLY A 1 75 ? 14.982  15.387  14.778  1.00 22.86 ? 76  GLY A N   1 
ATOM   600 C CA  . GLY A 1 75 ? 15.121  16.120  16.018  1.00 25.31 ? 76  GLY A CA  1 
ATOM   601 C C   . GLY A 1 75 ? 14.231  15.663  17.150  1.00 31.47 ? 76  GLY A C   1 
ATOM   602 O O   . GLY A 1 75 ? 14.339  16.213  18.258  1.00 32.74 ? 76  GLY A O   1 
ATOM   603 N N   . ARG A 1 76 ? 13.364  14.681  16.920  1.00 34.81 ? 77  ARG A N   1 
ATOM   604 C CA  . ARG A 1 76 ? 12.517  14.133  17.980  1.00 38.18 ? 77  ARG A CA  1 
ATOM   605 C C   . ARG A 1 76 ? 13.319  13.275  18.937  1.00 38.81 ? 77  ARG A C   1 
ATOM   606 O O   . ARG A 1 76 ? 14.483  13.542  19.202  1.00 39.06 ? 77  ARG A O   1 
ATOM   607 C CB  . ARG A 1 76 ? 11.384  13.289  17.405  1.00 37.89 ? 77  ARG A CB  1 
ATOM   608 C CG  . ARG A 1 76 ? 10.272  14.063  16.742  1.00 37.89 ? 77  ARG A CG  1 
ATOM   609 C CD  . ARG A 1 76 ? 9.347   13.097  16.032  1.00 38.25 ? 77  ARG A CD  1 
ATOM   610 N NE  . ARG A 1 76 ? 10.055  12.392  14.970  1.00 38.47 ? 77  ARG A NE  1 
ATOM   611 C CZ  . ARG A 1 76 ? 9.497   11.496  14.161  1.00 38.21 ? 77  ARG A CZ  1 
ATOM   612 N NH1 . ARG A 1 76 ? 8.214   11.182  14.297  1.00 37.73 ? 77  ARG A NH1 1 
ATOM   613 N NH2 . ARG A 1 76 ? 10.227  10.912  13.216  1.00 37.52 ? 77  ARG A NH2 1 
HETATM 614 O O   . HOH B 2 .  ? 1.585   14.119  1.266   1.00 42.08 ? 101 HOH A O   1 
HETATM 615 O O   . HOH B 2 .  ? 15.184  12.063  20.736  1.00 26.45 ? 102 HOH A O   1 
HETATM 616 O O   . HOH B 2 .  ? -10.081 2.051   -0.573  1.00 47.03 ? 103 HOH A O   1 
HETATM 617 O O   . HOH B 2 .  ? -7.643  -18.756 3.462   1.00 30.49 ? 104 HOH A O   1 
HETATM 618 O O   . HOH B 2 .  ? 15.140  0.444   -6.822  1.00 53.22 ? 105 HOH A O   1 
HETATM 619 O O   . HOH B 2 .  ? 1.792   11.791  -7.574  1.00 37.16 ? 106 HOH A O   1 
HETATM 620 O O   . HOH B 2 .  ? 4.773   10.192  5.325   1.00 28.66 ? 107 HOH A O   1 
HETATM 621 O O   . HOH B 2 .  ? 13.602  0.533   -4.351  1.00 52.31 ? 108 HOH A O   1 
HETATM 622 O O   . HOH B 2 .  ? 8.108   12.287  5.355   1.00 41.20 ? 109 HOH A O   1 
HETATM 623 O O   . HOH B 2 .  ? 15.615  2.851   -9.394  1.00 32.41 ? 110 HOH A O   1 
HETATM 624 O O   . HOH B 2 .  ? -2.850  -9.894  -4.439  1.00 26.33 ? 111 HOH A O   1 
HETATM 625 O O   . HOH B 2 .  ? 2.484   2.102   -7.786  1.00 10.89 ? 112 HOH A O   1 
HETATM 626 O O   . HOH B 2 .  ? -3.324  10.262  4.091   1.00 40.57 ? 113 HOH A O   1 
HETATM 627 O O   . HOH B 2 .  ? 8.958   4.315   -5.954  1.00 18.63 ? 114 HOH A O   1 
HETATM 628 O O   . HOH B 2 .  ? -2.862  -1.973  -16.229 1.00 22.29 ? 115 HOH A O   1 
HETATM 629 O O   . HOH B 2 .  ? 12.539  3.472   -6.333  1.00 27.40 ? 116 HOH A O   1 
HETATM 630 O O   . HOH B 2 .  ? -5.313  2.953   7.758   1.00 26.47 ? 117 HOH A O   1 
HETATM 631 O O   . HOH B 2 .  ? 2.396   5.151   -15.079 1.00 23.29 ? 118 HOH A O   1 
HETATM 632 O O   . HOH B 2 .  ? 14.547  1.031   -14.007 1.00 23.03 ? 119 HOH A O   1 
HETATM 633 O O   . HOH B 2 .  ? -5.362  -0.461  12.415  1.00 30.37 ? 120 HOH A O   1 
HETATM 634 O O   . HOH B 2 .  ? -3.560  -10.484 -13.995 1.00 24.19 ? 121 HOH A O   1 
HETATM 635 O O   . HOH B 2 .  ? 13.024  12.499  14.737  1.00 26.33 ? 122 HOH A O   1 
HETATM 636 O O   . HOH B 2 .  ? -15.142 -5.006  -2.437  1.00 29.42 ? 123 HOH A O   1 
HETATM 637 O O   . HOH B 2 .  ? -2.839  5.950   -13.890 1.00 23.72 ? 124 HOH A O   1 
HETATM 638 O O   . HOH B 2 .  ? -9.501  0.669   -2.462  1.00 15.80 ? 125 HOH A O   1 
HETATM 639 O O   . HOH B 2 .  ? -2.599  3.552   7.685   1.00 21.33 ? 126 HOH A O   1 
HETATM 640 O O   . HOH B 2 .  ? -7.709  -15.190 -11.505 1.00 20.52 ? 127 HOH A O   1 
HETATM 641 O O   . HOH B 2 .  ? 10.615  7.439   -1.451  1.00 18.18 ? 128 HOH A O   1 
HETATM 642 O O   . HOH B 2 .  ? -1.052  -5.391  10.534  1.00 18.94 ? 129 HOH A O   1 
HETATM 643 O O   . HOH B 2 .  ? 1.253   -0.195  12.315  1.00 36.33 ? 130 HOH A O   1 
HETATM 644 O O   . HOH B 2 .  ? -4.377  5.587   -5.878  1.00 27.37 ? 131 HOH A O   1 
HETATM 645 O O   . HOH B 2 .  ? 0.139   5.415   -7.589  1.00 12.33 ? 132 HOH A O   1 
HETATM 646 O O   . HOH B 2 .  ? -1.074  7.575   -3.434  1.00 12.77 ? 133 HOH A O   1 
HETATM 647 O O   . HOH B 2 .  ? 14.820  12.864  -1.262  1.00 24.13 ? 134 HOH A O   1 
HETATM 648 O O   . HOH B 2 .  ? 2.686   -5.722  -6.210  1.00 19.70 ? 135 HOH A O   1 
HETATM 649 O O   . HOH B 2 .  ? 11.047  -1.540  -2.484  1.00 46.55 ? 136 HOH A O   1 
HETATM 650 O O   . HOH B 2 .  ? 2.612   0.542   -3.609  1.00 9.98  ? 137 HOH A O   1 
HETATM 651 O O   . HOH B 2 .  ? -2.970  -13.027 4.523   1.00 31.00 ? 138 HOH A O   1 
HETATM 652 O O   . HOH B 2 .  ? -3.725  14.172  3.552   1.00 42.94 ? 139 HOH A O   1 
HETATM 653 O O   . HOH B 2 .  ? 9.856   2.583   -1.451  1.00 33.13 ? 140 HOH A O   1 
HETATM 654 O O   . HOH B 2 .  ? 5.195   4.145   -9.551  1.00 20.42 ? 141 HOH A O   1 
HETATM 655 O O   . HOH B 2 .  ? -9.886  1.531   5.535   1.00 36.57 ? 142 HOH A O   1 
HETATM 656 O O   . HOH B 2 .  ? -4.462  -13.013 -13.192 1.00 18.20 ? 143 HOH A O   1 
HETATM 657 O O   . HOH B 2 .  ? -11.302 -10.743 -3.567  1.00 11.05 ? 144 HOH A O   1 
HETATM 658 O O   . HOH B 2 .  ? -6.676  4.156   -7.549  1.00 26.02 ? 145 HOH A O   1 
HETATM 659 O O   . HOH B 2 .  ? -7.503  3.950   4.813   1.00 41.99 ? 146 HOH A O   1 
HETATM 660 O O   . HOH B 2 .  ? -4.366  11.947  0.242   1.00 30.46 ? 147 HOH A O   1 
HETATM 661 O O   . HOH B 2 .  ? -2.569  -7.577  10.432  1.00 25.54 ? 148 HOH A O   1 
HETATM 662 O O   . HOH B 2 .  ? 14.390  10.231  -2.044  1.00 27.38 ? 149 HOH A O   1 
HETATM 663 O O   . HOH B 2 .  ? 5.048   2.010   -6.227  1.00 10.86 ? 150 HOH A O   1 
HETATM 664 O O   . HOH B 2 .  ? 3.742   2.416   -17.089 1.00 38.20 ? 151 HOH A O   1 
HETATM 665 O O   . HOH B 2 .  ? -5.811  6.346   2.260   1.00 46.56 ? 152 HOH A O   1 
HETATM 666 O O   . HOH B 2 .  ? 4.808   -2.344  4.003   1.00 30.99 ? 153 HOH A O   1 
HETATM 667 O O   . HOH B 2 .  ? 5.393   -2.335  1.405   1.00 20.69 ? 154 HOH A O   1 
HETATM 668 O O   . HOH B 2 .  ? -10.755 -0.875  2.307   1.00 20.93 ? 155 HOH A O   1 
HETATM 669 O O   . HOH B 2 .  ? 12.123  13.813  -8.343  1.00 14.98 ? 156 HOH A O   1 
HETATM 670 O O   . HOH B 2 .  ? 9.533   -4.126  -5.855  1.00 37.73 ? 157 HOH A O   1 
HETATM 671 O O   . HOH B 2 .  ? 11.201  -1.858  -6.498  1.00 30.22 ? 158 HOH A O   1 
HETATM 672 O O   . HOH B 2 .  ? -1.813  14.431  3.702   1.00 27.22 ? 159 HOH A O   1 
HETATM 673 O O   . HOH B 2 .  ? -4.910  -11.446 -8.943  1.00 14.82 ? 160 HOH A O   1 
HETATM 674 O O   . HOH B 2 .  ? -0.101  -5.166  -10.957 1.00 20.79 ? 161 HOH A O   1 
HETATM 675 O O   . HOH B 2 .  ? -10.696 -9.579  -9.500  1.00 22.82 ? 162 HOH A O   1 
HETATM 676 O O   . HOH B 2 .  ? 4.479   5.954   -6.760  1.00 29.48 ? 163 HOH A O   1 
HETATM 677 O O   . HOH B 2 .  ? 0.292   -10.066 9.084   1.00 25.57 ? 164 HOH A O   1 
HETATM 678 O O   . HOH B 2 .  ? -0.447  -14.246 -1.968  1.00 50.67 ? 165 HOH A O   1 
HETATM 679 O O   . HOH B 2 .  ? -2.423  -9.166  -9.775  1.00 32.48 ? 166 HOH A O   1 
HETATM 680 O O   . HOH B 2 .  ? 9.248   5.615   2.423   1.00 27.65 ? 167 HOH A O   1 
HETATM 681 O O   . HOH B 2 .  ? 6.195   5.023   -15.794 1.00 40.24 ? 168 HOH A O   1 
HETATM 682 O O   . HOH B 2 .  ? -8.634  -5.302  -15.878 1.00 26.09 ? 169 HOH A O   1 
HETATM 683 O O   . HOH B 2 .  ? 10.738  9.017   5.348   1.00 37.85 ? 170 HOH A O   1 
HETATM 684 O O   . HOH B 2 .  ? -14.181 -5.468  0.413   1.00 21.62 ? 171 HOH A O   1 
HETATM 685 O O   . HOH B 2 .  ? -11.321 -5.606  1.010   1.00 18.84 ? 172 HOH A O   1 
HETATM 686 O O   . HOH B 2 .  ? -0.257  7.452   3.075   1.00 18.02 ? 173 HOH A O   1 
HETATM 687 O O   . HOH B 2 .  ? 2.048   -4.270  -9.649  1.00 11.45 ? 174 HOH A O   1 
HETATM 688 O O   . HOH B 2 .  ? 9.702   -1.406  -9.026  1.00 18.70 ? 175 HOH A O   1 
HETATM 689 O O   . HOH B 2 .  ? -11.638 -11.530 -12.232 1.00 35.76 ? 176 HOH A O   1 
HETATM 690 O O   . HOH B 2 .  ? -3.413  5.474   -9.112  1.00 14.49 ? 177 HOH A O   1 
HETATM 691 O O   . HOH B 2 .  ? -13.183 1.158   0.648   1.00 29.20 ? 178 HOH A O   1 
HETATM 692 O O   . HOH B 2 .  ? 1.619   -5.063  -18.671 1.00 22.00 ? 179 HOH A O   1 
HETATM 693 O O   . HOH B 2 .  ? 0.728   9.631   4.384   1.00 29.31 ? 180 HOH A O   1 
HETATM 694 O O   . HOH B 2 .  ? 8.989   -0.211  -0.365  1.00 31.33 ? 181 HOH A O   1 
HETATM 695 O O   . HOH B 2 .  ? 4.269   -4.196  5.478   1.00 34.94 ? 182 HOH A O   1 
HETATM 696 O O   . HOH B 2 .  ? 8.709   -3.275  -1.909  1.00 23.21 ? 183 HOH A O   1 
HETATM 697 O O   . HOH B 2 .  ? -12.260 -14.260 -9.466  1.00 35.44 ? 184 HOH A O   1 
HETATM 698 O O   . HOH B 2 .  ? -4.436  -12.855 -1.219  1.00 23.46 ? 185 HOH A O   1 
HETATM 699 O O   . HOH B 2 .  ? 9.127   10.905  9.690   1.00 22.33 ? 186 HOH A O   1 
HETATM 700 O O   . HOH B 2 .  ? -5.603  -19.892 4.993   1.00 48.47 ? 187 HOH A O   1 
HETATM 701 O O   . HOH B 2 .  ? -2.657  -12.636 -2.962  1.00 33.11 ? 188 HOH A O   1 
HETATM 702 O O   . HOH B 2 .  ? 5.226   -5.080  -6.849  1.00 21.29 ? 189 HOH A O   1 
HETATM 703 O O   . HOH B 2 .  ? -7.766  5.293   -4.403  1.00 31.90 ? 190 HOH A O   1 
HETATM 704 O O   . HOH B 2 .  ? -16.448 -13.286 -1.105  1.00 35.29 ? 191 HOH A O   1 
HETATM 705 O O   . HOH B 2 .  ? -3.398  -17.558 -1.686  1.00 51.17 ? 192 HOH A O   1 
HETATM 706 O O   . HOH B 2 .  ? -11.384 -8.462  5.623   1.00 19.30 ? 193 HOH A O   1 
HETATM 707 O O   . HOH B 2 .  ? 0.547   11.741  -3.337  1.00 63.82 ? 194 HOH A O   1 
HETATM 708 O O   . HOH B 2 .  ? 10.566  5.080   -3.251  1.00 32.90 ? 195 HOH A O   1 
HETATM 709 O O   . HOH B 2 .  ? -10.574 4.127   -4.145  1.00 33.88 ? 196 HOH A O   1 
HETATM 710 O O   . HOH B 2 .  ? -11.076 1.403   1.334   1.00 29.10 ? 197 HOH A O   1 
HETATM 711 O O   . HOH B 2 .  ? 0.848   9.385   -4.133  1.00 25.60 ? 198 HOH A O   1 
HETATM 712 O O   . HOH B 2 .  ? -13.419 -9.141  -9.142  1.00 21.96 ? 199 HOH A O   1 
HETATM 713 O O   . HOH B 2 .  ? -14.792 0.778   2.145   1.00 32.77 ? 200 HOH A O   1 
HETATM 714 O O   . HOH B 2 .  ? 14.209  -2.289  -7.296  1.00 45.80 ? 201 HOH A O   1 
HETATM 715 O O   . HOH B 2 .  ? 15.101  3.238   -6.594  1.00 22.27 ? 202 HOH A O   1 
HETATM 716 O O   . HOH B 2 .  ? -1.031  15.132  -6.012  1.00 17.88 ? 203 HOH A O   1 
HETATM 717 O O   . HOH B 2 .  ? -3.171  -12.996 -10.629 1.00 22.31 ? 204 HOH A O   1 
HETATM 718 O O   . HOH B 2 .  ? -13.344 -8.583  2.842   1.00 40.98 ? 205 HOH A O   1 
HETATM 719 O O   . HOH B 2 .  ? 6.409   4.272   -6.637  1.00 28.69 ? 206 HOH A O   1 
HETATM 720 O O   . HOH B 2 .  ? 12.776  8.312   -0.509  1.00 42.25 ? 207 HOH A O   1 
HETATM 721 O O   . HOH B 2 .  ? 2.854   9.099   6.846   1.00 40.75 ? 208 HOH A O   1 
HETATM 722 O O   . HOH B 2 .  ? -3.175  8.017   8.157   1.00 45.65 ? 209 HOH A O   1 
HETATM 723 O O   . HOH B 2 .  ? 4.311   14.740  -1.046  1.00 41.73 ? 210 HOH A O   1 
HETATM 724 O O   . HOH B 2 .  ? 17.706  1.372   -10.622 1.00 22.12 ? 211 HOH A O   1 
HETATM 725 O O   . HOH B 2 .  ? 0.402   8.830   6.714   1.00 39.38 ? 212 HOH A O   1 
HETATM 726 O O   . HOH B 2 .  ? -8.262  -21.514 0.290   1.00 37.41 ? 213 HOH A O   1 
HETATM 727 O O   . HOH B 2 .  ? -1.561  -14.942 3.339   1.00 43.37 ? 214 HOH A O   1 
HETATM 728 O O   . HOH B 2 .  ? -4.129  9.230   -0.274  1.00 29.56 ? 215 HOH A O   1 
HETATM 729 O O   . HOH B 2 .  ? -15.388 -5.158  2.498   1.00 32.11 ? 216 HOH A O   1 
HETATM 730 O O   . HOH B 2 .  ? -2.841  7.916   -10.485 1.00 29.49 ? 217 HOH A O   1 
HETATM 731 O O   . HOH B 2 .  ? 16.812  -0.034  -12.824 1.00 26.77 ? 218 HOH A O   1 
HETATM 732 O O   . HOH B 2 .  ? 9.508   9.118   7.273   1.00 40.04 ? 219 HOH A O   1 
HETATM 733 O O   . HOH B 2 .  ? -1.380  -9.916  11.268  1.00 31.14 ? 220 HOH A O   1 
HETATM 734 O O   . HOH B 2 .  ? -2.365  12.500  -1.891  1.00 27.90 ? 221 HOH A O   1 
HETATM 735 O O   . HOH B 2 .  ? -6.643  -4.658  -18.012 1.00 41.24 ? 222 HOH A O   1 
HETATM 736 O O   . HOH B 2 .  ? -3.296  -1.300  13.979  1.00 34.29 ? 223 HOH A O   1 
HETATM 737 O O   . HOH B 2 .  ? -4.211  1.682   -18.130 1.00 48.94 ? 224 HOH A O   1 
HETATM 738 O O   . HOH B 2 .  ? -4.668  -19.202 6.856   1.00 40.87 ? 225 HOH A O   1 
HETATM 739 O O   . HOH B 2 .  ? -4.948  -0.184  -16.950 1.00 32.44 ? 226 HOH A O   1 
HETATM 740 O O   . HOH B 2 .  ? -2.993  7.736   2.598   1.00 34.99 ? 227 HOH A O   1 
HETATM 741 O O   . HOH B 2 .  ? -0.017  12.097  -9.287  1.00 22.22 ? 228 HOH A O   1 
HETATM 742 O O   . HOH B 2 .  ? -11.013 2.793   3.718   1.00 41.12 ? 229 HOH A O   1 
HETATM 743 O O   . HOH B 2 .  ? -14.601 -1.005  3.331   1.00 34.27 ? 230 HOH A O   1 
HETATM 744 O O   . HOH B 2 .  ? -0.358  -5.126  13.222  1.00 39.42 ? 231 HOH A O   1 
HETATM 745 O O   . HOH B 2 .  ? -5.100  6.013   5.306   1.00 40.01 ? 232 HOH A O   1 
HETATM 746 O O   . HOH B 2 .  ? -2.933  5.898   6.430   1.00 31.31 ? 233 HOH A O   1 
HETATM 747 O O   . HOH B 2 .  ? -16.802 -7.282  3.237   1.00 44.94 ? 234 HOH A O   1 
HETATM 748 O O   . HOH B 2 .  ? 8.501   13.107  -9.174  1.00 55.44 ? 235 HOH A O   1 
HETATM 749 O O   . HOH B 2 .  ? -12.404 -1.929  3.864   1.00 31.30 ? 236 HOH A O   1 
HETATM 750 O O   . HOH B 2 .  ? 7.026   -7.175  -6.039  1.00 34.35 ? 237 HOH A O   1 
HETATM 751 O O   . HOH B 2 .  ? 0.246   -12.031 6.774   1.00 37.14 ? 238 HOH A O   1 
HETATM 752 O O   . HOH B 2 .  ? 11.142  11.320  21.431  1.00 45.88 ? 239 HOH A O   1 
HETATM 753 O O   . HOH B 2 .  ? -13.076 -4.925  4.553   1.00 37.08 ? 240 HOH A O   1 
HETATM 754 O O   . HOH B 2 .  ? -9.713  4.918   6.166   1.00 50.69 ? 241 HOH A O   1 
HETATM 755 O O   . HOH B 2 .  ? -3.105  -9.966  -7.304  1.00 22.68 ? 242 HOH A O   1 
HETATM 756 O O   . HOH B 2 .  ? -11.920 -6.971  3.203   1.00 24.07 ? 243 HOH A O   1 
HETATM 757 O O   . HOH B 2 .  ? 15.189  -4.114  -8.208  1.00 47.72 ? 244 HOH A O   1 
HETATM 758 O O   . HOH B 2 .  ? -1.917  -13.558 6.953   1.00 44.87 ? 245 HOH A O   1 
# 
loop_
_atom_site_anisotrop.id 
_atom_site_anisotrop.type_symbol 
_atom_site_anisotrop.pdbx_label_atom_id 
_atom_site_anisotrop.pdbx_label_alt_id 
_atom_site_anisotrop.pdbx_label_comp_id 
_atom_site_anisotrop.pdbx_label_asym_id 
_atom_site_anisotrop.pdbx_label_seq_id 
_atom_site_anisotrop.pdbx_PDB_ins_code 
_atom_site_anisotrop.U[1][1] 
_atom_site_anisotrop.U[2][2] 
_atom_site_anisotrop.U[3][3] 
_atom_site_anisotrop.U[1][2] 
_atom_site_anisotrop.U[1][3] 
_atom_site_anisotrop.U[2][3] 
_atom_site_anisotrop.pdbx_auth_seq_id 
_atom_site_anisotrop.pdbx_auth_comp_id 
_atom_site_anisotrop.pdbx_auth_asym_id 
_atom_site_anisotrop.pdbx_auth_atom_id 
1   N N   . LEU A 1  ? 0.6671 0.5498 0.5328 -0.1097 0.0363  0.0222  2  LEU A N   
2   C CA  . LEU A 1  ? 0.6098 0.5379 0.5200 -0.0965 0.0114  0.0145  2  LEU A CA  
3   C C   . LEU A 1  ? 0.5599 0.5076 0.4467 -0.1068 -0.0287 0.0228  2  LEU A C   
4   O O   . LEU A 1  ? 0.5470 0.5089 0.4343 -0.1152 -0.0239 0.0332  2  LEU A O   
5   C CB  . LEU A 1  ? 0.6081 0.5351 0.5704 -0.0582 0.0254  0.0152  2  LEU A CB  
6   C CG  . LEU A 1  ? 0.5994 0.5517 0.6100 -0.0377 0.0239  0.0236  2  LEU A CG  
7   C CD1 . LEU A 1  ? 0.5910 0.5553 0.6148 -0.0394 0.0267  0.0296  2  LEU A CD1 
8   C CD2 . LEU A 1  ? 0.6141 0.5564 0.6269 -0.0271 0.0356  0.0219  2  LEU A CD2 
9   N N   . GLN A 2  ? 0.5171 0.4730 0.4000 -0.0999 -0.0822 0.0143  3  GLN A N   
10  C CA  . GLN A 2  ? 0.5332 0.4072 0.3532 -0.0762 -0.1127 0.0023  3  GLN A CA  
11  C C   . GLN A 2  ? 0.4996 0.3363 0.2875 -0.0840 -0.1200 -0.0086 3  GLN A C   
12  O O   . GLN A 2  ? 0.4805 0.3194 0.2765 -0.0862 -0.1226 0.0114  3  GLN A O   
13  C CB  . GLN A 2  ? 0.6004 0.4397 0.3920 -0.0602 -0.1181 0.0016  3  GLN A CB  
14  C CG  . GLN A 2  ? 0.6709 0.5170 0.4169 -0.0546 -0.1249 -0.0278 3  GLN A CG  
15  C CD  . GLN A 2  ? 0.7318 0.5665 0.4354 -0.0373 -0.1345 -0.0638 3  GLN A CD  
16  O OE1 . GLN A 2  ? 0.7541 0.5887 0.4367 -0.0428 -0.1329 -0.0744 3  GLN A OE1 
17  N NE2 . GLN A 2  ? 0.7449 0.6081 0.4414 -0.0258 -0.1412 -0.0859 3  GLN A NE2 
18  N N   . LEU A 3  ? 0.4777 0.2743 0.2543 -0.0844 -0.1210 -0.0341 4  LEU A N   
19  C CA  . LEU A 3  ? 0.4385 0.2286 0.2554 -0.0710 -0.0972 -0.0240 4  LEU A CA  
20  C C   . LEU A 3  ? 0.4243 0.2105 0.2121 -0.0653 -0.0686 -0.0280 4  LEU A C   
21  O O   . LEU A 3  ? 0.3981 0.2210 0.1982 -0.0625 -0.0637 -0.0303 4  LEU A O   
22  C CB  . LEU A 3  ? 0.4208 0.2326 0.3036 -0.0616 -0.0831 0.0013  4  LEU A CB  
23  C CG  . LEU A 3  ? 0.4025 0.2475 0.3460 -0.0501 -0.0877 0.0162  4  LEU A CG  
24  C CD1 . LEU A 3  ? 0.3857 0.2766 0.3619 -0.0518 -0.0982 0.0221  4  LEU A CD1 
25  C CD2 . LEU A 3  ? 0.4365 0.2325 0.3771 -0.0307 -0.0779 0.0137  4  LEU A CD2 
26  N N   . LEU A 4  ? 0.4081 0.1676 0.1759 -0.0570 -0.0455 -0.0394 5  LEU A N   
27  C CA  . LEU A 4  ? 0.3801 0.2099 0.1649 -0.0614 -0.0366 -0.0224 5  LEU A CA  
28  C C   . LEU A 4  ? 0.3670 0.2258 0.1688 -0.0577 -0.0415 0.0036  5  LEU A C   
29  O O   . LEU A 4  ? 0.3364 0.2268 0.1643 -0.0554 -0.0357 0.0246  5  LEU A O   
30  C CB  . LEU A 4  ? 0.3583 0.2290 0.1608 -0.0671 -0.0198 -0.0008 5  LEU A CB  
31  C CG  . LEU A 4  ? 0.3296 0.2481 0.1624 -0.0734 -0.0126 -0.0197 5  LEU A CG  
32  C CD1 . LEU A 4  ? 0.3410 0.3131 0.1835 -0.0859 -0.0224 -0.0386 5  LEU A CD1 
33  C CD2 . LEU A 4  ? 0.2949 0.2707 0.1808 -0.0530 -0.0344 -0.0366 5  LEU A CD2 
34  N N   . HIS A 5  ? 0.3899 0.2213 0.1740 -0.0518 -0.0374 0.0034  6  HIS A N   
35  C CA  . HIS A 5  ? 0.3990 0.2501 0.1765 -0.0607 -0.0145 0.0054  6  HIS A CA  
36  C C   . HIS A 5  ? 0.3974 0.2577 0.1662 -0.0694 -0.0402 0.0115  6  HIS A C   
37  O O   . HIS A 5  ? 0.3873 0.2587 0.1526 -0.0857 -0.0202 0.0415  6  HIS A O   
38  C CB  . HIS A 5  ? 0.4014 0.2653 0.2207 -0.0518 0.0050  0.0027  6  HIS A CB  
39  C CG  . HIS A 5  ? 0.4492 0.3193 0.2889 -0.0615 0.0215  0.0158  6  HIS A CG  
40  N ND1 . HIS A 5  ? 0.4738 0.3357 0.3089 -0.0516 0.0274  0.0197  6  HIS A ND1 
41  C CD2 . HIS A 5  ? 0.4882 0.3529 0.3158 -0.0766 0.0468  0.0130  6  HIS A CD2 
42  C CE1 . HIS A 5  ? 0.4794 0.3609 0.3182 -0.0727 0.0426  0.0159  6  HIS A CE1 
43  N NE2 . HIS A 5  ? 0.4960 0.3718 0.3208 -0.0889 0.0685  0.0078  6  HIS A NE2 
44  N N   . GLN A 6  ? 0.4223 0.2593 0.1665 -0.0851 -0.0592 -0.0240 7  GLN A N   
45  C CA  . GLN A 6  ? 0.4326 0.2927 0.2022 -0.0838 -0.0813 -0.0373 7  GLN A CA  
46  C C   . GLN A 6  ? 0.3683 0.2753 0.1914 -0.0705 -0.0504 -0.0379 7  GLN A C   
47  O O   . GLN A 6  ? 0.3209 0.2877 0.1862 -0.0580 -0.0612 -0.0196 7  GLN A O   
48  C CB  . GLN A 6  ? 0.5283 0.3623 0.2590 -0.1107 -0.1088 -0.0412 7  GLN A CB  
49  C CG  . GLN A 6  ? 0.6474 0.4424 0.3248 -0.1304 -0.0844 -0.0604 7  GLN A CG  
50  C CD  . GLN A 6  ? 0.7011 0.4927 0.3656 -0.1218 -0.0814 -0.0733 7  GLN A CD  
51  O OE1 . GLN A 6  ? 0.7188 0.5135 0.3813 -0.1212 -0.0658 -0.0790 7  GLN A OE1 
52  N NE2 . GLN A 6  ? 0.7034 0.5249 0.3934 -0.1229 -0.0920 -0.0576 7  GLN A NE2 
53  N N   . LYS A 7  ? 0.3493 0.2220 0.1771 -0.0683 -0.0139 -0.0472 8  LYS A N   
54  C CA  . LYS A 7  ? 0.3420 0.2041 0.1874 -0.0739 0.0047  -0.0668 8  LYS A CA  
55  C C   . LYS A 7  ? 0.3315 0.1843 0.1874 -0.0587 0.0036  -0.0507 8  LYS A C   
56  O O   . LYS A 7  ? 0.3677 0.2020 0.2086 -0.0550 -0.0072 -0.0682 8  LYS A O   
57  C CB  . LYS A 7  ? 0.3767 0.2094 0.2171 -0.0575 0.0144  -0.1018 8  LYS A CB  
58  C CG  . LYS A 7  ? 0.4158 0.2383 0.2437 -0.0454 0.0300  -0.1278 8  LYS A CG  
59  C CD  . LYS A 7  ? 0.4680 0.2704 0.2795 -0.0224 0.0293  -0.1524 8  LYS A CD  
60  C CE  . LYS A 7  ? 0.5270 0.3218 0.3064 -0.0136 0.0482  -0.1733 8  LYS A CE  
61  N NZ  . LYS A 7  ? 0.5691 0.3600 0.3385 -0.0042 0.0641  -0.1730 8  LYS A NZ  
62  N N   . VAL A 8  ? 0.3033 0.1581 0.1456 -0.0684 0.0158  -0.0119 9  VAL A N   
63  C CA  . VAL A 8  ? 0.3172 0.1221 0.1323 -0.0637 0.0161  0.0105  9  VAL A CA  
64  C C   . VAL A 8  ? 0.3480 0.1694 0.1415 -0.0803 -0.0010 0.0005  9  VAL A C   
65  O O   . VAL A 8  ? 0.3482 0.1655 0.1591 -0.0911 -0.0117 -0.0133 9  VAL A O   
66  C CB  . VAL A 8  ? 0.3115 0.1102 0.1167 -0.0673 0.0180  0.0098  9  VAL A CB  
67  C CG1 . VAL A 8  ? 0.2896 0.1525 0.1030 -0.0873 0.0027  -0.0107 9  VAL A CG1 
68  C CG2 . VAL A 8  ? 0.2946 0.1440 0.0993 -0.0684 0.0280  -0.0022 9  VAL A CG2 
69  N N   . GLU A 9  ? 0.3507 0.2227 0.1124 -0.0904 -0.0161 -0.0216 10 GLU A N   
70  C CA  . GLU A 9  ? 0.3536 0.2575 0.1367 -0.0857 -0.0347 -0.0058 10 GLU A CA  
71  C C   . GLU A 9  ? 0.4026 0.2751 0.1458 -0.1007 -0.0039 -0.0255 10 GLU A C   
72  O O   . GLU A 9  ? 0.4089 0.2882 0.1553 -0.1035 -0.0115 -0.0364 10 GLU A O   
73  C CB  . GLU A 9  ? 0.3689 0.2649 0.1474 -0.0628 -0.0653 -0.0071 10 GLU A CB  
74  C CG  . GLU A 9  ? 0.3805 0.2984 0.1781 -0.0546 -0.0894 0.0133  10 GLU A CG  
75  C CD  . GLU A 9  ? 0.4087 0.2985 0.1763 -0.0436 -0.0905 0.0190  10 GLU A CD  
76  O OE1 . GLU A 9  ? 0.3969 0.2847 0.1807 -0.0115 -0.1026 0.0331  10 GLU A OE1 
77  O OE2 . GLU A 9  ? 0.4284 0.2862 0.1728 -0.0531 -0.0990 0.0426  10 GLU A OE2 
78  N N   . GLU A 10 ? 0.4292 0.2704 0.1543 -0.1090 0.0172  -0.0447 11 GLU A N   
79  C CA  . GLU A 10 ? 0.4421 0.2840 0.1910 -0.1082 0.0373  -0.0595 11 GLU A CA  
80  C C   . GLU A 10 ? 0.4108 0.2923 0.1855 -0.1074 0.0489  -0.0549 11 GLU A C   
81  O O   . GLU A 10 ? 0.3978 0.3391 0.1885 -0.1138 0.0600  -0.0646 11 GLU A O   
82  C CB  . GLU A 10 ? 0.4937 0.2748 0.2453 -0.0944 0.0699  -0.0902 11 GLU A CB  
83  C CG  . GLU A 10 ? 0.5778 0.3216 0.3108 -0.0919 0.1017  -0.1133 11 GLU A CG  
84  C CD  . GLU A 10 ? 0.6509 0.3993 0.3562 -0.0912 0.1447  -0.1440 11 GLU A CD  
85  O OE1 . GLU A 10 ? 0.6408 0.3813 0.3777 -0.0819 0.1690  -0.1378 11 GLU A OE1 
86  O OE2 . GLU A 10 ? 0.7090 0.4603 0.3748 -0.1058 0.1472  -0.1543 11 GLU A OE2 
87  N N   . GLN A 11 ? 0.3803 0.2318 0.1628 -0.0799 0.0331  -0.0636 12 GLN A N   
88  C CA  . GLN A 11 ? 0.3091 0.2055 0.1729 -0.0462 0.0082  -0.0460 12 GLN A CA  
89  C C   . GLN A 11 ? 0.2862 0.2072 0.1623 -0.0482 -0.0045 -0.0248 12 GLN A C   
90  O O   . GLN A 11 ? 0.2750 0.1908 0.1724 -0.0416 -0.0037 -0.0175 12 GLN A O   
91  C CB  . GLN A 11 ? 0.2805 0.2027 0.1814 -0.0289 0.0049  -0.0625 12 GLN A CB  
92  C CG  . GLN A 11 ? 0.2562 0.2053 0.2086 -0.0156 0.0161  -0.0828 12 GLN A CG  
93  C CD  . GLN A 11 ? 0.2546 0.2679 0.2277 -0.0467 0.0198  -0.0905 12 GLN A CD  
94  O OE1 . GLN A 11 ? 0.3109 0.2844 0.2128 -0.0856 0.0605  -0.0934 12 GLN A OE1 
95  N NE2 . GLN A 11 ? 0.2101 0.3063 0.2498 -0.0250 -0.0040 -0.1086 12 GLN A NE2 
96  N N   . ALA A 12 ? 0.2987 0.2165 0.1319 -0.0480 -0.0241 -0.0173 13 ALA A N   
97  C CA  . ALA A 12 ? 0.3007 0.2560 0.1306 -0.0521 -0.0180 -0.0035 13 ALA A CA  
98  C C   . ALA A 12 ? 0.3420 0.2860 0.1314 -0.0690 -0.0034 -0.0200 13 ALA A C   
99  O O   . ALA A 12 ? 0.3796 0.2834 0.1235 -0.0623 -0.0052 -0.0176 13 ALA A O   
100 C CB  . ALA A 12 ? 0.2875 0.2565 0.1319 -0.0432 -0.0304 0.0197  13 ALA A CB  
101 N N   . ALA A 13 ? 0.3381 0.3325 0.1367 -0.1007 0.0095  -0.0358 14 ALA A N   
102 C CA  . ALA A 13 ? 0.3639 0.3401 0.1567 -0.1076 0.0368  -0.0542 14 ALA A CA  
103 C C   . ALA A 13 ? 0.3890 0.3327 0.1883 -0.1221 0.0627  -0.0656 14 ALA A C   
104 O O   . ALA A 13 ? 0.3867 0.3340 0.2031 -0.1438 0.0830  -0.0581 14 ALA A O   
105 C CB  . ALA A 13 ? 0.3860 0.3077 0.1442 -0.0974 0.0494  -0.0414 14 ALA A CB  
106 N N   . LYS A 14 ? 0.4174 0.2907 0.2050 -0.0945 0.0563  -0.0780 15 LYS A N   
107 C CA  . LYS A 14 ? 0.4281 0.2721 0.2253 -0.0843 0.0710  -0.0773 15 LYS A CA  
108 C C   . LYS A 14 ? 0.4048 0.2764 0.2194 -0.0991 0.0795  -0.0513 15 LYS A C   
109 O O   . LYS A 14 ? 0.4250 0.2901 0.2498 -0.0872 0.0762  -0.0547 15 LYS A O   
110 C CB  . LYS A 14 ? 0.4456 0.2778 0.2626 -0.0685 0.0802  -0.0903 15 LYS A CB  
111 C CG  . LYS A 14 ? 0.4686 0.3444 0.3268 -0.0713 0.0899  -0.0919 15 LYS A CG  
112 C CD  . LYS A 14 ? 0.5064 0.4185 0.3740 -0.0737 0.1073  -0.1059 15 LYS A CD  
113 C CE  . LYS A 14 ? 0.5287 0.4848 0.3987 -0.0776 0.1320  -0.1251 15 LYS A CE  
114 N NZ  . LYS A 14 ? 0.5471 0.5119 0.4249 -0.0731 0.1375  -0.1309 15 LYS A NZ  
115 N N   . TYR A 15 ? 0.3735 0.2412 0.1894 -0.0973 0.0876  -0.0348 16 TYR A N   
116 C CA  . TYR A 15 ? 0.3380 0.2104 0.1616 -0.0940 0.0878  -0.0230 16 TYR A CA  
117 C C   . TYR A 15 ? 0.3304 0.2522 0.1740 -0.1103 0.0813  -0.0207 16 TYR A C   
118 O O   . TYR A 15 ? 0.3362 0.2893 0.1693 -0.1384 0.0626  -0.0022 16 TYR A O   
119 C CB  . TYR A 15 ? 0.2938 0.1879 0.1474 -0.0771 0.0840  -0.0277 16 TYR A CB  
120 C CG  . TYR A 15 ? 0.2596 0.1810 0.1448 -0.0630 0.0773  -0.0281 16 TYR A CG  
121 C CD1 . TYR A 15 ? 0.2419 0.1654 0.1598 -0.0355 0.0813  -0.0189 16 TYR A CD1 
122 C CD2 . TYR A 15 ? 0.2835 0.2111 0.1446 -0.0722 0.0856  -0.0309 16 TYR A CD2 
123 C CE1 . TYR A 15 ? 0.2495 0.1479 0.1608 -0.0290 0.0810  -0.0012 16 TYR A CE1 
124 C CE2 . TYR A 15 ? 0.2734 0.2209 0.1575 -0.0737 0.0835  -0.0245 16 TYR A CE2 
125 C CZ  . TYR A 15 ? 0.2751 0.1978 0.1576 -0.0482 0.0956  -0.0098 16 TYR A CZ  
126 O OH  . TYR A 15 ? 0.2890 0.2326 0.1760 -0.0576 0.1198  -0.0100 16 TYR A OH  
127 N N   . LYS A 16 ? 0.3486 0.2861 0.1839 -0.1216 0.0918  -0.0274 17 LYS A N   
128 C CA  . LYS A 16 ? 0.2996 0.3719 0.2443 -0.1307 0.0568  -0.0081 17 LYS A CA  
129 C C   . LYS A 16 ? 0.2857 0.3309 0.2070 -0.1139 -0.0062 -0.0045 17 LYS A C   
130 O O   . LYS A 16 ? 0.3156 0.3394 0.1907 -0.1186 -0.0505 -0.0176 17 LYS A O   
131 C CB  . LYS A 16 ? 0.2726 0.5263 0.3482 -0.1551 0.0774  0.0338  17 LYS A CB  
132 C CG  . LYS A 16 ? 0.3163 0.6549 0.4477 -0.1715 0.1225  0.0409  17 LYS A CG  
133 C CD  . LYS A 16 ? 0.3447 0.7437 0.5192 -0.1813 0.1329  0.0461  17 LYS A CD  
134 C CE  . LYS A 16 ? 0.3486 0.7955 0.5626 -0.1878 0.1372  0.0587  17 LYS A CE  
135 N NZ  . LYS A 16 ? 0.4020 0.8091 0.5780 -0.1867 0.1480  0.0639  17 LYS A NZ  
136 N N   . HIS A 17 ? 0.2377 0.2667 0.1759 -0.0888 -0.0112 -0.0001 18 HIS A N   
137 C CA  . HIS A 17 ? 0.1993 0.2612 0.1692 -0.0779 -0.0370 0.0164  18 HIS A CA  
138 C C   . HIS A 17 ? 0.2288 0.2057 0.1441 -0.0434 -0.0507 0.0091  18 HIS A C   
139 O O   . HIS A 17 ? 0.2153 0.1811 0.1360 -0.0413 -0.0458 0.0324  18 HIS A O   
140 C CB  . HIS A 17 ? 0.1592 0.2947 0.2004 -0.0846 -0.0584 0.0345  18 HIS A CB  
141 C CG  . HIS A 17 ? 0.1996 0.3354 0.2581 -0.0834 -0.0299 0.0464  18 HIS A CG  
142 N ND1 . HIS A 17 ? 0.2029 0.3746 0.2875 -0.0872 -0.0334 0.0520  18 HIS A ND1 
143 C CD2 . HIS A 17 ? 0.2074 0.3505 0.2917 -0.0791 -0.0188 0.0574  18 HIS A CD2 
144 C CE1 . HIS A 17 ? 0.2145 0.3667 0.3024 -0.0805 -0.0247 0.0518  18 HIS A CE1 
145 N NE2 . HIS A 17 ? 0.2286 0.3785 0.3130 -0.0725 -0.0276 0.0442  18 HIS A NE2 
146 N N   . ARG A 18 ? 0.2831 0.1698 0.1469 -0.0198 -0.0470 0.0142  19 ARG A N   
147 C CA  . ARG A 18 ? 0.3201 0.1478 0.1601 0.0063  -0.0517 0.0131  19 ARG A CA  
148 C C   . ARG A 18 ? 0.2528 0.1503 0.1338 -0.0079 -0.0658 0.0169  19 ARG A C   
149 O O   . ARG A 18 ? 0.2079 0.1723 0.1303 -0.0189 -0.0863 0.0362  19 ARG A O   
150 C CB  . ARG A 18 ? 0.4355 0.1381 0.2086 0.0300  -0.0294 0.0130  19 ARG A CB  
151 C CG  . ARG A 18 ? 0.5569 0.2099 0.2604 0.0173  -0.0127 -0.0222 19 ARG A CG  
152 C CD  . ARG A 18 ? 0.6539 0.2941 0.3115 0.0007  0.0034  -0.0485 19 ARG A CD  
153 N NE  . ARG A 18 ? 0.7504 0.3835 0.3728 0.0011  0.0235  -0.0428 19 ARG A NE  
154 C CZ  . ARG A 18 ? 0.7862 0.4365 0.4145 0.0122  0.0197  -0.0381 19 ARG A CZ  
155 N NH1 . ARG A 18 ? 0.7758 0.4949 0.4378 0.0131  0.0241  -0.0395 19 ARG A NH1 
156 N NH2 . ARG A 18 ? 0.8172 0.4105 0.4232 0.0342  0.0064  -0.0344 19 ARG A NH2 
157 N N   . VAL A 19 ? 0.2209 0.1552 0.1004 -0.0259 -0.0516 0.0119  20 VAL A N   
158 C CA  . VAL A 19 ? 0.1643 0.1473 0.0802 -0.0237 -0.0388 0.0240  20 VAL A CA  
159 C C   . VAL A 19 ? 0.1714 0.1467 0.0876 -0.0127 -0.0172 0.0257  20 VAL A C   
160 O O   . VAL A 19 ? 0.1798 0.1421 0.0931 -0.0285 0.0002  0.0214  20 VAL A O   
161 C CB  . VAL A 19 ? 0.1293 0.1357 0.0645 0.0021  -0.0455 0.0162  20 VAL A CB  
162 C CG1 . VAL A 19 ? 0.1494 0.1415 0.0498 0.0120  -0.0303 0.0053  20 VAL A CG1 
163 C CG2 . VAL A 19 ? 0.1403 0.1588 0.0915 0.0063  -0.0631 0.0148  20 VAL A CG2 
164 N N   . PRO A 20 ? 0.1786 0.1510 0.0933 -0.0108 -0.0101 0.0130  21 PRO A N   
165 C CA  . PRO A 20 ? 0.1569 0.1622 0.1031 -0.0159 -0.0249 0.0127  21 PRO A CA  
166 C C   . PRO A 20 ? 0.1736 0.1543 0.0978 -0.0090 -0.0297 0.0109  21 PRO A C   
167 O O   . PRO A 20 ? 0.1839 0.1437 0.1029 -0.0199 -0.0255 0.0131  21 PRO A O   
168 C CB  . PRO A 20 ? 0.1353 0.1585 0.1207 -0.0041 -0.0085 0.0280  21 PRO A CB  
169 C CG  . PRO A 20 ? 0.1715 0.1518 0.1275 -0.0067 0.0060  0.0264  21 PRO A CG  
170 C CD  . PRO A 20 ? 0.1579 0.1494 0.1092 -0.0051 -0.0090 -0.0030 21 PRO A CD  
171 N N   . LYS A 21 ? 0.1430 0.1569 0.1013 0.0045  -0.0560 0.0279  22 LYS A N   
172 C CA  . LYS A 21 ? 0.1254 0.1700 0.0980 -0.0101 -0.0631 0.0109  22 LYS A CA  
173 C C   . LYS A 21 ? 0.1480 0.1522 0.1240 -0.0103 -0.0727 -0.0009 22 LYS A C   
174 O O   . LYS A 21 ? 0.1658 0.1716 0.1233 -0.0207 -0.0800 -0.0041 22 LYS A O   
175 C CB  . LYS A 21 ? 0.1541 0.2004 0.0925 -0.0212 -0.0601 0.0161  22 LYS A CB  
176 C CG  . LYS A 21 ? 0.1975 0.2529 0.0992 -0.0447 -0.0469 0.0478  22 LYS A CG  
177 C CD  . LYS A 21 ? 0.2576 0.2702 0.1067 -0.0599 -0.0234 0.0615  22 LYS A CD  
178 C CE  . LYS A 21 ? 0.2557 0.2412 0.1073 -0.0708 -0.0116 0.0603  22 LYS A CE  
179 N NZ  . LYS A 21 ? 0.3003 0.2637 0.1007 -0.0812 0.0068  0.0328  22 LYS A NZ  
180 N N   . LYS A 22 ? 0.1548 0.0968 0.1302 0.0161  -0.0614 0.0059  23 LYS A N   
181 C CA  . LYS A 22 ? 0.1738 0.1031 0.1590 0.0346  -0.0458 0.0296  23 LYS A CA  
182 C C   . LYS A 22 ? 0.1569 0.1050 0.1406 0.0207  -0.0382 0.0342  23 LYS A C   
183 O O   . LYS A 22 ? 0.1617 0.1213 0.1508 0.0134  -0.0153 0.0465  23 LYS A O   
184 C CB  . LYS A 22 ? 0.1815 0.1747 0.2279 0.0539  -0.0376 0.0343  23 LYS A CB  
185 C CG  . LYS A 22 ? 0.2043 0.3224 0.2759 0.0484  -0.0159 0.0309  23 LYS A CG  
186 C CD  . LYS A 22 ? 0.3008 0.4405 0.3156 0.0497  0.0445  0.0243  23 LYS A CD  
187 C CE  . LYS A 22 ? 0.3347 0.5233 0.3412 0.0507  0.0768  0.0471  23 LYS A CE  
188 N NZ  . LYS A 22 ? 0.3609 0.5624 0.3590 0.0461  0.0857  0.0673  23 LYS A NZ  
189 N N   . CYS A 23 ? 0.1077 0.0915 0.1153 0.0108  -0.0572 0.0232  24 CYS A N   
190 C CA  . CYS A 23 ? 0.1023 0.0961 0.1255 -0.0072 -0.0635 0.0151  24 CYS A CA  
191 C C   . CYS A 23 ? 0.1168 0.0757 0.1370 -0.0007 -0.0549 0.0244  24 CYS A C   
192 O O   . CYS A 23 ? 0.1195 0.1120 0.1379 -0.0097 -0.0409 0.0169  24 CYS A O   
193 C CB  . CYS A 23 ? 0.0847 0.0835 0.1196 0.0004  -0.0566 -0.0046 24 CYS A CB  
194 S SG  . CYS A 23 ? 0.1115 0.0982 0.1389 0.0133  -0.0358 -0.0018 24 CYS A SG  
195 N N   . CYS A 24 ? 0.1455 0.0516 0.1138 0.0003  -0.0543 0.0065  25 CYS A N   
196 C CA  . CYS A 24 ? 0.1380 0.1267 0.1364 -0.0158 -0.0289 -0.0058 25 CYS A CA  
197 C C   . CYS A 24 ? 0.1219 0.1106 0.1443 0.0054  -0.0438 -0.0074 25 CYS A C   
198 O O   . CYS A 24 ? 0.0848 0.1014 0.1478 0.0234  -0.0514 -0.0118 25 CYS A O   
199 C CB  . CYS A 24 ? 0.1732 0.1572 0.1258 -0.0242 -0.0162 -0.0177 25 CYS A CB  
200 S SG  . CYS A 24 ? 0.1674 0.1343 0.1097 -0.0160 -0.0221 0.0105  25 CYS A SG  
201 N N   . TYR A 25 ? 0.1189 0.1151 0.1341 0.0073  -0.0421 0.0083  26 TYR A N   
202 C CA  . TYR A 25 ? 0.1346 0.1567 0.1404 -0.0037 -0.0398 0.0205  26 TYR A CA  
203 C C   . TYR A 25 ? 0.1152 0.1343 0.1481 0.0112  -0.0304 0.0290  26 TYR A C   
204 O O   . TYR A 25 ? 0.1207 0.1367 0.1379 -0.0118 -0.0136 0.0403  26 TYR A O   
205 C CB  . TYR A 25 ? 0.1527 0.1675 0.1287 -0.0068 -0.0795 0.0246  26 TYR A CB  
206 C CG  . TYR A 25 ? 0.1989 0.1852 0.1318 -0.0131 -0.0740 0.0084  26 TYR A CG  
207 C CD1 . TYR A 25 ? 0.2407 0.1889 0.1188 -0.0128 -0.0708 0.0077  26 TYR A CD1 
208 C CD2 . TYR A 25 ? 0.2538 0.1820 0.1382 -0.0094 -0.0753 0.0139  26 TYR A CD2 
209 C CE1 . TYR A 25 ? 0.2958 0.2134 0.1158 -0.0277 -0.0736 0.0216  26 TYR A CE1 
210 C CE2 . TYR A 25 ? 0.2795 0.2149 0.1499 -0.0163 -0.0904 0.0140  26 TYR A CE2 
211 C CZ  . TYR A 25 ? 0.3112 0.2144 0.1305 -0.0244 -0.0752 0.0214  26 TYR A CZ  
212 O OH  . TYR A 25 ? 0.3365 0.2497 0.1453 -0.0331 -0.0718 0.0371  26 TYR A OH  
213 N N   . ASP A 26 ? 0.1065 0.1166 0.1609 0.0205  -0.0475 0.0284  27 ASP A N   
214 C CA  . ASP A 26 ? 0.1141 0.1190 0.1608 0.0047  -0.0369 0.0108  27 ASP A CA  
215 C C   . ASP A 26 ? 0.0892 0.1196 0.1379 0.0072  -0.0139 0.0178  27 ASP A C   
216 O O   . ASP A 26 ? 0.0919 0.1449 0.1365 0.0135  0.0119  0.0127  27 ASP A O   
217 C CB  . ASP A 26 ? 0.1324 0.1352 0.2215 0.0110  -0.0700 -0.0014 27 ASP A CB  
218 C CG  . ASP A 26 ? 0.2001 0.2365 0.2760 -0.0069 -0.0648 -0.0287 27 ASP A CG  
219 O OD1 . ASP A 26 ? 0.2035 0.2416 0.3267 0.0139  -0.0770 -0.0286 27 ASP A OD1 
220 O OD2 . ASP A 26 ? 0.2755 0.2693 0.2874 -0.0078 -0.0547 -0.0243 27 ASP A OD2 
221 N N   . GLY A 27 ? 0.0671 0.1051 0.1177 0.0147  -0.0240 0.0316  28 GLY A N   
222 C CA  . GLY A 27 ? 0.0741 0.1280 0.1449 0.0095  -0.0055 0.0127  28 GLY A CA  
223 C C   . GLY A 27 ? 0.0926 0.1354 0.1375 0.0199  -0.0077 -0.0032 28 GLY A C   
224 O O   . GLY A 27 ? 0.0782 0.1469 0.1435 0.0131  -0.0051 0.0294  28 GLY A O   
225 N N   . ALA A 28 ? 0.1119 0.1201 0.1333 0.0302  -0.0126 -0.0120 29 ALA A N   
226 C CA  . ALA A 28 ? 0.1030 0.1308 0.1236 0.0044  -0.0073 -0.0338 29 ALA A CA  
227 C C   . ALA A 28 ? 0.1428 0.1235 0.1444 0.0030  0.0064  -0.0192 29 ALA A C   
228 O O   . ALA A 28 ? 0.1590 0.1497 0.1531 -0.0053 0.0033  -0.0238 29 ALA A O   
229 C CB  . ALA A 28 ? 0.1394 0.1324 0.1278 -0.0047 0.0215  -0.0336 29 ALA A CB  
230 N N   . ARG A 29 ? 0.1503 0.1173 0.1498 -0.0043 0.0163  -0.0002 30 ARG A N   
231 C CA  . ARG A 29 ? 0.1789 0.1460 0.2058 0.0008  0.0429  0.0350  30 ARG A CA  
232 C C   . ARG A 29 ? 0.1669 0.1431 0.1856 0.0019  0.0495  0.0127  30 ARG A C   
233 O O   . ARG A 29 ? 0.2057 0.1353 0.1892 0.0255  0.0489  0.0305  30 ARG A O   
234 C CB  . ARG A 29 ? 0.2190 0.1615 0.3011 0.0189  0.0428  0.0889  30 ARG A CB  
235 C CG  . ARG A 29 ? 0.3116 0.2346 0.4083 0.0250  0.0379  0.1038  30 ARG A CG  
236 C CD  . ARG A 29 ? 0.4042 0.3447 0.4985 0.0237  0.0303  0.1108  30 ARG A CD  
237 N NE  . ARG A 29 ? 0.4923 0.4528 0.5564 0.0329  0.0192  0.0981  30 ARG A NE  
238 C CZ  . ARG A 29 ? 0.5263 0.4816 0.5868 0.0444  -0.0089 0.0959  30 ARG A CZ  
239 N NH1 . ARG A 29 ? 0.5172 0.5108 0.5891 0.0468  -0.0460 0.0726  30 ARG A NH1 
240 N NH2 . ARG A 29 ? 0.5290 0.4467 0.6077 0.0445  -0.0115 0.1022  30 ARG A NH2 
241 N N   . GLU A 30 ? 0.1094 0.1443 0.1767 -0.0039 0.0357  -0.0004 31 GLU A N   
242 C CA  . GLU A 30 ? 0.0790 0.1554 0.1958 -0.0227 0.0182  0.0318  31 GLU A CA  
243 C C   . GLU A 30 ? 0.1225 0.1326 0.1847 0.0103  0.0206  0.0182  31 GLU A C   
244 O O   . GLU A 30 ? 0.1475 0.1057 0.1971 0.0363  -0.0125 0.0169  31 GLU A O   
245 C CB  . GLU A 30 ? 0.1003 0.1604 0.2450 -0.0218 0.0105  0.0512  31 GLU A CB  
246 C CG  . GLU A 30 ? 0.1300 0.1642 0.3042 -0.0082 -0.0278 0.0734  31 GLU A CG  
247 C CD  . GLU A 30 ? 0.1786 0.2102 0.3780 -0.0249 -0.0527 0.0957  31 GLU A CD  
248 O OE1 . GLU A 30 ? 0.1648 0.2344 0.4097 -0.0266 -0.0741 0.0964  31 GLU A OE1 
249 O OE2 . GLU A 30 ? 0.2166 0.2266 0.4048 -0.0161 -0.0628 0.0911  31 GLU A OE2 
250 N N   . ASN A 31 ? 0.1153 0.1448 0.1565 0.0146  0.0110  0.0108  32 ASN A N   
251 C CA  . ASN A 31 ? 0.1353 0.1564 0.1750 0.0014  0.0064  0.0138  32 ASN A CA  
252 C C   . ASN A 31 ? 0.1274 0.1595 0.1775 -0.0052 0.0056  0.0219  32 ASN A C   
253 O O   . ASN A 31 ? 0.1423 0.1615 0.1816 0.0100  0.0055  0.0288  32 ASN A O   
254 C CB  . ASN A 31 ? 0.0853 0.1646 0.1763 -0.0011 -0.0029 -0.0008 32 ASN A CB  
255 C CG  . ASN A 31 ? 0.1030 0.1646 0.1842 -0.0116 0.0151  -0.0304 32 ASN A CG  
256 O OD1 . ASN A 31 ? 0.1310 0.1895 0.1680 -0.0320 0.0380  -0.0340 32 ASN A OD1 
257 N ND2 . ASN A 31 ? 0.1052 0.1142 0.2012 -0.0009 0.0078  -0.0320 32 ASN A ND2 
258 N N   . LYS A 32 ? 0.1443 0.1395 0.1837 0.0080  0.0076  0.0205  33 LYS A N   
259 C CA  . LYS A 32 ? 0.1230 0.1783 0.2243 -0.0123 0.0062  0.0265  33 LYS A CA  
260 C C   . LYS A 32 ? 0.1560 0.1632 0.1839 0.0003  0.0149  -0.0097 33 LYS A C   
261 O O   . LYS A 32 ? 0.1932 0.1670 0.1627 -0.0116 0.0131  -0.0237 33 LYS A O   
262 C CB  . LYS A 32 ? 0.1897 0.1997 0.3144 -0.0058 0.0197  0.0326  33 LYS A CB  
263 C CG  . LYS A 32 ? 0.2014 0.2716 0.3882 -0.0060 0.0079  0.0525  33 LYS A CG  
264 C CD  . LYS A 32 ? 0.2426 0.3437 0.4523 -0.0106 -0.0078 0.0624  33 LYS A CD  
265 C CE  . LYS A 32 ? 0.2748 0.4322 0.5010 -0.0335 0.0029  0.0584  33 LYS A CE  
266 N NZ  . LYS A 32 ? 0.3228 0.4585 0.5363 -0.0358 0.0073  0.0524  33 LYS A NZ  
267 N N   . TYR A 33 ? 0.1238 0.1623 0.1651 0.0095  0.0170  -0.0218 34 TYR A N   
268 C CA  . TYR A 33 ? 0.1413 0.1794 0.1724 0.0150  0.0226  -0.0412 34 TYR A CA  
269 C C   . TYR A 33 ? 0.1780 0.1679 0.1729 0.0130  0.0401  -0.0175 34 TYR A C   
270 O O   . TYR A 33 ? 0.2298 0.1989 0.1616 -0.0184 0.0745  0.0155  34 TYR A O   
271 C CB  . TYR A 33 ? 0.1247 0.1961 0.1659 -0.0023 0.0273  -0.0604 34 TYR A CB  
272 C CG  . TYR A 33 ? 0.0958 0.1983 0.1773 0.0110  -0.0074 -0.0607 34 TYR A CG  
273 C CD1 . TYR A 33 ? 0.0659 0.2190 0.1823 0.0119  -0.0031 -0.0454 34 TYR A CD1 
274 C CD2 . TYR A 33 ? 0.0910 0.1597 0.1995 0.0246  -0.0229 -0.0506 34 TYR A CD2 
275 C CE1 . TYR A 33 ? 0.0965 0.2287 0.2024 0.0213  0.0014  -0.0417 34 TYR A CE1 
276 C CE2 . TYR A 33 ? 0.0766 0.1895 0.2164 0.0212  -0.0129 -0.0367 34 TYR A CE2 
277 C CZ  . TYR A 33 ? 0.1066 0.2316 0.2213 0.0257  -0.0029 -0.0344 34 TYR A CZ  
278 O OH  . TYR A 33 ? 0.1298 0.2728 0.2481 0.0288  -0.0002 -0.0237 34 TYR A OH  
279 N N   . GLU A 34 ? 0.1121 0.1387 0.1727 0.0427  0.0406  -0.0450 35 GLU A N   
280 C CA  . GLU A 34 ? 0.1210 0.1495 0.1929 0.0191  0.0234  -0.0607 35 GLU A CA  
281 C C   . GLU A 34 ? 0.1102 0.1598 0.1859 0.0088  0.0161  -0.0453 35 GLU A C   
282 O O   . GLU A 34 ? 0.1208 0.2105 0.2002 -0.0059 0.0123  -0.0332 35 GLU A O   
283 C CB  . GLU A 34 ? 0.1473 0.1159 0.2157 0.0226  0.0204  -0.0712 35 GLU A CB  
284 C CG  . GLU A 34 ? 0.1842 0.1465 0.2099 0.0108  0.0369  -0.0939 35 GLU A CG  
285 C CD  . GLU A 34 ? 0.2284 0.1979 0.2303 -0.0069 0.0256  -0.0866 35 GLU A CD  
286 O OE1 . GLU A 34 ? 0.2673 0.2354 0.2562 -0.0100 -0.0130 -0.0761 35 GLU A OE1 
287 O OE2 . GLU A 34 ? 0.2079 0.2143 0.2091 -0.0269 0.0651  -0.0661 35 GLU A OE2 
288 N N   . THR A 35 ? 0.0735 0.1620 0.1827 0.0095  0.0172  -0.0116 36 THR A N   
289 C CA  . THR A 35 ? 0.0703 0.1387 0.1588 0.0188  0.0040  0.0082  36 THR A CA  
290 C C   . THR A 35 ? 0.0843 0.1287 0.1430 0.0261  0.0043  0.0226  36 THR A C   
291 O O   . THR A 35 ? 0.1177 0.1279 0.1467 0.0013  0.0298  0.0208  36 THR A O   
292 C CB  . THR A 35 ? 0.1028 0.1498 0.1640 0.0155  -0.0207 0.0466  36 THR A CB  
293 O OG1 . THR A 35 ? 0.1691 0.1751 0.1555 0.0038  -0.0325 0.0431  36 THR A OG1 
294 C CG2 . THR A 35 ? 0.1390 0.1188 0.1710 0.0252  -0.0093 0.0759  36 THR A CG2 
295 N N   . CYS A 36 ? 0.0989 0.1234 0.0914 0.0283  -0.0105 0.0137  37 CYS A N   
296 C CA  . CYS A 36 ? 0.1198 0.1632 0.1005 0.0076  -0.0083 0.0106  37 CYS A CA  
297 C C   . CYS A 36 ? 0.1285 0.1883 0.1380 0.0201  0.0072  0.0054  37 CYS A C   
298 O O   . CYS A 36 ? 0.0911 0.1648 0.1318 0.0192  0.0207  -0.0092 37 CYS A O   
299 C CB  . CYS A 36 ? 0.1604 0.1252 0.1135 0.0218  0.0049  0.0265  37 CYS A CB  
300 S SG  . CYS A 36 ? 0.1256 0.1220 0.1340 0.0012  0.0032  0.0164  37 CYS A SG  
301 N N   . GLU A 37 ? 0.1512 0.2017 0.1739 0.0384  -0.0087 0.0307  38 GLU A N   
302 C CA  . GLU A 37 ? 0.2048 0.2668 0.2072 0.0183  -0.0340 0.0152  38 GLU A CA  
303 C C   . GLU A 37 ? 0.1673 0.2668 0.1675 0.0003  -0.0071 0.0023  38 GLU A C   
304 O O   . GLU A 37 ? 0.1943 0.3374 0.1543 -0.0349 0.0053  -0.0207 38 GLU A O   
305 C CB  . GLU A 37 ? 0.3237 0.3577 0.2868 -0.0055 -0.0216 0.0167  38 GLU A CB  
306 C CG  . GLU A 37 ? 0.3747 0.4805 0.3682 -0.0429 -0.0153 0.0299  38 GLU A CG  
307 C CD  . GLU A 37 ? 0.4305 0.6001 0.4413 -0.0748 -0.0077 0.0531  38 GLU A CD  
308 O OE1 . GLU A 37 ? 0.4302 0.6257 0.4761 -0.0853 -0.0085 0.0764  38 GLU A OE1 
309 O OE2 . GLU A 37 ? 0.4682 0.6398 0.4564 -0.0805 0.0050  0.0619  38 GLU A OE2 
310 N N   . GLN A 38 ? 0.1369 0.2102 0.1585 0.0148  -0.0119 0.0200  39 GLN A N   
311 C CA  . GLN A 38 ? 0.1317 0.2048 0.1465 -0.0147 -0.0039 0.0334  39 GLN A CA  
312 C C   . GLN A 38 ? 0.1597 0.2190 0.1347 -0.0320 -0.0057 -0.0013 39 GLN A C   
313 O O   . GLN A 38 ? 0.2369 0.2285 0.1199 -0.0777 -0.0041 -0.0178 39 GLN A O   
314 C CB  . GLN A 38 ? 0.1731 0.2040 0.1478 -0.0273 0.0030  0.0446  39 GLN A CB  
315 C CG  . GLN A 38 ? 0.2048 0.2123 0.1537 -0.0456 0.0156  0.0607  39 GLN A CG  
316 C CD  . GLN A 38 ? 0.2622 0.2433 0.1565 -0.0449 0.0134  0.0610  39 GLN A CD  
317 O OE1 . GLN A 38 ? 0.2338 0.2333 0.1768 -0.0362 -0.0052 0.0634  39 GLN A OE1 
318 N NE2 . GLN A 38 ? 0.3334 0.3136 0.1515 -0.0664 0.0079  0.0410  39 GLN A NE2 
319 N N   . ARG A 39 ? 0.1096 0.2110 0.1097 -0.0158 0.0007  -0.0015 40 ARG A N   
320 C CA  . ARG A 39 ? 0.0711 0.1947 0.1228 -0.0137 -0.0164 -0.0017 40 ARG A CA  
321 C C   . ARG A 39 ? 0.0667 0.1750 0.1258 -0.0111 -0.0070 -0.0102 40 ARG A C   
322 O O   . ARG A 39 ? 0.1147 0.1351 0.1230 0.0211  -0.0381 -0.0207 40 ARG A O   
323 C CB  . ARG A 39 ? 0.0703 0.1747 0.1175 -0.0025 -0.0179 -0.0157 40 ARG A CB  
324 C CG  . ARG A 39 ? 0.0754 0.1755 0.1161 0.0014  -0.0235 -0.0117 40 ARG A CG  
325 C CD  . ARG A 39 ? 0.1303 0.1658 0.1049 -0.0046 -0.0218 -0.0155 40 ARG A CD  
326 N NE  . ARG A 39 ? 0.1265 0.1610 0.0912 -0.0062 -0.0086 -0.0013 40 ARG A NE  
327 C CZ  . ARG A 39 ? 0.1243 0.1524 0.1142 -0.0024 0.0050  0.0039  40 ARG A CZ  
328 N NH1 . ARG A 39 ? 0.1237 0.1124 0.1298 0.0118  0.0154  -0.0162 40 ARG A NH1 
329 N NH2 . ARG A 39 ? 0.1501 0.1434 0.1066 0.0003  0.0004  0.0208  40 ARG A NH2 
330 N N   . VAL A 40 ? 0.0751 0.1972 0.1352 -0.0377 0.0065  -0.0024 41 VAL A N   
331 C CA  . VAL A 40 ? 0.0567 0.1876 0.1440 -0.0268 0.0177  -0.0069 41 VAL A CA  
332 C C   . VAL A 40 ? 0.0729 0.1581 0.1372 -0.0028 0.0031  -0.0174 41 VAL A C   
333 O O   . VAL A 40 ? 0.0921 0.1388 0.1335 -0.0001 -0.0292 -0.0505 41 VAL A O   
334 C CB  . VAL A 40 ? 0.0755 0.1783 0.1492 -0.0066 0.0306  -0.0116 41 VAL A CB  
335 C CG1 . VAL A 40 ? 0.1278 0.1631 0.1703 0.0258  0.0160  -0.0097 41 VAL A CG1 
336 C CG2 . VAL A 40 ? 0.0756 0.2182 0.1612 -0.0340 0.0298  -0.0444 41 VAL A CG2 
337 N N   . ALA A 41 ? 0.1109 0.1660 0.1298 -0.0069 -0.0012 -0.0107 42 ALA A N   
338 C CA  . ALA A 41 ? 0.1279 0.1770 0.1263 -0.0134 -0.0115 0.0134  42 ALA A CA  
339 C C   . ALA A 41 ? 0.1115 0.1828 0.1591 -0.0152 -0.0215 -0.0102 42 ALA A C   
340 O O   . ALA A 41 ? 0.1476 0.1951 0.1676 -0.0237 -0.0096 -0.0247 42 ALA A O   
341 C CB  . ALA A 41 ? 0.1443 0.1798 0.1271 -0.0003 -0.0049 0.0552  42 ALA A CB  
342 N N   . ARG A 42 ? 0.1029 0.1605 0.1786 0.0208  -0.0145 0.0051  43 ARG A N   
343 C CA  . ARG A 42 ? 0.0920 0.1755 0.2196 0.0280  0.0119  0.0055  43 ARG A CA  
344 C C   . ARG A 42 ? 0.1225 0.1569 0.2165 0.0190  0.0136  0.0016  43 ARG A C   
345 O O   . ARG A 42 ? 0.1738 0.1183 0.2436 0.0570  0.0240  0.0015  43 ARG A O   
346 C CB  . ARG A 42 ? 0.0972 0.1921 0.2574 0.0233  0.0504  0.0073  43 ARG A CB  
347 C CG  . ARG A 42 ? 0.1016 0.2430 0.2933 0.0218  0.0659  0.0036  43 ARG A CG  
348 C CD  . ARG A 42 ? 0.1118 0.2311 0.3167 0.0244  0.0727  0.0018  43 ARG A CD  
349 N NE  . ARG A 42 ? 0.1521 0.2334 0.3553 -0.0015 0.0768  -0.0044 43 ARG A NE  
350 C CZ  . ARG A 42 ? 0.1832 0.2041 0.3562 -0.0271 0.0801  -0.0390 43 ARG A CZ  
351 N NH1 . ARG A 42 ? 0.1673 0.1383 0.3458 0.0172  0.1061  -0.0267 43 ARG A NH1 
352 N NH2 . ARG A 42 ? 0.2373 0.2519 0.3510 -0.0576 0.0773  -0.0627 43 ARG A NH2 
353 N N   . VAL A 43 ? 0.0853 0.1771 0.1867 0.0171  0.0047  -0.0114 44 VAL A N   
354 C CA  . VAL A 43 ? 0.1179 0.1797 0.1770 0.0128  0.0026  -0.0141 44 VAL A CA  
355 C C   . VAL A 43 ? 0.1272 0.1658 0.1731 0.0036  -0.0012 -0.0087 44 VAL A C   
356 O O   . VAL A 43 ? 0.1788 0.1551 0.1759 0.0164  -0.0083 0.0071  44 VAL A O   
357 C CB  . VAL A 43 ? 0.1555 0.2058 0.1635 -0.0041 0.0052  -0.0346 44 VAL A CB  
358 C CG1 . VAL A 43 ? 0.1894 0.1714 0.1414 -0.0184 0.0319  -0.0233 44 VAL A CG1 
359 C CG2 . VAL A 43 ? 0.1860 0.2016 0.1822 -0.0083 -0.0213 -0.0489 44 VAL A CG2 
360 N N   . THR A 44 ? 0.1179 0.1657 0.1609 -0.0214 0.0170  -0.0274 45 THR A N   
361 C CA  . THR A 44 ? 0.1083 0.1953 0.1785 -0.0245 0.0262  -0.0185 45 THR A CA  
362 C C   . THR A 44 ? 0.1244 0.1761 0.1849 -0.0216 0.0296  -0.0144 45 THR A C   
363 O O   . THR A 44 ? 0.1656 0.2367 0.1941 -0.0418 0.0158  -0.0349 45 THR A O   
364 C CB  . THR A 44 ? 0.1504 0.1874 0.1995 -0.0207 0.0217  -0.0338 45 THR A CB  
365 O OG1 . THR A 44 ? 0.1482 0.1826 0.2339 0.0019  0.0046  -0.0561 45 THR A OG1 
366 C CG2 . THR A 44 ? 0.1920 0.2084 0.1760 -0.0400 0.0363  -0.0279 45 THR A CG2 
367 N N   . ILE A 45 ? 0.1061 0.1283 0.1733 0.0131  0.0121  0.0120  46 ILE A N   
368 C CA  . ILE A 45 ? 0.0808 0.1800 0.1782 0.0037  0.0090  0.0027  46 ILE A CA  
369 C C   . ILE A 45 ? 0.1329 0.1556 0.1779 0.0012  0.0196  -0.0005 46 ILE A C   
370 O O   . ILE A 45 ? 0.1582 0.1926 0.1867 -0.0344 0.0493  -0.0007 46 ILE A O   
371 C CB  . ILE A 45 ? 0.0933 0.1527 0.1787 0.0365  -0.0133 -0.0104 46 ILE A CB  
372 C CG1 . ILE A 45 ? 0.0942 0.1371 0.1772 0.0334  -0.0603 -0.0069 46 ILE A CG1 
373 C CG2 . ILE A 45 ? 0.1406 0.1822 0.1941 0.0307  -0.0090 -0.0267 46 ILE A CG2 
374 C CD1 . ILE A 45 ? 0.1252 0.1587 0.1917 0.0250  -0.0756 -0.0286 46 ILE A CD1 
375 N N   . GLY A 46 ? 0.1123 0.1160 0.1847 0.0264  0.0178  0.0072  47 GLY A N   
376 C CA  . GLY A 46 ? 0.0877 0.1156 0.1753 0.0321  0.0215  -0.0047 47 GLY A CA  
377 C C   . GLY A 46 ? 0.0800 0.1637 0.1663 0.0152  0.0071  0.0170  47 GLY A C   
378 O O   . GLY A 46 ? 0.0824 0.1517 0.1472 0.0349  0.0149  0.0116  47 GLY A O   
379 N N   . PRO A 47 ? 0.0731 0.1688 0.1766 0.0112  -0.0016 0.0205  48 PRO A N   
380 C CA  . PRO A 47 ? 0.0741 0.1748 0.1851 0.0045  0.0005  0.0252  48 PRO A CA  
381 C C   . PRO A 47 ? 0.0895 0.1643 0.1799 0.0017  0.0176  0.0189  48 PRO A C   
382 O O   . PRO A 47 ? 0.1051 0.1598 0.1926 -0.0030 0.0163  0.0323  48 PRO A O   
383 C CB  . PRO A 47 ? 0.0549 0.1594 0.1991 -0.0031 0.0062  0.0331  48 PRO A CB  
384 C CG  . PRO A 47 ? 0.0618 0.1637 0.2295 -0.0003 0.0207  0.0193  48 PRO A CG  
385 C CD  . PRO A 47 ? 0.0630 0.1859 0.2121 -0.0051 0.0322  0.0143  48 PRO A CD  
386 N N   . HIS A 48 ? 0.0673 0.1646 0.1936 0.0014  0.0159  0.0164  49 HIS A N   
387 C CA  . HIS A 48 ? 0.0782 0.1795 0.2205 -0.0065 0.0137  0.0200  49 HIS A CA  
388 C C   . HIS A 48 ? 0.1113 0.1348 0.1684 0.0142  -0.0065 0.0192  49 HIS A C   
389 O O   . HIS A 48 ? 0.1486 0.1334 0.1475 0.0187  -0.0072 -0.0208 49 HIS A O   
390 C CB  . HIS A 48 ? 0.1383 0.1859 0.3198 -0.0172 0.0415  0.0140  49 HIS A CB  
391 C CG  . HIS A 48 ? 0.2125 0.2286 0.4316 -0.0110 0.1007  0.0354  49 HIS A CG  
392 N ND1 . HIS A 48 ? 0.2665 0.3120 0.4681 -0.0508 0.1266  0.0098  49 HIS A ND1 
393 C CD2 . HIS A 48 ? 0.2236 0.2629 0.4883 -0.0231 0.1093  0.0530  49 HIS A CD2 
394 C CE1 . HIS A 48 ? 0.2962 0.2885 0.4990 -0.0526 0.1552  0.0393  49 HIS A CE1 
395 N NE2 . HIS A 48 ? 0.2868 0.2638 0.5173 -0.0179 0.1347  0.0722  49 HIS A NE2 
396 N N   . CYS A 49 ? 0.0977 0.1200 0.1273 0.0209  -0.0077 0.0161  50 CYS A N   
397 C CA  . CYS A 49 ? 0.1031 0.1148 0.1336 0.0471  -0.0103 0.0209  50 CYS A CA  
398 C C   . CYS A 49 ? 0.0936 0.1106 0.1346 0.0536  -0.0121 0.0257  50 CYS A C   
399 O O   . CYS A 49 ? 0.0862 0.1492 0.1283 0.0411  -0.0110 0.0282  50 CYS A O   
400 C CB  . CYS A 49 ? 0.0952 0.1259 0.1378 0.0532  -0.0325 0.0156  50 CYS A CB  
401 S SG  . CYS A 49 ? 0.1039 0.1238 0.1209 0.0250  -0.0310 0.0075  50 CYS A SG  
402 N N   . ILE A 50 ? 0.0983 0.1002 0.1286 0.0452  -0.0206 0.0328  51 ILE A N   
403 C CA  . ILE A 50 ? 0.1140 0.0888 0.1134 0.0455  -0.0202 0.0289  51 ILE A CA  
404 C C   . ILE A 50 ? 0.1072 0.1126 0.1142 0.0451  -0.0065 0.0144  51 ILE A C   
405 O O   . ILE A 50 ? 0.0751 0.1302 0.1089 0.0323  0.0023  0.0224  51 ILE A O   
406 C CB  . ILE A 50 ? 0.0974 0.0779 0.1024 0.0312  -0.0191 0.0154  51 ILE A CB  
407 C CG1 . ILE A 50 ? 0.1003 0.1374 0.1000 -0.0112 -0.0469 -0.0144 51 ILE A CG1 
408 C CG2 . ILE A 50 ? 0.0847 0.0718 0.1074 0.0292  -0.0133 0.0337  51 ILE A CG2 
409 C CD1 . ILE A 50 ? 0.0988 0.1610 0.1255 -0.0142 -0.0537 -0.0233 51 ILE A CD1 
410 N N   . ARG A 51 ? 0.1037 0.1007 0.1006 0.0546  0.0024  0.0065  52 ARG A N   
411 C CA  . ARG A 51 ? 0.0974 0.1114 0.1118 0.0363  0.0087  -0.0224 52 ARG A CA  
412 C C   . ARG A 51 ? 0.0826 0.1220 0.1249 0.0171  -0.0091 -0.0297 52 ARG A C   
413 O O   . ARG A 51 ? 0.0777 0.1676 0.1669 0.0042  -0.0106 -0.0092 52 ARG A O   
414 C CB  . ARG A 51 ? 0.0896 0.1389 0.1239 0.0367  0.0114  -0.0362 52 ARG A CB  
415 C CG  . ARG A 51 ? 0.0840 0.1237 0.1164 0.0343  0.0324  -0.0328 52 ARG A CG  
416 C CD  . ARG A 51 ? 0.0504 0.1829 0.1506 0.0036  0.0085  -0.0267 52 ARG A CD  
417 N NE  . ARG A 51 ? 0.0657 0.2182 0.1779 -0.0041 0.0280  -0.0307 52 ARG A NE  
418 C CZ  . ARG A 51 ? 0.0683 0.2375 0.1944 -0.0079 0.0249  -0.0290 52 ARG A CZ  
419 N NH1 . ARG A 51 ? 0.0985 0.2738 0.1828 -0.0377 0.0374  -0.0714 52 ARG A NH1 
420 N NH2 . ARG A 51 ? 0.0704 0.2165 0.2152 0.0067  0.0129  0.0133  52 ARG A NH2 
421 N N   . ALA A 52 ? 0.0653 0.1219 0.1161 0.0175  -0.0116 -0.0239 53 ALA A N   
422 C CA  . ALA A 52 ? 0.1058 0.1278 0.1123 0.0071  -0.0216 -0.0025 53 ALA A CA  
423 C C   . ALA A 52 ? 0.1168 0.1163 0.1219 -0.0041 -0.0117 0.0244  53 ALA A C   
424 O O   . ALA A 52 ? 0.1055 0.1332 0.1407 -0.0239 -0.0305 0.0424  53 ALA A O   
425 C CB  . ALA A 52 ? 0.1210 0.1244 0.0971 0.0240  -0.0371 -0.0005 53 ALA A CB  
426 N N   . PHE A 53 ? 0.1157 0.0782 0.1202 0.0121  0.0182  0.0246  54 PHE A N   
427 C CA  . PHE A 53 ? 0.1314 0.1042 0.1190 0.0033  0.0314  0.0056  54 PHE A CA  
428 C C   . PHE A 53 ? 0.1323 0.1225 0.1281 -0.0007 0.0059  0.0092  54 PHE A C   
429 O O   . PHE A 53 ? 0.1088 0.1140 0.1283 -0.0170 -0.0015 0.0144  54 PHE A O   
430 C CB  . PHE A 53 ? 0.0615 0.0917 0.1371 0.0259  0.0208  -0.0133 54 PHE A CB  
431 C CG  . PHE A 53 ? 0.0867 0.1422 0.1408 -0.0082 0.0094  -0.0290 54 PHE A CG  
432 C CD1 . PHE A 53 ? 0.0667 0.1564 0.1266 -0.0100 0.0105  -0.0002 54 PHE A CD1 
433 C CD2 . PHE A 53 ? 0.0800 0.1652 0.1647 -0.0258 -0.0202 -0.0184 54 PHE A CD2 
434 C CE1 . PHE A 53 ? 0.0839 0.1356 0.1621 -0.0010 -0.0147 0.0284  54 PHE A CE1 
435 C CE2 . PHE A 53 ? 0.1148 0.1780 0.1612 -0.0390 -0.0143 -0.0042 54 PHE A CE2 
436 C CZ  . PHE A 53 ? 0.1342 0.1622 0.1607 -0.0215 -0.0166 0.0166  54 PHE A CZ  
437 N N   . ASN A 54 ? 0.1376 0.1073 0.1197 0.0270  -0.0075 0.0100  55 ASN A N   
438 C CA  . ASN A 54 ? 0.1530 0.0749 0.1324 0.0387  -0.0195 0.0211  55 ASN A CA  
439 C C   . ASN A 54 ? 0.1472 0.1098 0.1453 0.0378  -0.0161 0.0110  55 ASN A C   
440 O O   . ASN A 54 ? 0.1587 0.1408 0.1365 0.0328  -0.0217 0.0069  55 ASN A O   
441 C CB  . ASN A 54 ? 0.1052 0.1202 0.1814 0.0333  -0.0355 0.0225  55 ASN A CB  
442 C CG  . ASN A 54 ? 0.1363 0.1323 0.2112 0.0204  -0.0353 0.0135  55 ASN A CG  
443 O OD1 . ASN A 54 ? 0.1725 0.1437 0.2072 -0.0092 -0.0211 0.0444  55 ASN A OD1 
444 N ND2 . ASN A 54 ? 0.1700 0.1317 0.2395 0.0276  -0.0422 -0.0149 55 ASN A ND2 
445 N N   . GLU A 55 ? 0.1425 0.1211 0.1171 0.0287  -0.0220 0.0060  56 GLU A N   
446 C CA  . GLU A 55 ? 0.1783 0.1456 0.1289 0.0339  -0.0143 -0.0263 56 GLU A CA  
447 C C   . GLU A 55 ? 0.1656 0.1319 0.1225 0.0181  -0.0125 -0.0154 56 GLU A C   
448 O O   . GLU A 55 ? 0.1904 0.1352 0.1338 0.0036  -0.0090 -0.0279 56 GLU A O   
449 C CB  . GLU A 55 ? 0.2852 0.1456 0.1737 0.0665  -0.0068 -0.0541 56 GLU A CB  
450 C CG  . GLU A 55 ? 0.3813 0.2078 0.2296 0.0766  -0.0060 -0.0499 56 GLU A CG  
451 C CD  . GLU A 55 ? 0.5001 0.2804 0.2937 0.0929  -0.0213 -0.0507 56 GLU A CD  
452 O OE1 . GLU A 55 ? 0.5260 0.2933 0.3148 0.1376  -0.0220 -0.0185 56 GLU A OE1 
453 O OE2 . GLU A 55 ? 0.5638 0.3004 0.3497 0.0743  -0.0289 -0.0407 56 GLU A OE2 
454 N N   . CYS A 56 ? 0.1326 0.1079 0.1268 0.0276  -0.0176 0.0032  57 CYS A N   
455 C CA  . CYS A 56 ? 0.1285 0.1046 0.1231 -0.0064 -0.0218 0.0290  57 CYS A CA  
456 C C   . CYS A 56 ? 0.1347 0.1026 0.1074 -0.0038 -0.0143 0.0144  57 CYS A C   
457 O O   . CYS A 56 ? 0.1260 0.1096 0.1178 -0.0165 -0.0062 0.0096  57 CYS A O   
458 C CB  . CYS A 56 ? 0.1125 0.1088 0.1267 -0.0086 -0.0129 0.0272  57 CYS A CB  
459 S SG  . CYS A 56 ? 0.1331 0.1432 0.1113 -0.0314 0.0068  -0.0045 57 CYS A SG  
460 N N   . CYS A 57 ? 0.1581 0.0637 0.0865 -0.0119 -0.0233 0.0307  58 CYS A N   
461 C CA  . CYS A 57 ? 0.1307 0.0956 0.0858 0.0003  0.0022  0.0038  58 CYS A CA  
462 C C   . CYS A 57 ? 0.1047 0.1176 0.0914 0.0047  -0.0128 -0.0049 58 CYS A C   
463 O O   . CYS A 57 ? 0.1009 0.1148 0.1129 -0.0073 -0.0170 0.0178  58 CYS A O   
464 C CB  . CYS A 57 ? 0.1221 0.1166 0.0919 -0.0095 0.0089  0.0017  58 CYS A CB  
465 S SG  . CYS A 57 ? 0.1344 0.1220 0.1173 -0.0158 0.0171  -0.0051 58 CYS A SG  
466 N N   . THR A 58 ? 0.1145 0.1157 0.1041 0.0138  -0.0108 -0.0164 59 THR A N   
467 C CA  . THR A 58 ? 0.0983 0.1031 0.1444 0.0267  -0.0201 0.0115  59 THR A CA  
468 C C   . THR A 58 ? 0.1112 0.1333 0.1457 0.0008  0.0076  -0.0152 59 THR A C   
469 O O   . THR A 58 ? 0.1230 0.1445 0.1608 0.0006  0.0228  -0.0201 59 THR A O   
470 C CB  . THR A 58 ? 0.1408 0.0926 0.1890 0.0342  -0.0277 0.0119  59 THR A CB  
471 O OG1 . THR A 58 ? 0.1411 0.1262 0.1894 0.0097  -0.0334 0.0053  59 THR A OG1 
472 C CG2 . THR A 58 ? 0.1765 0.0856 0.2079 0.0225  -0.0103 0.0331  59 THR A CG2 
473 N N   . ILE A 59 ? 0.1122 0.1570 0.1288 -0.0110 -0.0063 -0.0068 60 ILE A N   
474 C CA  . ILE A 59 ? 0.0799 0.1422 0.1228 0.0053  -0.0182 0.0020  60 ILE A CA  
475 C C   . ILE A 59 ? 0.1146 0.1120 0.1373 0.0120  -0.0237 -0.0039 60 ILE A C   
476 O O   . ILE A 59 ? 0.1051 0.1343 0.1514 -0.0251 -0.0179 0.0106  60 ILE A O   
477 C CB  . ILE A 59 ? 0.0894 0.1566 0.1179 0.0029  -0.0089 0.0172  60 ILE A CB  
478 C CG1 . ILE A 59 ? 0.1081 0.1634 0.1223 -0.0018 0.0451  0.0253  60 ILE A CG1 
479 C CG2 . ILE A 59 ? 0.0743 0.1783 0.1041 -0.0128 -0.0301 0.0272  60 ILE A CG2 
480 C CD1 . ILE A 59 ? 0.1557 0.1591 0.1216 -0.0072 0.0713  0.0370  60 ILE A CD1 
481 N N   . ALA A 60 ? 0.1323 0.1157 0.1345 0.0187  -0.0064 -0.0097 61 ALA A N   
482 C CA  . ALA A 60 ? 0.1126 0.1022 0.1268 0.0306  0.0142  -0.0022 61 ALA A CA  
483 C C   . ALA A 60 ? 0.1047 0.0972 0.1378 0.0115  0.0102  0.0168  61 ALA A C   
484 O O   . ALA A 60 ? 0.1186 0.1288 0.1507 -0.0187 0.0099  0.0291  61 ALA A O   
485 C CB  . ALA A 60 ? 0.1100 0.0801 0.1169 0.0457  0.0070  -0.0120 61 ALA A CB  
486 N N   . ASP A 61 ? 0.0770 0.0767 0.1236 0.0207  -0.0043 0.0320  62 ASP A N   
487 C CA  . ASP A 61 ? 0.1197 0.1206 0.1102 -0.0100 -0.0078 0.0042  62 ASP A CA  
488 C C   . ASP A 61 ? 0.0942 0.1134 0.1262 0.0129  -0.0152 0.0025  62 ASP A C   
489 O O   . ASP A 61 ? 0.1208 0.1258 0.1413 -0.0041 0.0209  0.0019  62 ASP A O   
490 C CB  . ASP A 61 ? 0.1605 0.1250 0.0997 -0.0126 0.0120  -0.0210 62 ASP A CB  
491 C CG  . ASP A 61 ? 0.1779 0.1183 0.1277 0.0228  0.0187  0.0100  62 ASP A CG  
492 O OD1 . ASP A 61 ? 0.2304 0.1104 0.1176 0.0304  0.0251  0.0122  62 ASP A OD1 
493 O OD2 . ASP A 61 ? 0.1438 0.1612 0.1365 -0.0073 0.0357  0.0205  62 ASP A OD2 
494 N N   . LYS A 62 ? 0.0991 0.1019 0.1339 0.0418  -0.0201 -0.0136 63 LYS A N   
495 C CA  . LYS A 62 ? 0.0961 0.1138 0.1573 0.0522  -0.0109 -0.0252 63 LYS A CA  
496 C C   . LYS A 62 ? 0.1166 0.1045 0.1563 0.0281  -0.0083 0.0012  63 LYS A C   
497 O O   . LYS A 62 ? 0.1117 0.1121 0.1583 -0.0117 -0.0100 -0.0006 63 LYS A O   
498 C CB  . LYS A 62 ? 0.1015 0.1292 0.1779 0.0568  0.0124  -0.0298 63 LYS A CB  
499 C CG  . LYS A 62 ? 0.1516 0.1285 0.2204 0.0773  0.0242  -0.0132 63 LYS A CG  
500 C CD  . LYS A 62 ? 0.2262 0.1448 0.2745 0.0829  0.0657  -0.0102 63 LYS A CD  
501 C CE  . LYS A 62 ? 0.2912 0.1964 0.3342 0.0691  0.1039  0.0088  63 LYS A CE  
502 N NZ  . LYS A 62 ? 0.3718 0.2771 0.3559 0.0183  0.1296  0.0066  63 LYS A NZ  
503 N N   . ILE A 63 ? 0.1138 0.1425 0.1234 -0.0046 0.0054  -0.0046 64 ILE A N   
504 C CA  . ILE A 63 ? 0.1155 0.1615 0.1338 0.0016  0.0046  0.0128  64 ILE A CA  
505 C C   . ILE A 63 ? 0.1026 0.1453 0.1459 0.0192  -0.0150 0.0060  64 ILE A C   
506 O O   . ILE A 63 ? 0.1107 0.1320 0.1535 -0.0012 -0.0181 0.0041  64 ILE A O   
507 C CB  . ILE A 63 ? 0.1235 0.1894 0.1442 -0.0288 0.0036  0.0241  64 ILE A CB  
508 C CG1 . ILE A 63 ? 0.1355 0.2100 0.1564 -0.0637 0.0387  0.0470  64 ILE A CG1 
509 C CG2 . ILE A 63 ? 0.1692 0.2042 0.1413 -0.0438 -0.0014 0.0154  64 ILE A CG2 
510 C CD1 . ILE A 63 ? 0.1850 0.2162 0.1766 -0.0587 0.0359  0.0532  64 ILE A CD1 
511 N N   . ARG A 64 ? 0.1236 0.1009 0.1418 0.0491  0.0138  -0.0147 65 ARG A N   
512 C CA  . ARG A 64 ? 0.1417 0.1055 0.1533 0.0151  0.0252  -0.0244 65 ARG A CA  
513 C C   . ARG A 64 ? 0.1620 0.1013 0.1505 -0.0035 -0.0004 -0.0195 65 ARG A C   
514 O O   . ARG A 64 ? 0.1272 0.1224 0.1460 -0.0467 -0.0304 -0.0112 65 ARG A O   
515 C CB  . ARG A 64 ? 0.1907 0.0838 0.1708 0.0248  0.0426  -0.0404 65 ARG A CB  
516 C CG  . ARG A 64 ? 0.2026 0.0992 0.1894 0.0349  0.0439  -0.0486 65 ARG A CG  
517 C CD  . ARG A 64 ? 0.2259 0.1005 0.1986 0.0230  0.0701  -0.0395 65 ARG A CD  
518 N NE  . ARG A 64 ? 0.2013 0.1262 0.2064 0.0230  0.0772  0.0000  65 ARG A NE  
519 C CZ  . ARG A 64 ? 0.1509 0.1355 0.2121 0.0215  0.0567  -0.0072 65 ARG A CZ  
520 N NH1 . ARG A 64 ? 0.1458 0.1851 0.1800 -0.0002 0.0791  -0.0127 65 ARG A NH1 
521 N NH2 . ARG A 64 ? 0.1494 0.1363 0.2204 0.0150  0.0503  0.0061  65 ARG A NH2 
522 N N   . LYS A 65 ? 0.1873 0.0811 0.1461 0.0231  0.0011  -0.0221 66 LYS A N   
523 C CA  . LYS A 65 ? 0.2009 0.0940 0.1593 0.0239  -0.0241 -0.0100 66 LYS A CA  
524 C C   . LYS A 65 ? 0.1717 0.1145 0.1563 -0.0006 -0.0010 -0.0156 66 LYS A C   
525 O O   . LYS A 65 ? 0.1612 0.1234 0.1592 -0.0236 -0.0207 0.0073  66 LYS A O   
526 C CB  . LYS A 65 ? 0.2094 0.1308 0.1791 0.0400  -0.0637 0.0179  66 LYS A CB  
527 C CG  . LYS A 65 ? 0.2389 0.2067 0.2124 0.0347  -0.0880 0.0538  66 LYS A CG  
528 C CD  . LYS A 65 ? 0.2960 0.2733 0.2866 0.0501  -0.1138 0.0708  66 LYS A CD  
529 C CE  . LYS A 65 ? 0.3857 0.3053 0.3237 0.0433  -0.1311 0.0873  66 LYS A CE  
530 N NZ  . LYS A 65 ? 0.4472 0.3117 0.3335 0.0361  -0.1459 0.1129  66 LYS A NZ  
531 N N   . GLU A 66 ? 0.1543 0.1341 0.1566 -0.0059 0.0255  -0.0011 67 GLU A N   
532 C CA  . GLU A 66 ? 0.1434 0.1750 0.1799 0.0041  0.0258  -0.0143 67 GLU A CA  
533 C C   . GLU A 66 ? 0.1547 0.1700 0.1652 -0.0215 0.0207  0.0054  67 GLU A C   
534 O O   . GLU A 66 ? 0.1701 0.1624 0.1748 -0.0468 0.0427  0.0325  67 GLU A O   
535 C CB  . GLU A 66 ? 0.1466 0.2428 0.2221 0.0235  0.0394  -0.0313 67 GLU A CB  
536 C CG  . GLU A 66 ? 0.2163 0.3094 0.2770 0.0573  0.0471  -0.0271 67 GLU A CG  
537 C CD  . GLU A 66 ? 0.2581 0.3563 0.3347 0.0875  0.0283  0.0009  67 GLU A CD  
538 O OE1 . GLU A 66 ? 0.3115 0.3873 0.3391 0.0783  0.0338  0.0361  67 GLU A OE1 
539 O OE2 . GLU A 66 ? 0.2324 0.3462 0.3695 0.1317  0.0071  -0.0099 67 GLU A OE2 
540 N N   . SER A 67 ? 0.1629 0.1473 0.1454 0.0057  0.0090  0.0134  68 SER A N   
541 C CA  . SER A 67 ? 0.1574 0.1548 0.1458 -0.0040 0.0100  0.0478  68 SER A CA  
542 C C   . SER A 67 ? 0.1313 0.1753 0.1462 -0.0204 -0.0144 0.0296  68 SER A C   
543 O O   . SER A 67 ? 0.1103 0.2389 0.1542 -0.0424 -0.0277 0.0167  68 SER A O   
544 C CB  . SER A 67 ? 0.2308 0.1602 0.1442 -0.0199 0.0233  0.0865  68 SER A CB  
545 O OG  . SER A 67 ? 0.2723 0.2035 0.1702 -0.0147 -0.0057 0.0881  68 SER A OG  
546 N N   . HIS A 68 ? 0.1212 0.0975 0.1444 0.0123  -0.0217 0.0460  69 HIS A N   
547 C CA  . HIS A 68 ? 0.1742 0.0868 0.1204 -0.0154 0.0095  0.0171  69 HIS A CA  
548 C C   . HIS A 68 ? 0.1723 0.1011 0.1269 -0.0125 -0.0019 -0.0014 69 HIS A C   
549 O O   . HIS A 68 ? 0.1685 0.0807 0.1440 -0.0291 -0.0082 0.0030  69 HIS A O   
550 C CB  . HIS A 68 ? 0.1828 0.0851 0.1164 -0.0332 0.0147  -0.0014 69 HIS A CB  
551 C CG  . HIS A 68 ? 0.1783 0.1142 0.1396 -0.0484 0.0216  -0.0012 69 HIS A CG  
552 N ND1 . HIS A 68 ? 0.2114 0.1008 0.1490 -0.0429 0.0291  0.0156  69 HIS A ND1 
553 C CD2 . HIS A 68 ? 0.2039 0.1413 0.1444 -0.0709 0.0368  -0.0089 69 HIS A CD2 
554 C CE1 . HIS A 68 ? 0.2383 0.1403 0.1571 -0.0604 0.0240  0.0070  69 HIS A CE1 
555 N NE2 . HIS A 68 ? 0.2237 0.1287 0.1648 -0.0553 0.0307  -0.0111 69 HIS A NE2 
556 N N   . HIS A 69 ? 0.1415 0.1040 0.1053 0.0010  -0.0145 -0.0016 70 HIS A N   
557 C CA  . HIS A 69 ? 0.1662 0.1122 0.1131 -0.0101 -0.0266 0.0103  70 HIS A CA  
558 C C   . HIS A 69 ? 0.1298 0.1321 0.1458 -0.0348 -0.0362 0.0150  70 HIS A C   
559 O O   . HIS A 69 ? 0.1371 0.1559 0.1705 -0.0439 -0.0207 0.0293  70 HIS A O   
560 C CB  . HIS A 69 ? 0.1687 0.1223 0.1212 -0.0034 -0.0505 0.0307  70 HIS A CB  
561 C CG  . HIS A 69 ? 0.1542 0.1646 0.1368 -0.0201 -0.0839 0.0257  70 HIS A CG  
562 N ND1 . HIS A 69 ? 0.1352 0.2176 0.1610 -0.0054 -0.0833 0.0269  70 HIS A ND1 
563 C CD2 . HIS A 69 ? 0.1646 0.1583 0.1318 -0.0066 -0.0769 0.0081  70 HIS A CD2 
564 C CE1 . HIS A 69 ? 0.1563 0.2099 0.1562 0.0116  -0.0763 0.0148  70 HIS A CE1 
565 N NE2 . HIS A 69 ? 0.1793 0.2044 0.1425 0.0037  -0.0855 0.0089  70 HIS A NE2 
566 N N   . LYS A 70 ? 0.1149 0.1403 0.1500 -0.0281 -0.0452 0.0246  71 LYS A N   
567 C CA  . LYS A 70 ? 0.1550 0.1969 0.1553 -0.0615 -0.0093 0.0305  71 LYS A CA  
568 C C   . LYS A 70 ? 0.2529 0.2138 0.1503 -0.1000 -0.0108 0.0287  71 LYS A C   
569 O O   . LYS A 70 ? 0.2721 0.1992 0.1456 -0.1166 0.0285  0.0173  71 LYS A O   
570 C CB  . LYS A 70 ? 0.0920 0.2350 0.1759 -0.0632 0.0116  0.0188  71 LYS A CB  
571 N N   . GLY A 71 ? 0.3384 0.2172 0.1651 -0.1039 -0.0356 0.0664  72 GLY A N   
572 C CA  . GLY A 71 ? 0.3517 0.2562 0.1862 -0.1182 -0.0520 0.0655  72 GLY A CA  
573 C C   . GLY A 71 ? 0.3310 0.3101 0.2204 -0.1499 -0.0420 0.0665  72 GLY A C   
574 O O   . GLY A 71 ? 0.2503 0.3496 0.2257 -0.1672 -0.0291 0.0641  72 GLY A O   
575 N N   . MET A 72 ? 0.3859 0.3250 0.2115 -0.1619 -0.0614 0.0662  73 MET A N   
576 C CA  . MET A 72 ? 0.4615 0.3307 0.2538 -0.1170 -0.0554 0.0593  73 MET A CA  
577 C C   . MET A 72 ? 0.4014 0.3183 0.2131 -0.1169 -0.0609 0.0674  73 MET A C   
578 O O   . MET A 72 ? 0.3482 0.2931 0.1728 -0.1495 -0.0912 0.0468  73 MET A O   
579 C CB  . MET A 72 ? 0.5753 0.3715 0.3262 -0.0745 -0.0319 0.0876  73 MET A CB  
580 C CG  . MET A 72 ? 0.6641 0.4684 0.4014 -0.0553 -0.0186 0.1029  73 MET A CG  
581 S SD  . MET A 72 ? 0.7303 0.5902 0.4753 -0.0506 -0.0109 0.1156  73 MET A SD  
582 C CE  . MET A 72 ? 0.7485 0.6430 0.4740 -0.0590 0.0113  0.1042  73 MET A CE  
583 N N   . LEU A 73 ? 0.3698 0.3317 0.2167 -0.1075 -0.0364 0.0920  74 LEU A N   
584 C CA  . LEU A 73 ? 0.3105 0.3403 0.2048 -0.0947 -0.0114 0.0985  74 LEU A CA  
585 C C   . LEU A 73 ? 0.2751 0.3347 0.1752 -0.0878 -0.0024 0.0945  74 LEU A C   
586 O O   . LEU A 73 ? 0.2483 0.3133 0.1882 -0.0910 -0.0034 0.1142  74 LEU A O   
587 C CB  . LEU A 73 ? 0.3143 0.3834 0.2359 -0.1069 0.0055  0.1005  74 LEU A CB  
588 C CG  . LEU A 73 ? 0.3434 0.3936 0.2625 -0.1043 0.0402  0.0948  74 LEU A CG  
589 C CD1 . LEU A 73 ? 0.3640 0.3857 0.2638 -0.1061 0.0380  0.0996  74 LEU A CD1 
590 C CD2 . LEU A 73 ? 0.3677 0.4074 0.2892 -0.0777 0.0464  0.0904  74 LEU A CD2 
591 N N   . LEU A 74 ? 0.2567 0.3325 0.1563 -0.0588 -0.0191 0.0693  75 LEU A N   
592 C CA  . LEU A 74 ? 0.2386 0.3361 0.1604 -0.0363 -0.0362 0.0325  75 LEU A CA  
593 C C   . LEU A 74 ? 0.2805 0.3608 0.1946 -0.0029 -0.0461 0.0149  75 LEU A C   
594 O O   . LEU A 74 ? 0.3128 0.3662 0.2090 0.0132  -0.0546 0.0007  75 LEU A O   
595 C CB  . LEU A 74 ? 0.1846 0.3258 0.1573 -0.0315 -0.0539 0.0260  75 LEU A CB  
596 C CG  . LEU A 74 ? 0.2081 0.3053 0.1730 -0.0217 -0.0321 0.0508  75 LEU A CG  
597 C CD1 . LEU A 74 ? 0.2003 0.3359 0.1714 -0.0179 -0.0663 0.0408  75 LEU A CD1 
598 C CD2 . LEU A 74 ? 0.2320 0.2802 0.1881 -0.0038 -0.0354 0.0465  75 LEU A CD2 
599 N N   . GLY A 75 ? 0.3005 0.3706 0.1975 -0.0013 -0.0544 0.0137  76 GLY A N   
600 C CA  . GLY A 75 ? 0.3463 0.4035 0.2119 -0.0148 -0.0546 -0.0059 76 GLY A CA  
601 C C   . GLY A 75 ? 0.4418 0.4837 0.2700 -0.0633 -0.0448 -0.0187 76 GLY A C   
602 O O   . GLY A 75 ? 0.4890 0.4673 0.2879 -0.0554 -0.0508 -0.0435 76 GLY A O   
603 N N   . ARG A 76 ? 0.4464 0.5632 0.3131 -0.1132 -0.0310 0.0036  77 ARG A N   
604 C CA  . ARG A 76 ? 0.4654 0.6103 0.3750 -0.1240 -0.0227 0.0327  77 ARG A CA  
605 C C   . ARG A 76 ? 0.4474 0.6408 0.3864 -0.1474 -0.0366 0.0873  77 ARG A C   
606 O O   . ARG A 76 ? 0.4051 0.6662 0.4129 -0.1568 -0.0332 0.1101  77 ARG A O   
607 C CB  . ARG A 76 ? 0.4375 0.5929 0.4091 -0.1058 -0.0283 0.0131  77 ARG A CB  
608 C CG  . ARG A 76 ? 0.4399 0.5583 0.4413 -0.0664 -0.0351 0.0039  77 ARG A CG  
609 C CD  . ARG A 76 ? 0.4617 0.5364 0.4553 -0.0463 -0.0354 0.0043  77 ARG A CD  
610 N NE  . ARG A 76 ? 0.4552 0.5280 0.4785 -0.0370 -0.0412 0.0188  77 ARG A NE  
611 C CZ  . ARG A 76 ? 0.4326 0.5210 0.4983 -0.0297 -0.0578 0.0466  77 ARG A CZ  
612 N NH1 . ARG A 76 ? 0.3834 0.5408 0.5095 -0.0289 -0.0736 0.0621  77 ARG A NH1 
613 N NH2 . ARG A 76 ? 0.4350 0.4980 0.4924 -0.0231 -0.0593 0.0517  77 ARG A NH2 
# 
